data_5QRT
# 
_entry.id   5QRT 
# 
_audit_conform.dict_name       mmcif_pdbx.dic 
_audit_conform.dict_version    5.387 
_audit_conform.dict_location   http://mmcif.pdb.org/dictionaries/ascii/mmcif_pdbx.dic 
# 
loop_
_database_2.database_id 
_database_2.database_code 
_database_2.pdbx_database_accession 
_database_2.pdbx_DOI 
PDB   5QRT         pdb_00005qrt 10.2210/pdb5qrt/pdb 
WWPDB D_1001402326 ?            ?                   
# 
loop_
_pdbx_audit_revision_history.ordinal 
_pdbx_audit_revision_history.data_content_type 
_pdbx_audit_revision_history.major_revision 
_pdbx_audit_revision_history.minor_revision 
_pdbx_audit_revision_history.revision_date 
1 'Structure model' 1 0 2019-07-10 
2 'Structure model' 1 1 2019-08-07 
3 'Structure model' 1 2 2024-03-06 
# 
_pdbx_audit_revision_details.ordinal             1 
_pdbx_audit_revision_details.revision_ordinal    1 
_pdbx_audit_revision_details.data_content_type   'Structure model' 
_pdbx_audit_revision_details.provider            repository 
_pdbx_audit_revision_details.type                'Initial release' 
_pdbx_audit_revision_details.description         ? 
_pdbx_audit_revision_details.details             ? 
# 
loop_
_pdbx_audit_revision_group.ordinal 
_pdbx_audit_revision_group.revision_ordinal 
_pdbx_audit_revision_group.data_content_type 
_pdbx_audit_revision_group.group 
1 2 'Structure model' 'Author supporting evidence' 
2 2 'Structure model' 'Data collection'            
3 2 'Structure model' 'Structure summary'          
4 3 'Structure model' 'Data collection'            
5 3 'Structure model' 'Database references'        
6 3 'Structure model' 'Derived calculations'       
# 
loop_
_pdbx_audit_revision_category.ordinal 
_pdbx_audit_revision_category.revision_ordinal 
_pdbx_audit_revision_category.data_content_type 
_pdbx_audit_revision_category.category 
1 2 'Structure model' pdbx_entity_instance_feature 
2 2 'Structure model' pdbx_entry_details           
3 3 'Structure model' chem_comp_atom               
4 3 'Structure model' chem_comp_bond               
5 3 'Structure model' database_2                   
6 3 'Structure model' pdbx_struct_conn_angle       
7 3 'Structure model' struct_conn                  
# 
loop_
_pdbx_audit_revision_item.ordinal 
_pdbx_audit_revision_item.revision_ordinal 
_pdbx_audit_revision_item.data_content_type 
_pdbx_audit_revision_item.item 
1  3 'Structure model' '_database_2.pdbx_DOI'                        
2  3 'Structure model' '_database_2.pdbx_database_accession'         
3  3 'Structure model' '_pdbx_struct_conn_angle.ptnr1_auth_comp_id'  
4  3 'Structure model' '_pdbx_struct_conn_angle.ptnr1_auth_seq_id'   
5  3 'Structure model' '_pdbx_struct_conn_angle.ptnr1_label_alt_id'  
6  3 'Structure model' '_pdbx_struct_conn_angle.ptnr1_label_asym_id' 
7  3 'Structure model' '_pdbx_struct_conn_angle.ptnr1_label_atom_id' 
8  3 'Structure model' '_pdbx_struct_conn_angle.ptnr1_label_comp_id' 
9  3 'Structure model' '_pdbx_struct_conn_angle.ptnr1_label_seq_id'  
10 3 'Structure model' '_pdbx_struct_conn_angle.ptnr1_symmetry'      
11 3 'Structure model' '_pdbx_struct_conn_angle.ptnr2_auth_seq_id'   
12 3 'Structure model' '_pdbx_struct_conn_angle.ptnr2_label_asym_id' 
13 3 'Structure model' '_pdbx_struct_conn_angle.ptnr3_auth_comp_id'  
14 3 'Structure model' '_pdbx_struct_conn_angle.ptnr3_auth_seq_id'   
15 3 'Structure model' '_pdbx_struct_conn_angle.ptnr3_label_alt_id'  
16 3 'Structure model' '_pdbx_struct_conn_angle.ptnr3_label_asym_id' 
17 3 'Structure model' '_pdbx_struct_conn_angle.ptnr3_label_atom_id' 
18 3 'Structure model' '_pdbx_struct_conn_angle.ptnr3_label_comp_id' 
19 3 'Structure model' '_pdbx_struct_conn_angle.ptnr3_label_seq_id'  
20 3 'Structure model' '_pdbx_struct_conn_angle.ptnr3_symmetry'      
21 3 'Structure model' '_pdbx_struct_conn_angle.value'               
22 3 'Structure model' '_struct_conn.pdbx_dist_value'                
23 3 'Structure model' '_struct_conn.pdbx_ptnr1_label_alt_id'        
24 3 'Structure model' '_struct_conn.ptnr1_auth_comp_id'             
25 3 'Structure model' '_struct_conn.ptnr1_auth_seq_id'              
26 3 'Structure model' '_struct_conn.ptnr1_label_asym_id'            
27 3 'Structure model' '_struct_conn.ptnr1_label_atom_id'            
28 3 'Structure model' '_struct_conn.ptnr1_label_comp_id'            
29 3 'Structure model' '_struct_conn.ptnr1_label_seq_id'             
30 3 'Structure model' '_struct_conn.ptnr2_auth_comp_id'             
31 3 'Structure model' '_struct_conn.ptnr2_auth_seq_id'              
32 3 'Structure model' '_struct_conn.ptnr2_label_asym_id'            
33 3 'Structure model' '_struct_conn.ptnr2_label_atom_id'            
34 3 'Structure model' '_struct_conn.ptnr2_label_comp_id'            
35 3 'Structure model' '_struct_conn.ptnr2_symmetry'                 
# 
_pdbx_database_status.entry_id                        5QRT 
_pdbx_database_status.status_code                     REL 
_pdbx_database_status.status_code_sf                  REL 
_pdbx_database_status.status_code_mr                  ? 
_pdbx_database_status.status_code_cs                  ? 
_pdbx_database_status.recvd_initial_deposition_date   2019-05-25 
_pdbx_database_status.deposit_site                    RCSB 
_pdbx_database_status.process_site                    RCSB 
_pdbx_database_status.SG_entry                        ? 
_pdbx_database_status.pdb_format_compatible           Y 
_pdbx_database_status.methods_development_category    ? 
_pdbx_database_status.status_code_nmr_data            ? 
# 
loop_
_audit_author.name 
_audit_author.pdbx_ordinal 
'Newman, J.A.'        1  
'Gavard, A.E.'        2  
'Fernandez-Cid, A.'   3  
'Sherestha, L.'       4  
'Burgess-Brown, N.A.' 5  
'von Delft, F.'       6  
'Arrowsmith, C.H.'    7  
'Edwards, A.'         8  
'Bountra, C.'         9  
'Gileadi, O.'         10 
# 
_citation.id                        primary 
_citation.title                     'PanDDA analysis group deposition' 
_citation.journal_abbrev            'To Be Published' 
_citation.journal_volume            ? 
_citation.page_first                ? 
_citation.page_last                 ? 
_citation.year                      ? 
_citation.journal_id_ASTM           ? 
_citation.country                   ? 
_citation.journal_id_ISSN           ? 
_citation.journal_id_CSD            0353 
_citation.book_publisher            ? 
_citation.pdbx_database_id_PubMed   ? 
_citation.pdbx_database_id_DOI      ? 
# 
loop_
_citation_author.citation_id 
_citation_author.name 
_citation_author.identifier_ORCID 
_citation_author.ordinal 
primary 'Newman, J.A.'        ? 1  
primary 'Gavard, A.E.'        ? 2  
primary 'Fernandez-Cid, A.'   ? 3  
primary 'Sherestha, L.'       ? 4  
primary 'Burgess-Brown, N.A.' ? 5  
primary 'von Delft, F.'       ? 6  
primary 'Arrowsmith, C.H.'    ? 7  
primary 'Edwards, A.'         ? 8  
primary 'Bountra, C.'         ? 9  
primary 'Gileadi, O.'         ? 10 
# 
loop_
_entity.id 
_entity.type 
_entity.src_method 
_entity.pdbx_description 
_entity.formula_weight 
_entity.pdbx_number_of_molecules 
_entity.pdbx_ec 
_entity.pdbx_mutation 
_entity.pdbx_fragment 
_entity.details 
1 polymer     man 'T-box transcription factor T'                  19597.586 1  ? ? ? ? 
2 non-polymer syn 'CADMIUM ION'                                   112.411   5  ? ? ? ? 
3 non-polymer syn '~{N}-(3-acetamidophenyl)-2-methoxy-ethanamide' 222.240   1  ? ? ? ? 
4 water       nat water                                           18.015    74 ? ? ? ? 
# 
_entity_name_com.entity_id   1 
_entity_name_com.name        'Brachyury protein,Protein T' 
# 
_entity_poly.entity_id                      1 
_entity_poly.type                           'polypeptide(L)' 
_entity_poly.nstd_linkage                   no 
_entity_poly.nstd_monomer                   no 
_entity_poly.pdbx_seq_one_letter_code       
;GELRVGLEESELWLRFKELTNEMIVTKNGRRMFPVLKVNVSGLDPNAMYSFLLDFVAADNHRWKYVNGEWVPGGKPEPQA
PSCVYIHPDSPNFGAHWMKAPVSFSKVKLTNKLNGGGQIMLNSLHKYEPRIHIVRVGGPQRMITSHCFPETQFIAVTAYQ
NEEITALKIKYN
;
_entity_poly.pdbx_seq_one_letter_code_can   
;GELRVGLEESELWLRFKELTNEMIVTKNGRRMFPVLKVNVSGLDPNAMYSFLLDFVAADNHRWKYVNGEWVPGGKPEPQA
PSCVYIHPDSPNFGAHWMKAPVSFSKVKLTNKLNGGGQIMLNSLHKYEPRIHIVRVGGPQRMITSHCFPETQFIAVTAYQ
NEEITALKIKYN
;
_entity_poly.pdbx_strand_id                 A 
_entity_poly.pdbx_target_identifier         ? 
# 
loop_
_pdbx_entity_nonpoly.entity_id 
_pdbx_entity_nonpoly.name 
_pdbx_entity_nonpoly.comp_id 
2 'CADMIUM ION'                                   CD  
3 '~{N}-(3-acetamidophenyl)-2-methoxy-ethanamide' GWA 
4 water                                           HOH 
# 
loop_
_entity_poly_seq.entity_id 
_entity_poly_seq.num 
_entity_poly_seq.mon_id 
_entity_poly_seq.hetero 
1 1   GLY n 
1 2   GLU n 
1 3   LEU n 
1 4   ARG n 
1 5   VAL n 
1 6   GLY n 
1 7   LEU n 
1 8   GLU n 
1 9   GLU n 
1 10  SER n 
1 11  GLU n 
1 12  LEU n 
1 13  TRP n 
1 14  LEU n 
1 15  ARG n 
1 16  PHE n 
1 17  LYS n 
1 18  GLU n 
1 19  LEU n 
1 20  THR n 
1 21  ASN n 
1 22  GLU n 
1 23  MET n 
1 24  ILE n 
1 25  VAL n 
1 26  THR n 
1 27  LYS n 
1 28  ASN n 
1 29  GLY n 
1 30  ARG n 
1 31  ARG n 
1 32  MET n 
1 33  PHE n 
1 34  PRO n 
1 35  VAL n 
1 36  LEU n 
1 37  LYS n 
1 38  VAL n 
1 39  ASN n 
1 40  VAL n 
1 41  SER n 
1 42  GLY n 
1 43  LEU n 
1 44  ASP n 
1 45  PRO n 
1 46  ASN n 
1 47  ALA n 
1 48  MET n 
1 49  TYR n 
1 50  SER n 
1 51  PHE n 
1 52  LEU n 
1 53  LEU n 
1 54  ASP n 
1 55  PHE n 
1 56  VAL n 
1 57  ALA n 
1 58  ALA n 
1 59  ASP n 
1 60  ASN n 
1 61  HIS n 
1 62  ARG n 
1 63  TRP n 
1 64  LYS n 
1 65  TYR n 
1 66  VAL n 
1 67  ASN n 
1 68  GLY n 
1 69  GLU n 
1 70  TRP n 
1 71  VAL n 
1 72  PRO n 
1 73  GLY n 
1 74  GLY n 
1 75  LYS n 
1 76  PRO n 
1 77  GLU n 
1 78  PRO n 
1 79  GLN n 
1 80  ALA n 
1 81  PRO n 
1 82  SER n 
1 83  CYS n 
1 84  VAL n 
1 85  TYR n 
1 86  ILE n 
1 87  HIS n 
1 88  PRO n 
1 89  ASP n 
1 90  SER n 
1 91  PRO n 
1 92  ASN n 
1 93  PHE n 
1 94  GLY n 
1 95  ALA n 
1 96  HIS n 
1 97  TRP n 
1 98  MET n 
1 99  LYS n 
1 100 ALA n 
1 101 PRO n 
1 102 VAL n 
1 103 SER n 
1 104 PHE n 
1 105 SER n 
1 106 LYS n 
1 107 VAL n 
1 108 LYS n 
1 109 LEU n 
1 110 THR n 
1 111 ASN n 
1 112 LYS n 
1 113 LEU n 
1 114 ASN n 
1 115 GLY n 
1 116 GLY n 
1 117 GLY n 
1 118 GLN n 
1 119 ILE n 
1 120 MET n 
1 121 LEU n 
1 122 ASN n 
1 123 SER n 
1 124 LEU n 
1 125 HIS n 
1 126 LYS n 
1 127 TYR n 
1 128 GLU n 
1 129 PRO n 
1 130 ARG n 
1 131 ILE n 
1 132 HIS n 
1 133 ILE n 
1 134 VAL n 
1 135 ARG n 
1 136 VAL n 
1 137 GLY n 
1 138 GLY n 
1 139 PRO n 
1 140 GLN n 
1 141 ARG n 
1 142 MET n 
1 143 ILE n 
1 144 THR n 
1 145 SER n 
1 146 HIS n 
1 147 CYS n 
1 148 PHE n 
1 149 PRO n 
1 150 GLU n 
1 151 THR n 
1 152 GLN n 
1 153 PHE n 
1 154 ILE n 
1 155 ALA n 
1 156 VAL n 
1 157 THR n 
1 158 ALA n 
1 159 TYR n 
1 160 GLN n 
1 161 ASN n 
1 162 GLU n 
1 163 GLU n 
1 164 ILE n 
1 165 THR n 
1 166 ALA n 
1 167 LEU n 
1 168 LYS n 
1 169 ILE n 
1 170 LYS n 
1 171 TYR n 
1 172 ASN n 
# 
_entity_src_gen.entity_id                          1 
_entity_src_gen.pdbx_src_id                        1 
_entity_src_gen.pdbx_alt_source_flag               sample 
_entity_src_gen.pdbx_seq_type                      'Biological sequence' 
_entity_src_gen.pdbx_beg_seq_num                   1 
_entity_src_gen.pdbx_end_seq_num                   172 
_entity_src_gen.gene_src_common_name               Human 
_entity_src_gen.gene_src_genus                     ? 
_entity_src_gen.pdbx_gene_src_gene                 'TBXT, T' 
_entity_src_gen.gene_src_species                   ? 
_entity_src_gen.gene_src_strain                    ? 
_entity_src_gen.gene_src_tissue                    ? 
_entity_src_gen.gene_src_tissue_fraction           ? 
_entity_src_gen.gene_src_details                   ? 
_entity_src_gen.pdbx_gene_src_fragment             ? 
_entity_src_gen.pdbx_gene_src_scientific_name      'Homo sapiens' 
_entity_src_gen.pdbx_gene_src_ncbi_taxonomy_id     9606 
_entity_src_gen.pdbx_gene_src_variant              ? 
_entity_src_gen.pdbx_gene_src_cell_line            ? 
_entity_src_gen.pdbx_gene_src_atcc                 ? 
_entity_src_gen.pdbx_gene_src_organ                ? 
_entity_src_gen.pdbx_gene_src_organelle            ? 
_entity_src_gen.pdbx_gene_src_cell                 ? 
_entity_src_gen.pdbx_gene_src_cellular_location    ? 
_entity_src_gen.host_org_common_name               ? 
_entity_src_gen.pdbx_host_org_scientific_name      'Escherichia coli' 
_entity_src_gen.pdbx_host_org_ncbi_taxonomy_id     562 
_entity_src_gen.host_org_genus                     ? 
_entity_src_gen.pdbx_host_org_gene                 ? 
_entity_src_gen.pdbx_host_org_organ                ? 
_entity_src_gen.host_org_species                   ? 
_entity_src_gen.pdbx_host_org_tissue               ? 
_entity_src_gen.pdbx_host_org_tissue_fraction      ? 
_entity_src_gen.pdbx_host_org_strain               ? 
_entity_src_gen.pdbx_host_org_variant              ? 
_entity_src_gen.pdbx_host_org_cell_line            ? 
_entity_src_gen.pdbx_host_org_atcc                 ? 
_entity_src_gen.pdbx_host_org_culture_collection   ? 
_entity_src_gen.pdbx_host_org_cell                 ? 
_entity_src_gen.pdbx_host_org_organelle            ? 
_entity_src_gen.pdbx_host_org_cellular_location    ? 
_entity_src_gen.pdbx_host_org_vector_type          ? 
_entity_src_gen.pdbx_host_org_vector               ? 
_entity_src_gen.host_org_details                   ? 
_entity_src_gen.expression_system_id               ? 
_entity_src_gen.plasmid_name                       ? 
_entity_src_gen.plasmid_details                    ? 
_entity_src_gen.pdbx_description                   ? 
# 
loop_
_chem_comp.id 
_chem_comp.type 
_chem_comp.mon_nstd_flag 
_chem_comp.name 
_chem_comp.pdbx_synonyms 
_chem_comp.formula 
_chem_comp.formula_weight 
ALA 'L-peptide linking' y ALANINE                                         ? 'C3 H7 N O2'     89.093  
ARG 'L-peptide linking' y ARGININE                                        ? 'C6 H15 N4 O2 1' 175.209 
ASN 'L-peptide linking' y ASPARAGINE                                      ? 'C4 H8 N2 O3'    132.118 
ASP 'L-peptide linking' y 'ASPARTIC ACID'                                 ? 'C4 H7 N O4'     133.103 
CD  non-polymer         . 'CADMIUM ION'                                   ? 'Cd 2'           112.411 
CYS 'L-peptide linking' y CYSTEINE                                        ? 'C3 H7 N O2 S'   121.158 
GLN 'L-peptide linking' y GLUTAMINE                                       ? 'C5 H10 N2 O3'   146.144 
GLU 'L-peptide linking' y 'GLUTAMIC ACID'                                 ? 'C5 H9 N O4'     147.129 
GLY 'peptide linking'   y GLYCINE                                         ? 'C2 H5 N O2'     75.067  
GWA non-polymer         . '~{N}-(3-acetamidophenyl)-2-methoxy-ethanamide' ? 'C11 H14 N2 O3'  222.240 
HIS 'L-peptide linking' y HISTIDINE                                       ? 'C6 H10 N3 O2 1' 156.162 
HOH non-polymer         . WATER                                           ? 'H2 O'           18.015  
ILE 'L-peptide linking' y ISOLEUCINE                                      ? 'C6 H13 N O2'    131.173 
LEU 'L-peptide linking' y LEUCINE                                         ? 'C6 H13 N O2'    131.173 
LYS 'L-peptide linking' y LYSINE                                          ? 'C6 H15 N2 O2 1' 147.195 
MET 'L-peptide linking' y METHIONINE                                      ? 'C5 H11 N O2 S'  149.211 
PHE 'L-peptide linking' y PHENYLALANINE                                   ? 'C9 H11 N O2'    165.189 
PRO 'L-peptide linking' y PROLINE                                         ? 'C5 H9 N O2'     115.130 
SER 'L-peptide linking' y SERINE                                          ? 'C3 H7 N O3'     105.093 
THR 'L-peptide linking' y THREONINE                                       ? 'C4 H9 N O3'     119.119 
TRP 'L-peptide linking' y TRYPTOPHAN                                      ? 'C11 H12 N2 O2'  204.225 
TYR 'L-peptide linking' y TYROSINE                                        ? 'C9 H11 N O3'    181.189 
VAL 'L-peptide linking' y VALINE                                          ? 'C5 H11 N O2'    117.146 
# 
loop_
_pdbx_poly_seq_scheme.asym_id 
_pdbx_poly_seq_scheme.entity_id 
_pdbx_poly_seq_scheme.seq_id 
_pdbx_poly_seq_scheme.mon_id 
_pdbx_poly_seq_scheme.ndb_seq_num 
_pdbx_poly_seq_scheme.pdb_seq_num 
_pdbx_poly_seq_scheme.auth_seq_num 
_pdbx_poly_seq_scheme.pdb_mon_id 
_pdbx_poly_seq_scheme.auth_mon_id 
_pdbx_poly_seq_scheme.pdb_strand_id 
_pdbx_poly_seq_scheme.pdb_ins_code 
_pdbx_poly_seq_scheme.hetero 
A 1 1   GLY 1   40  ?   ?   ?   A . n 
A 1 2   GLU 2   41  41  GLU GLU A . n 
A 1 3   LEU 3   42  42  LEU LEU A . n 
A 1 4   ARG 4   43  43  ARG ARG A . n 
A 1 5   VAL 5   44  44  VAL VAL A . n 
A 1 6   GLY 6   45  45  GLY GLY A . n 
A 1 7   LEU 7   46  46  LEU LEU A . n 
A 1 8   GLU 8   47  47  GLU GLU A . n 
A 1 9   GLU 9   48  48  GLU GLU A . n 
A 1 10  SER 10  49  49  SER SER A . n 
A 1 11  GLU 11  50  50  GLU GLU A . n 
A 1 12  LEU 12  51  51  LEU LEU A . n 
A 1 13  TRP 13  52  52  TRP TRP A . n 
A 1 14  LEU 14  53  53  LEU LEU A . n 
A 1 15  ARG 15  54  54  ARG ARG A . n 
A 1 16  PHE 16  55  55  PHE PHE A . n 
A 1 17  LYS 17  56  56  LYS LYS A . n 
A 1 18  GLU 18  57  57  GLU GLU A . n 
A 1 19  LEU 19  58  58  LEU LEU A . n 
A 1 20  THR 20  59  59  THR THR A . n 
A 1 21  ASN 21  60  60  ASN ASN A . n 
A 1 22  GLU 22  61  61  GLU GLU A . n 
A 1 23  MET 23  62  62  MET MET A . n 
A 1 24  ILE 24  63  63  ILE ILE A . n 
A 1 25  VAL 25  64  64  VAL VAL A . n 
A 1 26  THR 26  65  65  THR THR A . n 
A 1 27  LYS 27  66  66  LYS LYS A . n 
A 1 28  ASN 28  67  67  ASN ASN A . n 
A 1 29  GLY 29  68  68  GLY GLY A . n 
A 1 30  ARG 30  69  69  ARG ARG A . n 
A 1 31  ARG 31  70  70  ARG ARG A . n 
A 1 32  MET 32  71  71  MET MET A . n 
A 1 33  PHE 33  72  72  PHE PHE A . n 
A 1 34  PRO 34  73  73  PRO PRO A . n 
A 1 35  VAL 35  74  74  VAL VAL A . n 
A 1 36  LEU 36  75  75  LEU LEU A . n 
A 1 37  LYS 37  76  76  LYS LYS A . n 
A 1 38  VAL 38  77  77  VAL VAL A . n 
A 1 39  ASN 39  78  78  ASN ASN A . n 
A 1 40  VAL 40  79  79  VAL VAL A . n 
A 1 41  SER 41  80  80  SER SER A . n 
A 1 42  GLY 42  81  81  GLY GLY A . n 
A 1 43  LEU 43  82  82  LEU LEU A . n 
A 1 44  ASP 44  83  83  ASP ASP A . n 
A 1 45  PRO 45  84  84  PRO PRO A . n 
A 1 46  ASN 46  85  85  ASN ASN A . n 
A 1 47  ALA 47  86  86  ALA ALA A . n 
A 1 48  MET 48  87  87  MET MET A . n 
A 1 49  TYR 49  88  88  TYR TYR A . n 
A 1 50  SER 50  89  89  SER SER A . n 
A 1 51  PHE 51  90  90  PHE PHE A . n 
A 1 52  LEU 52  91  91  LEU LEU A . n 
A 1 53  LEU 53  92  92  LEU LEU A . n 
A 1 54  ASP 54  93  93  ASP ASP A . n 
A 1 55  PHE 55  94  94  PHE PHE A . n 
A 1 56  VAL 56  95  95  VAL VAL A . n 
A 1 57  ALA 57  96  96  ALA ALA A . n 
A 1 58  ALA 58  97  97  ALA ALA A . n 
A 1 59  ASP 59  98  98  ASP ASP A . n 
A 1 60  ASN 60  99  99  ASN ASN A . n 
A 1 61  HIS 61  100 100 HIS HIS A . n 
A 1 62  ARG 62  101 101 ARG ARG A . n 
A 1 63  TRP 63  102 102 TRP TRP A . n 
A 1 64  LYS 64  103 103 LYS LYS A . n 
A 1 65  TYR 65  104 104 TYR TYR A . n 
A 1 66  VAL 66  105 105 VAL VAL A . n 
A 1 67  ASN 67  106 106 ASN ASN A . n 
A 1 68  GLY 68  107 107 GLY GLY A . n 
A 1 69  GLU 69  108 108 GLU GLU A . n 
A 1 70  TRP 70  109 109 TRP TRP A . n 
A 1 71  VAL 71  110 110 VAL VAL A . n 
A 1 72  PRO 72  111 111 PRO PRO A . n 
A 1 73  GLY 73  112 112 GLY GLY A . n 
A 1 74  GLY 74  113 113 GLY GLY A . n 
A 1 75  LYS 75  114 114 LYS LYS A . n 
A 1 76  PRO 76  115 115 PRO PRO A . n 
A 1 77  GLU 77  116 116 GLU GLU A . n 
A 1 78  PRO 78  117 117 PRO PRO A . n 
A 1 79  GLN 79  118 118 GLN GLN A . n 
A 1 80  ALA 80  119 119 ALA ALA A . n 
A 1 81  PRO 81  120 120 PRO PRO A . n 
A 1 82  SER 82  121 121 SER SER A . n 
A 1 83  CYS 83  122 122 CYS CYS A . n 
A 1 84  VAL 84  123 123 VAL VAL A . n 
A 1 85  TYR 85  124 124 TYR TYR A . n 
A 1 86  ILE 86  125 125 ILE ILE A . n 
A 1 87  HIS 87  126 126 HIS HIS A . n 
A 1 88  PRO 88  127 127 PRO PRO A . n 
A 1 89  ASP 89  128 128 ASP ASP A . n 
A 1 90  SER 90  129 129 SER SER A . n 
A 1 91  PRO 91  130 130 PRO PRO A . n 
A 1 92  ASN 92  131 131 ASN ASN A . n 
A 1 93  PHE 93  132 132 PHE PHE A . n 
A 1 94  GLY 94  133 133 GLY GLY A . n 
A 1 95  ALA 95  134 134 ALA ALA A . n 
A 1 96  HIS 96  135 135 HIS HIS A . n 
A 1 97  TRP 97  136 136 TRP TRP A . n 
A 1 98  MET 98  137 137 MET MET A . n 
A 1 99  LYS 99  138 138 LYS LYS A . n 
A 1 100 ALA 100 139 139 ALA ALA A . n 
A 1 101 PRO 101 140 140 PRO PRO A . n 
A 1 102 VAL 102 141 141 VAL VAL A . n 
A 1 103 SER 103 142 142 SER SER A . n 
A 1 104 PHE 104 143 143 PHE PHE A . n 
A 1 105 SER 105 144 144 SER SER A . n 
A 1 106 LYS 106 145 145 LYS LYS A . n 
A 1 107 VAL 107 146 146 VAL VAL A . n 
A 1 108 LYS 108 147 147 LYS LYS A . n 
A 1 109 LEU 109 148 148 LEU LEU A . n 
A 1 110 THR 110 149 149 THR THR A . n 
A 1 111 ASN 111 150 150 ASN ASN A . n 
A 1 112 LYS 112 151 151 LYS LYS A . n 
A 1 113 LEU 113 152 152 LEU LEU A . n 
A 1 114 ASN 114 153 153 ASN ASN A . n 
A 1 115 GLY 115 154 154 GLY GLY A . n 
A 1 116 GLY 116 155 155 GLY GLY A . n 
A 1 117 GLY 117 156 156 GLY GLY A . n 
A 1 118 GLN 118 157 157 GLN GLN A . n 
A 1 119 ILE 119 158 158 ILE ILE A . n 
A 1 120 MET 120 159 159 MET MET A . n 
A 1 121 LEU 121 160 160 LEU LEU A . n 
A 1 122 ASN 122 161 161 ASN ASN A . n 
A 1 123 SER 123 162 162 SER SER A . n 
A 1 124 LEU 124 163 163 LEU LEU A . n 
A 1 125 HIS 125 164 164 HIS HIS A . n 
A 1 126 LYS 126 165 165 LYS LYS A . n 
A 1 127 TYR 127 166 166 TYR TYR A . n 
A 1 128 GLU 128 167 167 GLU GLU A . n 
A 1 129 PRO 129 168 168 PRO PRO A . n 
A 1 130 ARG 130 169 169 ARG ARG A . n 
A 1 131 ILE 131 170 170 ILE ILE A . n 
A 1 132 HIS 132 171 171 HIS HIS A . n 
A 1 133 ILE 133 172 172 ILE ILE A . n 
A 1 134 VAL 134 173 173 VAL VAL A . n 
A 1 135 ARG 135 174 174 ARG ARG A . n 
A 1 136 VAL 136 175 175 VAL VAL A . n 
A 1 137 GLY 137 176 176 GLY GLY A . n 
A 1 138 GLY 138 177 177 GLY GLY A . n 
A 1 139 PRO 139 178 178 PRO PRO A . n 
A 1 140 GLN 140 179 179 GLN GLN A . n 
A 1 141 ARG 141 180 180 ARG ARG A . n 
A 1 142 MET 142 181 181 MET MET A . n 
A 1 143 ILE 143 182 182 ILE ILE A . n 
A 1 144 THR 144 183 183 THR THR A . n 
A 1 145 SER 145 184 184 SER SER A . n 
A 1 146 HIS 146 185 185 HIS HIS A . n 
A 1 147 CYS 147 186 186 CYS CYS A . n 
A 1 148 PHE 148 187 187 PHE PHE A . n 
A 1 149 PRO 149 188 188 PRO PRO A . n 
A 1 150 GLU 150 189 189 GLU GLU A . n 
A 1 151 THR 151 190 190 THR THR A . n 
A 1 152 GLN 152 191 191 GLN GLN A . n 
A 1 153 PHE 153 192 192 PHE PHE A . n 
A 1 154 ILE 154 193 193 ILE ILE A . n 
A 1 155 ALA 155 194 194 ALA ALA A . n 
A 1 156 VAL 156 195 195 VAL VAL A . n 
A 1 157 THR 157 196 196 THR THR A . n 
A 1 158 ALA 158 197 197 ALA ALA A . n 
A 1 159 TYR 159 198 198 TYR TYR A . n 
A 1 160 GLN 160 199 199 GLN GLN A . n 
A 1 161 ASN 161 200 200 ASN ASN A . n 
A 1 162 GLU 162 201 201 GLU GLU A . n 
A 1 163 GLU 163 202 202 GLU GLU A . n 
A 1 164 ILE 164 203 203 ILE ILE A . n 
A 1 165 THR 165 204 204 THR THR A . n 
A 1 166 ALA 166 205 205 ALA ALA A . n 
A 1 167 LEU 167 206 206 LEU LEU A . n 
A 1 168 LYS 168 207 207 LYS LYS A . n 
A 1 169 ILE 169 208 208 ILE ILE A . n 
A 1 170 LYS 170 209 209 LYS LYS A . n 
A 1 171 TYR 171 210 210 TYR TYR A . n 
A 1 172 ASN 172 211 211 ASN ASN A . n 
# 
loop_
_pdbx_nonpoly_scheme.asym_id 
_pdbx_nonpoly_scheme.entity_id 
_pdbx_nonpoly_scheme.mon_id 
_pdbx_nonpoly_scheme.ndb_seq_num 
_pdbx_nonpoly_scheme.pdb_seq_num 
_pdbx_nonpoly_scheme.auth_seq_num 
_pdbx_nonpoly_scheme.pdb_mon_id 
_pdbx_nonpoly_scheme.auth_mon_id 
_pdbx_nonpoly_scheme.pdb_strand_id 
_pdbx_nonpoly_scheme.pdb_ins_code 
B 2 CD  1  301 1  CD  CD  A . 
C 2 CD  1  302 2  CD  CD  A . 
D 2 CD  1  303 3  CD  CD  A . 
E 2 CD  1  304 4  CD  CD  A . 
F 2 CD  1  305 5  CD  CD  A . 
G 3 GWA 1  306 1  GWA LIG A . 
H 4 HOH 1  401 53 HOH HOH A . 
H 4 HOH 2  402 48 HOH HOH A . 
H 4 HOH 3  403 21 HOH HOH A . 
H 4 HOH 4  404 68 HOH HOH A . 
H 4 HOH 5  405 79 HOH HOH A . 
H 4 HOH 6  406 45 HOH HOH A . 
H 4 HOH 7  407 24 HOH HOH A . 
H 4 HOH 8  408 61 HOH HOH A . 
H 4 HOH 9  409 71 HOH HOH A . 
H 4 HOH 10 410 58 HOH HOH A . 
H 4 HOH 11 411 42 HOH HOH A . 
H 4 HOH 12 412 54 HOH HOH A . 
H 4 HOH 13 413 10 HOH HOH A . 
H 4 HOH 14 414 44 HOH HOH A . 
H 4 HOH 15 415 50 HOH HOH A . 
H 4 HOH 16 416 41 HOH HOH A . 
H 4 HOH 17 417 16 HOH HOH A . 
H 4 HOH 18 418 4  HOH HOH A . 
H 4 HOH 19 419 52 HOH HOH A . 
H 4 HOH 20 420 70 HOH HOH A . 
H 4 HOH 21 421 56 HOH HOH A . 
H 4 HOH 22 422 51 HOH HOH A . 
H 4 HOH 23 423 14 HOH HOH A . 
H 4 HOH 24 424 47 HOH HOH A . 
H 4 HOH 25 425 76 HOH HOH A . 
H 4 HOH 26 426 31 HOH HOH A . 
H 4 HOH 27 427 52 HOH HOH A . 
H 4 HOH 28 428 55 HOH HOH A . 
H 4 HOH 29 429 45 HOH HOH A . 
H 4 HOH 30 430 1  HOH HOH A . 
H 4 HOH 31 431 33 HOH HOH A . 
H 4 HOH 32 432 69 HOH HOH A . 
H 4 HOH 33 433 67 HOH HOH A . 
H 4 HOH 34 434 60 HOH HOH A . 
H 4 HOH 35 435 75 HOH HOH A . 
H 4 HOH 36 436 6  HOH HOH A . 
H 4 HOH 37 437 17 HOH HOH A . 
H 4 HOH 38 438 8  HOH HOH A . 
H 4 HOH 39 439 49 HOH HOH A . 
H 4 HOH 40 440 63 HOH HOH A . 
H 4 HOH 41 441 8  HOH HOH A . 
H 4 HOH 42 442 7  HOH HOH A . 
H 4 HOH 43 443 18 HOH HOH A . 
H 4 HOH 44 444 14 HOH HOH A . 
H 4 HOH 45 445 66 HOH HOH A . 
H 4 HOH 46 446 30 HOH HOH A . 
H 4 HOH 47 447 28 HOH HOH A . 
H 4 HOH 48 448 32 HOH HOH A . 
H 4 HOH 49 449 73 HOH HOH A . 
H 4 HOH 50 450 57 HOH HOH A . 
H 4 HOH 51 451 2  HOH HOH A . 
H 4 HOH 52 452 11 HOH HOH A . 
H 4 HOH 53 453 12 HOH HOH A . 
H 4 HOH 54 454 46 HOH HOH A . 
H 4 HOH 55 455 64 HOH HOH A . 
H 4 HOH 56 456 77 HOH HOH A . 
H 4 HOH 57 457 4  HOH HOH A . 
H 4 HOH 58 458 65 HOH HOH A . 
H 4 HOH 59 459 6  HOH HOH A . 
H 4 HOH 60 460 23 HOH HOH A . 
H 4 HOH 61 461 1  HOH HOH A . 
H 4 HOH 62 462 13 HOH HOH A . 
H 4 HOH 63 463 3  HOH HOH A . 
H 4 HOH 64 464 15 HOH HOH A . 
H 4 HOH 65 465 3  HOH HOH A . 
H 4 HOH 66 466 72 HOH HOH A . 
H 4 HOH 67 467 5  HOH HOH A . 
H 4 HOH 68 468 10 HOH HOH A . 
H 4 HOH 69 469 62 HOH HOH A . 
H 4 HOH 70 470 78 HOH HOH A . 
H 4 HOH 71 471 43 HOH HOH A . 
H 4 HOH 72 472 16 HOH HOH A . 
H 4 HOH 73 473 18 HOH HOH A . 
H 4 HOH 74 474 17 HOH HOH A . 
# 
loop_
_pdbx_unobs_or_zero_occ_atoms.id 
_pdbx_unobs_or_zero_occ_atoms.PDB_model_num 
_pdbx_unobs_or_zero_occ_atoms.polymer_flag 
_pdbx_unobs_or_zero_occ_atoms.occupancy_flag 
_pdbx_unobs_or_zero_occ_atoms.auth_asym_id 
_pdbx_unobs_or_zero_occ_atoms.auth_comp_id 
_pdbx_unobs_or_zero_occ_atoms.auth_seq_id 
_pdbx_unobs_or_zero_occ_atoms.PDB_ins_code 
_pdbx_unobs_or_zero_occ_atoms.auth_atom_id 
_pdbx_unobs_or_zero_occ_atoms.label_alt_id 
_pdbx_unobs_or_zero_occ_atoms.label_asym_id 
_pdbx_unobs_or_zero_occ_atoms.label_comp_id 
_pdbx_unobs_or_zero_occ_atoms.label_seq_id 
_pdbx_unobs_or_zero_occ_atoms.label_atom_id 
1 1 Y 1 A ARG 43 ? CG  ? A ARG 4 CG  
2 1 Y 1 A ARG 43 ? CD  ? A ARG 4 CD  
3 1 Y 1 A ARG 43 ? NE  ? A ARG 4 NE  
4 1 Y 1 A ARG 43 ? CZ  ? A ARG 4 CZ  
5 1 Y 1 A ARG 43 ? NH1 ? A ARG 4 NH1 
6 1 Y 1 A ARG 43 ? NH2 ? A ARG 4 NH2 
# 
loop_
_software.pdbx_ordinal 
_software.name 
_software.version 
_software.date 
_software.type 
_software.contact_author 
_software.contact_author_email 
_software.classification 
_software.location 
_software.language 
_software.citation_id 
1 REFMAC      5.8.0238 ?               program 'Garib N. Murshudov' garib@ysbl.york.ac.uk    refinement        
http://www.ccp4.ac.uk/dist/html/refmac5.html        Fortran_77 ? 
2 Aimless     0.7.1    27/03/18        program 'Phil Evans'         ?                        'data scaling'    
http://www.mrc-lmb.cam.ac.uk/harry/pre/aimless.html ?          ? 
3 PDB_EXTRACT 3.23     'SEP. 23, 2016' package PDB                  deposit@deposit.rcsb.org 'data extraction' 
http://sw-tools.pdb.org/apps/PDB_EXTRACT/           C++        ? 
4 XDS         .        ?               program ?                    ?                        'data reduction'  ? ?          ? 
5 REFMAC      .        ?               program ?                    ?                        phasing           ? ?          ? 
# 
_cell.entry_id           5QRT 
_cell.length_a           59.950 
_cell.length_b           59.950 
_cell.length_c           110.320 
_cell.angle_alpha        90.000 
_cell.angle_beta         90.000 
_cell.angle_gamma        90.000 
_cell.Z_PDB              8 
_cell.pdbx_unique_axis   ? 
# 
_symmetry.entry_id                         5QRT 
_symmetry.Int_Tables_number                91 
_symmetry.space_group_name_H-M             'P 41 2 2' 
_symmetry.pdbx_full_space_group_name_H-M   ? 
_symmetry.cell_setting                     ? 
# 
_exptl.crystals_number   1 
_exptl.entry_id          5QRT 
_exptl.method            'X-RAY DIFFRACTION' 
# 
_exptl_crystal.id                    1 
_exptl_crystal.pdbx_mosaicity        0.000 
_exptl_crystal.pdbx_mosaicity_esd    ? 
_exptl_crystal.density_Matthews      2.53 
_exptl_crystal.density_diffrn        ? 
_exptl_crystal.density_meas          ? 
_exptl_crystal.density_meas_temp     ? 
_exptl_crystal.density_percent_sol   51.36 
_exptl_crystal.size_max              ? 
_exptl_crystal.size_mid              ? 
_exptl_crystal.size_min              ? 
_exptl_crystal.size_rad              ? 
_exptl_crystal.description           ? 
# 
_exptl_crystal_grow.crystal_id      1 
_exptl_crystal_grow.method          'VAPOR DIFFUSION, SITTING DROP' 
_exptl_crystal_grow.pH              4.5 
_exptl_crystal_grow.temp            298 
_exptl_crystal_grow.pdbx_details    '0.1 M CdCl, 0.1 M Acetate pH 4.5, 32% PEG 400' 
_exptl_crystal_grow.temp_details    ? 
_exptl_crystal_grow.pdbx_pH_range   ? 
# 
_diffrn.id                     1 
_diffrn.ambient_temp           100 
_diffrn.crystal_id             1 
_diffrn.ambient_temp_details   ? 
# 
_diffrn_detector.detector               PIXEL 
_diffrn_detector.type                   'DECTRIS PILATUS 6M' 
_diffrn_detector.pdbx_collection_date   2018-07-22 
_diffrn_detector.diffrn_id              1 
_diffrn_detector.details                ? 
# 
_diffrn_radiation.diffrn_id                        1 
_diffrn_radiation.wavelength_id                    1 
_diffrn_radiation.pdbx_diffrn_protocol             'SINGLE WAVELENGTH' 
_diffrn_radiation.pdbx_monochromatic_or_laue_m_l   M 
_diffrn_radiation.monochromator                    ? 
_diffrn_radiation.pdbx_scattering_type             x-ray 
# 
_diffrn_radiation_wavelength.id           1 
_diffrn_radiation_wavelength.wavelength   0.91587 
_diffrn_radiation_wavelength.wt           1.0 
# 
_diffrn_source.diffrn_id                   1 
_diffrn_source.source                      SYNCHROTRON 
_diffrn_source.type                        'DIAMOND BEAMLINE I04-1' 
_diffrn_source.pdbx_wavelength_list        0.91587 
_diffrn_source.pdbx_synchrotron_site       Diamond 
_diffrn_source.pdbx_synchrotron_beamline   I04-1 
_diffrn_source.pdbx_wavelength             ? 
# 
_reflns.entry_id                     5QRT 
_reflns.pdbx_diffrn_id               1 
_reflns.pdbx_ordinal                 1 
_reflns.observed_criterion_sigma_I   ? 
_reflns.observed_criterion_sigma_F   ? 
_reflns.d_resolution_low             52.670 
_reflns.d_resolution_high            1.770 
_reflns.number_obs                   20302 
_reflns.number_all                   ? 
_reflns.percent_possible_obs         99.700 
_reflns.pdbx_Rmerge_I_obs            0.077 
_reflns.pdbx_Rsym_value              ? 
_reflns.pdbx_netI_over_sigmaI        16.700 
_reflns.B_iso_Wilson_estimate        ? 
_reflns.pdbx_redundancy              12.600 
_reflns.pdbx_Rrim_I_all              0.081 
_reflns.pdbx_Rpim_I_all              0.023 
_reflns.pdbx_CC_half                 0.999 
_reflns.pdbx_netI_over_av_sigmaI     ? 
_reflns.pdbx_number_measured_all     256311 
_reflns.pdbx_scaling_rejects         0 
_reflns.pdbx_chi_squared             ? 
_reflns.Rmerge_F_all                 ? 
_reflns.Rmerge_F_obs                 ? 
_reflns.observed_criterion_F_max     ? 
_reflns.observed_criterion_F_min     ? 
_reflns.observed_criterion_I_max     ? 
_reflns.observed_criterion_I_min     ? 
_reflns.pdbx_d_res_high_opt          ? 
_reflns.pdbx_d_res_low_opt           ? 
_reflns.details                      ? 
# 
loop_
_reflns_shell.pdbx_diffrn_id 
_reflns_shell.pdbx_ordinal 
_reflns_shell.d_res_high 
_reflns_shell.d_res_low 
_reflns_shell.number_measured_obs 
_reflns_shell.number_measured_all 
_reflns_shell.number_unique_obs 
_reflns_shell.pdbx_rejects 
_reflns_shell.Rmerge_I_obs 
_reflns_shell.meanI_over_sigI_obs 
_reflns_shell.pdbx_Rsym_value 
_reflns_shell.pdbx_chi_squared 
_reflns_shell.pdbx_redundancy 
_reflns_shell.percent_possible_obs 
_reflns_shell.pdbx_netI_over_sigmaI_obs 
_reflns_shell.number_possible 
_reflns_shell.number_unique_all 
_reflns_shell.Rmerge_F_all 
_reflns_shell.Rmerge_F_obs 
_reflns_shell.Rmerge_I_all 
_reflns_shell.meanI_over_sigI_all 
_reflns_shell.percent_possible_all 
_reflns_shell.pdbx_Rrim_I_all 
_reflns_shell.pdbx_Rpim_I_all 
_reflns_shell.pdbx_CC_half 
1 1 1.770 1.820  ? 19322 ? ? 3.217 ? ? ? 13.300 ? 1.100  ? 1456 ? ? ? ? 99.700 3.345 0.906 0.580 
1 2 7.920 52.670 ? 2988  ? ? 0.034 ? ? ? 10.200 ? 52.100 ? 293  ? ? ? ? 99.700 0.036 0.011 0.999 
# 
_refine.entry_id                                 5QRT 
_refine.pdbx_refine_id                           'X-RAY DIFFRACTION' 
_refine.ls_d_res_high                            1.7700 
_refine.ls_d_res_low                             52.7300 
_refine.pdbx_ls_sigma_F                          0.000 
_refine.pdbx_data_cutoff_high_absF               ? 
_refine.pdbx_data_cutoff_low_absF                ? 
_refine.ls_percent_reflns_obs                    99.6200 
_refine.ls_number_reflns_obs                     19288 
_refine.ls_number_reflns_all                     ? 
_refine.pdbx_ls_cross_valid_method               THROUGHOUT 
_refine.ls_matrix_type                           ? 
_refine.pdbx_R_Free_selection_details            RANDOM 
_refine.details                                  
'HYDROGENS HAVE BEEN ADDED IN THE RIDING POSITIONS U VALUES      : REFINED INDIVIDUALLY' 
_refine.ls_R_factor_all                          ? 
_refine.ls_R_factor_obs                          0.2221 
_refine.ls_R_factor_R_work                       0.2201 
_refine.ls_wR_factor_R_work                      ? 
_refine.ls_R_factor_R_free                       0.2649 
_refine.ls_wR_factor_R_free                      ? 
_refine.ls_percent_reflns_R_free                 4.8000 
_refine.ls_number_reflns_R_free                  975 
_refine.ls_number_reflns_R_work                  ? 
_refine.ls_R_factor_R_free_error                 ? 
_refine.B_iso_mean                               44.0430 
_refine.solvent_model_param_bsol                 ? 
_refine.solvent_model_param_ksol                 ? 
_refine.pdbx_isotropic_thermal_model             ? 
_refine.aniso_B[1][1]                            1.6100 
_refine.aniso_B[2][2]                            1.6100 
_refine.aniso_B[3][3]                            -3.2300 
_refine.aniso_B[1][2]                            0.0000 
_refine.aniso_B[1][3]                            -0.0000 
_refine.aniso_B[2][3]                            -0.0000 
_refine.correlation_coeff_Fo_to_Fc               0.9610 
_refine.correlation_coeff_Fo_to_Fc_free          0.9320 
_refine.overall_SU_R_Cruickshank_DPI             ? 
_refine.pdbx_overall_SU_R_free_Cruickshank_DPI   ? 
_refine.pdbx_overall_SU_R_Blow_DPI               ? 
_refine.pdbx_overall_SU_R_free_Blow_DPI          ? 
_refine.overall_SU_R_free                        ? 
_refine.pdbx_overall_ESU_R                       0.1410 
_refine.pdbx_overall_ESU_R_Free                  0.1380 
_refine.overall_SU_ML                            0.1350 
_refine.overall_SU_B                             4.7370 
_refine.solvent_model_details                    MASK 
_refine.pdbx_solvent_vdw_probe_radii             1.2000 
_refine.pdbx_solvent_ion_probe_radii             0.8000 
_refine.pdbx_solvent_shrinkage_radii             0.8000 
_refine.ls_number_parameters                     ? 
_refine.ls_number_restraints                     ? 
_refine.pdbx_starting_model                      6f58 
_refine.pdbx_method_to_determine_struct          'FOURIER SYNTHESIS' 
_refine.pdbx_stereochemistry_target_values       'MAXIMUM LIKELIHOOD' 
_refine.pdbx_stereochem_target_val_spec_case     ? 
_refine.overall_FOM_work_R_set                   ? 
_refine.B_iso_max                                124.060 
_refine.B_iso_min                                22.500 
_refine.pdbx_overall_phase_error                 ? 
_refine.occupancy_max                            ? 
_refine.occupancy_min                            ? 
_refine.pdbx_diffrn_id                           1 
_refine.pdbx_TLS_residual_ADP_flag               ? 
_refine.pdbx_ls_sigma_I                          ? 
_refine.pdbx_data_cutoff_high_rms_absF           ? 
_refine.ls_R_factor_R_free_error_details         ? 
# 
_refine_hist.cycle_id                         final 
_refine_hist.pdbx_refine_id                   'X-RAY DIFFRACTION' 
_refine_hist.d_res_high                       1.7700 
_refine_hist.d_res_low                        52.7300 
_refine_hist.pdbx_number_atoms_ligand         20 
_refine_hist.number_atoms_solvent             74 
_refine_hist.number_atoms_total               1463 
_refine_hist.pdbx_number_residues_total       172 
_refine_hist.pdbx_B_iso_mean_ligand           53.24 
_refine_hist.pdbx_B_iso_mean_solvent          45.64 
_refine_hist.pdbx_number_atoms_protein        1369 
_refine_hist.pdbx_number_atoms_nucleic_acid   0 
# 
loop_
_refine_ls_restr.pdbx_refine_id 
_refine_ls_restr.type 
_refine_ls_restr.number 
_refine_ls_restr.dev_ideal 
_refine_ls_restr.dev_ideal_target 
_refine_ls_restr.weight 
_refine_ls_restr.pdbx_restraint_function 
'X-RAY DIFFRACTION' r_bond_refined_d       1697 0.009  0.013  ? ? 
'X-RAY DIFFRACTION' r_bond_other_d         1440 0.002  0.017  ? ? 
'X-RAY DIFFRACTION' r_angle_refined_deg    2172 1.543  1.644  ? ? 
'X-RAY DIFFRACTION' r_angle_other_deg      3355 1.311  1.570  ? ? 
'X-RAY DIFFRACTION' r_dihedral_angle_1_deg 195  7.724  5.000  ? ? 
'X-RAY DIFFRACTION' r_dihedral_angle_2_deg 77   28.847 22.857 ? ? 
'X-RAY DIFFRACTION' r_dihedral_angle_3_deg 256  17.413 15.000 ? ? 
'X-RAY DIFFRACTION' r_dihedral_angle_4_deg 7    9.322  15.000 ? ? 
'X-RAY DIFFRACTION' r_chiral_restr         197  0.076  0.200  ? ? 
'X-RAY DIFFRACTION' r_gen_planes_refined   1811 0.008  0.020  ? ? 
'X-RAY DIFFRACTION' r_gen_planes_other     330  0.001  0.020  ? ? 
'X-RAY DIFFRACTION' r_mcbond_it            813  3.830  4.430  ? ? 
'X-RAY DIFFRACTION' r_mcbond_other         812  3.809  4.425  ? ? 
'X-RAY DIFFRACTION' r_mcangle_it           965  5.691  6.701  ? ? 
# 
_refine_ls_shell.d_res_high                       1.7700 
_refine_ls_shell.d_res_low                        1.8160 
_refine_ls_shell.pdbx_total_number_of_bins_used   20 
_refine_ls_shell.percent_reflns_obs               99.6600 
_refine_ls_shell.number_reflns_R_work             1369 
_refine_ls_shell.R_factor_all                     ? 
_refine_ls_shell.R_factor_R_work                  0.3880 
_refine_ls_shell.R_factor_R_free                  0.3860 
_refine_ls_shell.percent_reflns_R_free            ? 
_refine_ls_shell.number_reflns_R_free             87 
_refine_ls_shell.R_factor_R_free_error            ? 
_refine_ls_shell.number_reflns_all                1456 
_refine_ls_shell.number_reflns_obs                ? 
_refine_ls_shell.pdbx_refine_id                   'X-RAY DIFFRACTION' 
# 
_struct.entry_id                  5QRT 
_struct.title                     
'PanDDA analysis group deposition -- Crystal Structure of human Brachyury in complex with Z31735562' 
_struct.pdbx_model_details        ? 
_struct.pdbx_CASP_flag            ? 
_struct.pdbx_model_type_details   ? 
# 
_struct_keywords.entry_id        5QRT 
_struct_keywords.text            'SGC - Diamond I04-1 fragment screening, PanDDA, XChemExplorer, TRANSCRIPTION' 
_struct_keywords.pdbx_keywords   TRANSCRIPTION 
# 
loop_
_struct_asym.id 
_struct_asym.pdbx_blank_PDB_chainid_flag 
_struct_asym.pdbx_modified 
_struct_asym.entity_id 
_struct_asym.details 
A N N 1 ? 
B N N 2 ? 
C N N 2 ? 
D N N 2 ? 
E N N 2 ? 
F N N 2 ? 
G N N 3 ? 
H N N 4 ? 
# 
_struct_ref.id                         1 
_struct_ref.db_name                    UNP 
_struct_ref.db_code                    TBXT_HUMAN 
_struct_ref.pdbx_db_accession          O15178 
_struct_ref.pdbx_db_isoform            ? 
_struct_ref.entity_id                  1 
_struct_ref.pdbx_seq_one_letter_code   
;ELRVGLEESELWLRFKELTNEMIVTKNGRRMFPVLKVNVSGLDPNAMYSFLLDFVAADNHRWKYVNGEWVPGGKPEPQAP
SCVYIHPDSPNFGAHWMKAPVSFSKVKLTNKLNGGGQIMLNSLHKYEPRIHIVRVGGPQRMITSHCFPETQFIAVTAYQN
EEITALKIKYN
;
_struct_ref.pdbx_align_begin           41 
# 
_struct_ref_seq.align_id                      1 
_struct_ref_seq.ref_id                        1 
_struct_ref_seq.pdbx_PDB_id_code              5QRT 
_struct_ref_seq.pdbx_strand_id                A 
_struct_ref_seq.seq_align_beg                 2 
_struct_ref_seq.pdbx_seq_align_beg_ins_code   ? 
_struct_ref_seq.seq_align_end                 172 
_struct_ref_seq.pdbx_seq_align_end_ins_code   ? 
_struct_ref_seq.pdbx_db_accession             O15178 
_struct_ref_seq.db_align_beg                  41 
_struct_ref_seq.pdbx_db_align_beg_ins_code    ? 
_struct_ref_seq.db_align_end                  211 
_struct_ref_seq.pdbx_db_align_end_ins_code    ? 
_struct_ref_seq.pdbx_auth_seq_align_beg       41 
_struct_ref_seq.pdbx_auth_seq_align_end       211 
# 
_struct_ref_seq_dif.align_id                     1 
_struct_ref_seq_dif.pdbx_pdb_id_code             5QRT 
_struct_ref_seq_dif.mon_id                       GLY 
_struct_ref_seq_dif.pdbx_pdb_strand_id           A 
_struct_ref_seq_dif.seq_num                      1 
_struct_ref_seq_dif.pdbx_pdb_ins_code            ? 
_struct_ref_seq_dif.pdbx_seq_db_name             UNP 
_struct_ref_seq_dif.pdbx_seq_db_accession_code   O15178 
_struct_ref_seq_dif.db_mon_id                    ? 
_struct_ref_seq_dif.pdbx_seq_db_seq_num          ? 
_struct_ref_seq_dif.details                      'expression tag' 
_struct_ref_seq_dif.pdbx_auth_seq_num            40 
_struct_ref_seq_dif.pdbx_ordinal                 1 
# 
_pdbx_struct_assembly.id                   1 
_pdbx_struct_assembly.details              author_defined_assembly 
_pdbx_struct_assembly.method_details       ? 
_pdbx_struct_assembly.oligomeric_details   monomeric 
_pdbx_struct_assembly.oligomeric_count     1 
# 
_pdbx_struct_assembly_gen.assembly_id       1 
_pdbx_struct_assembly_gen.oper_expression   1 
_pdbx_struct_assembly_gen.asym_id_list      A,B,C,D,E,F,G,H 
# 
_pdbx_struct_oper_list.id                   1 
_pdbx_struct_oper_list.type                 'identity operation' 
_pdbx_struct_oper_list.name                 1_555 
_pdbx_struct_oper_list.symmetry_operation   x,y,z 
_pdbx_struct_oper_list.matrix[1][1]         1.0000000000 
_pdbx_struct_oper_list.matrix[1][2]         0.0000000000 
_pdbx_struct_oper_list.matrix[1][3]         0.0000000000 
_pdbx_struct_oper_list.vector[1]            0.0000000000 
_pdbx_struct_oper_list.matrix[2][1]         0.0000000000 
_pdbx_struct_oper_list.matrix[2][2]         1.0000000000 
_pdbx_struct_oper_list.matrix[2][3]         0.0000000000 
_pdbx_struct_oper_list.vector[2]            0.0000000000 
_pdbx_struct_oper_list.matrix[3][1]         0.0000000000 
_pdbx_struct_oper_list.matrix[3][2]         0.0000000000 
_pdbx_struct_oper_list.matrix[3][3]         1.0000000000 
_pdbx_struct_oper_list.vector[3]            0.0000000000 
# 
loop_
_struct_conf.conf_type_id 
_struct_conf.id 
_struct_conf.pdbx_PDB_helix_id 
_struct_conf.beg_label_comp_id 
_struct_conf.beg_label_asym_id 
_struct_conf.beg_label_seq_id 
_struct_conf.pdbx_beg_PDB_ins_code 
_struct_conf.end_label_comp_id 
_struct_conf.end_label_asym_id 
_struct_conf.end_label_seq_id 
_struct_conf.pdbx_end_PDB_ins_code 
_struct_conf.beg_auth_comp_id 
_struct_conf.beg_auth_asym_id 
_struct_conf.beg_auth_seq_id 
_struct_conf.end_auth_comp_id 
_struct_conf.end_auth_asym_id 
_struct_conf.end_auth_seq_id 
_struct_conf.pdbx_PDB_helix_class 
_struct_conf.details 
_struct_conf.pdbx_PDB_helix_length 
HELX_P HELX_P1 AA1 GLU A 9   ? LEU A 19  ? GLU A 48  LEU A 58  1 ? 11 
HELX_P HELX_P2 AA2 GLY A 94  ? LYS A 99  ? GLY A 133 LYS A 138 1 ? 6  
HELX_P HELX_P3 AA3 PRO A 149 ? GLN A 152 ? PRO A 188 GLN A 191 5 ? 4  
HELX_P HELX_P4 AA4 ASN A 161 ? ASN A 172 ? ASN A 200 ASN A 211 1 ? 12 
# 
_struct_conf_type.id          HELX_P 
_struct_conf_type.criteria    ? 
_struct_conf_type.reference   ? 
# 
loop_
_struct_conn.id 
_struct_conn.conn_type_id 
_struct_conn.pdbx_leaving_atom_flag 
_struct_conn.pdbx_PDB_id 
_struct_conn.ptnr1_label_asym_id 
_struct_conn.ptnr1_label_comp_id 
_struct_conn.ptnr1_label_seq_id 
_struct_conn.ptnr1_label_atom_id 
_struct_conn.pdbx_ptnr1_label_alt_id 
_struct_conn.pdbx_ptnr1_PDB_ins_code 
_struct_conn.pdbx_ptnr1_standard_comp_id 
_struct_conn.ptnr1_symmetry 
_struct_conn.ptnr2_label_asym_id 
_struct_conn.ptnr2_label_comp_id 
_struct_conn.ptnr2_label_seq_id 
_struct_conn.ptnr2_label_atom_id 
_struct_conn.pdbx_ptnr2_label_alt_id 
_struct_conn.pdbx_ptnr2_PDB_ins_code 
_struct_conn.ptnr1_auth_asym_id 
_struct_conn.ptnr1_auth_comp_id 
_struct_conn.ptnr1_auth_seq_id 
_struct_conn.ptnr2_auth_asym_id 
_struct_conn.ptnr2_auth_comp_id 
_struct_conn.ptnr2_auth_seq_id 
_struct_conn.ptnr2_symmetry 
_struct_conn.pdbx_ptnr3_label_atom_id 
_struct_conn.pdbx_ptnr3_label_seq_id 
_struct_conn.pdbx_ptnr3_label_comp_id 
_struct_conn.pdbx_ptnr3_label_asym_id 
_struct_conn.pdbx_ptnr3_label_alt_id 
_struct_conn.pdbx_ptnr3_PDB_ins_code 
_struct_conn.details 
_struct_conn.pdbx_dist_value 
_struct_conn.pdbx_value_order 
_struct_conn.pdbx_role 
metalc1  metalc ? ? A HIS 61  NE2 ? ? ? 1_555 E CD  . CD ? ? A HIS 100 A CD  304 1_555 ? ? ? ? ? ? ? 2.218 ? ? 
metalc2  metalc ? ? A CYS 83  SG  ? ? ? 1_555 D CD  . CD ? ? A CYS 122 A CD  303 1_555 ? ? ? ? ? ? ? 2.674 ? ? 
metalc3  metalc ? ? A CYS 83  SG  ? ? ? 1_555 F CD  . CD ? ? A CYS 122 A CD  305 1_555 ? ? ? ? ? ? ? 2.379 ? ? 
metalc4  metalc ? ? A GLU 128 OE1 ? ? ? 1_555 B CD  . CD ? ? A GLU 167 A CD  301 1_555 ? ? ? ? ? ? ? 2.475 ? ? 
metalc5  metalc ? ? A GLU 128 OE1 ? ? ? 1_555 B CD  . CD ? ? A GLU 167 A CD  301 5_655 ? ? ? ? ? ? ? 2.475 ? ? 
metalc6  metalc ? ? A GLU 128 OE1 ? ? ? 1_555 C CD  . CD ? ? A GLU 167 A CD  302 1_555 ? ? ? ? ? ? ? 2.676 ? ? 
metalc7  metalc ? ? A GLU 128 OE2 ? ? ? 1_555 C CD  . CD ? ? A GLU 167 A CD  302 1_555 ? ? ? ? ? ? ? 2.328 ? ? 
metalc8  metalc ? ? A CYS 147 SG  A ? ? 1_555 B CD  . CD ? ? A CYS 186 A CD  301 1_555 ? ? ? ? ? ? ? 2.451 ? ? 
metalc9  metalc ? ? A CYS 147 SG  B ? ? 1_555 B CD  . CD ? ? A CYS 186 A CD  301 1_555 ? ? ? ? ? ? ? 2.545 ? ? 
metalc10 metalc ? ? A CYS 147 SG  A ? ? 1_555 B CD  . CD ? ? A CYS 186 A CD  301 5_655 ? ? ? ? ? ? ? 2.451 ? ? 
metalc11 metalc ? ? A CYS 147 SG  B ? ? 1_555 B CD  . CD ? ? A CYS 186 A CD  301 5_655 ? ? ? ? ? ? ? 2.545 ? ? 
metalc12 metalc ? ? A CYS 147 SG  A ? ? 1_555 C CD  . CD ? ? A CYS 186 A CD  302 5_655 ? ? ? ? ? ? ? 2.636 ? ? 
metalc13 metalc ? ? A CYS 147 SG  B ? ? 1_555 C CD  . CD ? ? A CYS 186 A CD  302 5_655 ? ? ? ? ? ? ? 2.398 ? ? 
metalc14 metalc ? ? B CD  .   CD  ? ? ? 1_555 H HOH . O  ? ? A CD  301 A HOH 461 1_555 ? ? ? ? ? ? ? 2.289 ? ? 
metalc15 metalc ? ? B CD  .   CD  ? ? ? 1_555 H HOH . O  ? ? A CD  301 A HOH 461 5_655 ? ? ? ? ? ? ? 2.289 ? ? 
metalc16 metalc ? ? C CD  .   CD  ? ? ? 1_555 H HOH . O  ? ? A CD  302 A HOH 457 5_655 ? ? ? ? ? ? ? 2.071 ? ? 
metalc17 metalc ? ? C CD  .   CD  ? ? ? 1_555 H HOH . O  ? ? A CD  302 A HOH 463 1_555 ? ? ? ? ? ? ? 2.390 ? ? 
metalc18 metalc ? ? D CD  .   CD  ? ? ? 1_555 H HOH . O  ? ? A CD  303 A HOH 456 1_555 ? ? ? ? ? ? ? 2.445 ? ? 
metalc19 metalc ? ? E CD  .   CD  ? ? ? 1_555 H HOH . O  ? ? A CD  304 A HOH 442 5_655 ? ? ? ? ? ? ? 2.458 ? ? 
metalc20 metalc ? ? E CD  .   CD  ? ? ? 1_555 H HOH . O  ? ? A CD  304 A HOH 459 1_555 ? ? ? ? ? ? ? 2.158 ? ? 
metalc21 metalc ? ? E CD  .   CD  ? ? ? 1_555 H HOH . O  ? ? A CD  304 A HOH 467 1_555 ? ? ? ? ? ? ? 2.323 ? ? 
metalc22 metalc ? ? F CD  .   CD  ? ? ? 1_555 H HOH . O  ? ? A CD  305 A HOH 453 1_555 ? ? ? ? ? ? ? 2.561 ? ? 
metalc23 metalc ? ? F CD  .   CD  ? ? ? 1_555 H HOH . O  ? ? A CD  305 A HOH 473 1_555 ? ? ? ? ? ? ? 2.570 ? ? 
# 
_struct_conn_type.id          metalc 
_struct_conn_type.criteria    ? 
_struct_conn_type.reference   ? 
# 
loop_
_pdbx_struct_conn_angle.id 
_pdbx_struct_conn_angle.ptnr1_label_atom_id 
_pdbx_struct_conn_angle.ptnr1_label_alt_id 
_pdbx_struct_conn_angle.ptnr1_label_asym_id 
_pdbx_struct_conn_angle.ptnr1_label_comp_id 
_pdbx_struct_conn_angle.ptnr1_label_seq_id 
_pdbx_struct_conn_angle.ptnr1_auth_atom_id 
_pdbx_struct_conn_angle.ptnr1_auth_asym_id 
_pdbx_struct_conn_angle.ptnr1_auth_comp_id 
_pdbx_struct_conn_angle.ptnr1_auth_seq_id 
_pdbx_struct_conn_angle.ptnr1_PDB_ins_code 
_pdbx_struct_conn_angle.ptnr1_symmetry 
_pdbx_struct_conn_angle.ptnr2_label_atom_id 
_pdbx_struct_conn_angle.ptnr2_label_alt_id 
_pdbx_struct_conn_angle.ptnr2_label_asym_id 
_pdbx_struct_conn_angle.ptnr2_label_comp_id 
_pdbx_struct_conn_angle.ptnr2_label_seq_id 
_pdbx_struct_conn_angle.ptnr2_auth_atom_id 
_pdbx_struct_conn_angle.ptnr2_auth_asym_id 
_pdbx_struct_conn_angle.ptnr2_auth_comp_id 
_pdbx_struct_conn_angle.ptnr2_auth_seq_id 
_pdbx_struct_conn_angle.ptnr2_PDB_ins_code 
_pdbx_struct_conn_angle.ptnr2_symmetry 
_pdbx_struct_conn_angle.ptnr3_label_atom_id 
_pdbx_struct_conn_angle.ptnr3_label_alt_id 
_pdbx_struct_conn_angle.ptnr3_label_asym_id 
_pdbx_struct_conn_angle.ptnr3_label_comp_id 
_pdbx_struct_conn_angle.ptnr3_label_seq_id 
_pdbx_struct_conn_angle.ptnr3_auth_atom_id 
_pdbx_struct_conn_angle.ptnr3_auth_asym_id 
_pdbx_struct_conn_angle.ptnr3_auth_comp_id 
_pdbx_struct_conn_angle.ptnr3_auth_seq_id 
_pdbx_struct_conn_angle.ptnr3_PDB_ins_code 
_pdbx_struct_conn_angle.ptnr3_symmetry 
_pdbx_struct_conn_angle.value 
_pdbx_struct_conn_angle.value_esd 
1  NE2 ? A HIS 61  ? A HIS 100 ? 1_555 CD ? E CD . ? A CD 304 ? 1_555 O   ? H HOH .   ? A HOH 442 ? 5_655 98.7  ? 
2  NE2 ? A HIS 61  ? A HIS 100 ? 1_555 CD ? E CD . ? A CD 304 ? 1_555 O   ? H HOH .   ? A HOH 459 ? 1_555 101.8 ? 
3  O   ? H HOH .   ? A HOH 442 ? 5_655 CD ? E CD . ? A CD 304 ? 1_555 O   ? H HOH .   ? A HOH 459 ? 1_555 120.4 ? 
4  NE2 ? A HIS 61  ? A HIS 100 ? 1_555 CD ? E CD . ? A CD 304 ? 1_555 O   ? H HOH .   ? A HOH 467 ? 1_555 114.8 ? 
5  O   ? H HOH .   ? A HOH 442 ? 5_655 CD ? E CD . ? A CD 304 ? 1_555 O   ? H HOH .   ? A HOH 467 ? 1_555 110.4 ? 
6  O   ? H HOH .   ? A HOH 459 ? 1_555 CD ? E CD . ? A CD 304 ? 1_555 O   ? H HOH .   ? A HOH 467 ? 1_555 110.2 ? 
7  SG  ? A CYS 83  ? A CYS 122 ? 1_555 CD ? D CD . ? A CD 303 ? 1_555 O   ? H HOH .   ? A HOH 456 ? 1_555 96.2  ? 
8  SG  ? A CYS 83  ? A CYS 122 ? 1_555 CD ? F CD . ? A CD 305 ? 1_555 O   ? H HOH .   ? A HOH 453 ? 1_555 100.1 ? 
9  SG  ? A CYS 83  ? A CYS 122 ? 1_555 CD ? F CD . ? A CD 305 ? 1_555 O   ? H HOH .   ? A HOH 473 ? 1_555 83.6  ? 
10 O   ? H HOH .   ? A HOH 453 ? 1_555 CD ? F CD . ? A CD 305 ? 1_555 O   ? H HOH .   ? A HOH 473 ? 1_555 174.0 ? 
11 OE1 ? A GLU 128 ? A GLU 167 ? 1_555 CD ? B CD . ? A CD 301 ? 1_555 OE1 ? A GLU 128 ? A GLU 167 ? 1_555 0.0   ? 
12 OE1 ? A GLU 128 ? A GLU 167 ? 1_555 CD ? B CD . ? A CD 301 ? 1_555 SG  A A CYS 147 ? A CYS 186 ? 1_555 90.2  ? 
13 OE1 ? A GLU 128 ? A GLU 167 ? 1_555 CD ? B CD . ? A CD 301 ? 1_555 SG  A A CYS 147 ? A CYS 186 ? 1_555 90.2  ? 
14 OE1 ? A GLU 128 ? A GLU 167 ? 1_555 CD ? B CD . ? A CD 301 ? 1_555 SG  B A CYS 147 ? A CYS 186 ? 1_555 88.0  ? 
15 OE1 ? A GLU 128 ? A GLU 167 ? 1_555 CD ? B CD . ? A CD 301 ? 1_555 SG  B A CYS 147 ? A CYS 186 ? 1_555 88.0  ? 
16 SG  A A CYS 147 ? A CYS 186 ? 1_555 CD ? B CD . ? A CD 301 ? 1_555 SG  B A CYS 147 ? A CYS 186 ? 1_555 37.1  ? 
17 OE1 ? A GLU 128 ? A GLU 167 ? 1_555 CD ? B CD . ? A CD 301 ? 1_555 SG  A A CYS 147 ? A CYS 186 ? 1_555 90.2  ? 
18 OE1 ? A GLU 128 ? A GLU 167 ? 1_555 CD ? B CD . ? A CD 301 ? 1_555 SG  A A CYS 147 ? A CYS 186 ? 1_555 90.2  ? 
19 SG  A A CYS 147 ? A CYS 186 ? 1_555 CD ? B CD . ? A CD 301 ? 1_555 SG  A A CYS 147 ? A CYS 186 ? 1_555 0.0   ? 
20 SG  B A CYS 147 ? A CYS 186 ? 1_555 CD ? B CD . ? A CD 301 ? 1_555 SG  A A CYS 147 ? A CYS 186 ? 1_555 37.1  ? 
21 OE1 ? A GLU 128 ? A GLU 167 ? 1_555 CD ? B CD . ? A CD 301 ? 1_555 SG  B A CYS 147 ? A CYS 186 ? 1_555 88.0  ? 
22 OE1 ? A GLU 128 ? A GLU 167 ? 1_555 CD ? B CD . ? A CD 301 ? 1_555 SG  B A CYS 147 ? A CYS 186 ? 1_555 88.0  ? 
23 SG  A A CYS 147 ? A CYS 186 ? 1_555 CD ? B CD . ? A CD 301 ? 1_555 SG  B A CYS 147 ? A CYS 186 ? 1_555 37.1  ? 
24 SG  B A CYS 147 ? A CYS 186 ? 1_555 CD ? B CD . ? A CD 301 ? 1_555 SG  B A CYS 147 ? A CYS 186 ? 1_555 0.0   ? 
25 SG  A A CYS 147 ? A CYS 186 ? 1_555 CD ? B CD . ? A CD 301 ? 1_555 SG  B A CYS 147 ? A CYS 186 ? 1_555 37.1  ? 
26 OE1 ? A GLU 128 ? A GLU 167 ? 1_555 CD ? B CD . ? A CD 301 ? 1_555 O   ? H HOH .   ? A HOH 461 ? 1_555 93.9  ? 
27 OE1 ? A GLU 128 ? A GLU 167 ? 1_555 CD ? B CD . ? A CD 301 ? 1_555 O   ? H HOH .   ? A HOH 461 ? 1_555 93.9  ? 
28 SG  A A CYS 147 ? A CYS 186 ? 1_555 CD ? B CD . ? A CD 301 ? 1_555 O   ? H HOH .   ? A HOH 461 ? 1_555 75.5  ? 
29 SG  B A CYS 147 ? A CYS 186 ? 1_555 CD ? B CD . ? A CD 301 ? 1_555 O   ? H HOH .   ? A HOH 461 ? 1_555 112.6 ? 
30 SG  A A CYS 147 ? A CYS 186 ? 1_555 CD ? B CD . ? A CD 301 ? 1_555 O   ? H HOH .   ? A HOH 461 ? 1_555 75.5  ? 
31 SG  B A CYS 147 ? A CYS 186 ? 1_555 CD ? B CD . ? A CD 301 ? 1_555 O   ? H HOH .   ? A HOH 461 ? 1_555 112.6 ? 
32 OE1 ? A GLU 128 ? A GLU 167 ? 1_555 CD ? B CD . ? A CD 301 ? 1_555 O   ? H HOH .   ? A HOH 461 ? 5_655 94.5  ? 
33 OE1 ? A GLU 128 ? A GLU 167 ? 1_555 CD ? B CD . ? A CD 301 ? 1_555 O   ? H HOH .   ? A HOH 461 ? 5_655 94.5  ? 
34 SG  A A CYS 147 ? A CYS 186 ? 1_555 CD ? B CD . ? A CD 301 ? 1_555 O   ? H HOH .   ? A HOH 461 ? 5_655 110.5 ? 
35 SG  B A CYS 147 ? A CYS 186 ? 1_555 CD ? B CD . ? A CD 301 ? 1_555 O   ? H HOH .   ? A HOH 461 ? 5_655 147.6 ? 
36 SG  A A CYS 147 ? A CYS 186 ? 1_555 CD ? B CD . ? A CD 301 ? 1_555 O   ? H HOH .   ? A HOH 461 ? 5_655 110.5 ? 
37 SG  B A CYS 147 ? A CYS 186 ? 1_555 CD ? B CD . ? A CD 301 ? 1_555 O   ? H HOH .   ? A HOH 461 ? 5_655 147.6 ? 
38 O   ? H HOH .   ? A HOH 461 ? 1_555 CD ? B CD . ? A CD 301 ? 1_555 O   ? H HOH .   ? A HOH 461 ? 5_655 35.0  ? 
39 OE1 ? A GLU 128 ? A GLU 167 ? 1_555 CD ? C CD . ? A CD 302 ? 1_555 OE2 ? A GLU 128 ? A GLU 167 ? 1_555 52.2  ? 
40 OE1 ? A GLU 128 ? A GLU 167 ? 1_555 CD ? C CD . ? A CD 302 ? 1_555 SG  A A CYS 147 ? A CYS 186 ? 1_555 29.8  ? 
41 OE2 ? A GLU 128 ? A GLU 167 ? 1_555 CD ? C CD . ? A CD 302 ? 1_555 SG  A A CYS 147 ? A CYS 186 ? 1_555 76.6  ? 
42 OE1 ? A GLU 128 ? A GLU 167 ? 1_555 CD ? C CD . ? A CD 302 ? 1_555 SG  B A CYS 147 ? A CYS 186 ? 1_555 41.8  ? 
43 OE2 ? A GLU 128 ? A GLU 167 ? 1_555 CD ? C CD . ? A CD 302 ? 1_555 SG  B A CYS 147 ? A CYS 186 ? 1_555 79.2  ? 
44 SG  A A CYS 147 ? A CYS 186 ? 1_555 CD ? C CD . ? A CD 302 ? 1_555 SG  B A CYS 147 ? A CYS 186 ? 1_555 16.3  ? 
45 OE1 ? A GLU 128 ? A GLU 167 ? 1_555 CD ? C CD . ? A CD 302 ? 1_555 O   ? H HOH .   ? A HOH 457 ? 5_655 137.8 ? 
46 OE2 ? A GLU 128 ? A GLU 167 ? 1_555 CD ? C CD . ? A CD 302 ? 1_555 O   ? H HOH .   ? A HOH 457 ? 5_655 100.6 ? 
47 SG  A A CYS 147 ? A CYS 186 ? 1_555 CD ? C CD . ? A CD 302 ? 1_555 O   ? H HOH .   ? A HOH 457 ? 5_655 126.0 ? 
48 SG  B A CYS 147 ? A CYS 186 ? 1_555 CD ? C CD . ? A CD 302 ? 1_555 O   ? H HOH .   ? A HOH 457 ? 5_655 109.7 ? 
49 OE1 ? A GLU 128 ? A GLU 167 ? 1_555 CD ? C CD . ? A CD 302 ? 1_555 O   ? H HOH .   ? A HOH 463 ? 1_555 110.2 ? 
50 OE2 ? A GLU 128 ? A GLU 167 ? 1_555 CD ? C CD . ? A CD 302 ? 1_555 O   ? H HOH .   ? A HOH 463 ? 1_555 104.5 ? 
51 SG  A A CYS 147 ? A CYS 186 ? 1_555 CD ? C CD . ? A CD 302 ? 1_555 O   ? H HOH .   ? A HOH 463 ? 1_555 125.5 ? 
52 SG  B A CYS 147 ? A CYS 186 ? 1_555 CD ? C CD . ? A CD 302 ? 1_555 O   ? H HOH .   ? A HOH 463 ? 1_555 141.0 ? 
53 O   ? H HOH .   ? A HOH 457 ? 5_655 CD ? C CD . ? A CD 302 ? 1_555 O   ? H HOH .   ? A HOH 463 ? 1_555 107.6 ? 
# 
loop_
_struct_mon_prot_cis.pdbx_id 
_struct_mon_prot_cis.label_comp_id 
_struct_mon_prot_cis.label_seq_id 
_struct_mon_prot_cis.label_asym_id 
_struct_mon_prot_cis.label_alt_id 
_struct_mon_prot_cis.pdbx_PDB_ins_code 
_struct_mon_prot_cis.auth_comp_id 
_struct_mon_prot_cis.auth_seq_id 
_struct_mon_prot_cis.auth_asym_id 
_struct_mon_prot_cis.pdbx_label_comp_id_2 
_struct_mon_prot_cis.pdbx_label_seq_id_2 
_struct_mon_prot_cis.pdbx_label_asym_id_2 
_struct_mon_prot_cis.pdbx_PDB_ins_code_2 
_struct_mon_prot_cis.pdbx_auth_comp_id_2 
_struct_mon_prot_cis.pdbx_auth_seq_id_2 
_struct_mon_prot_cis.pdbx_auth_asym_id_2 
_struct_mon_prot_cis.pdbx_PDB_model_num 
_struct_mon_prot_cis.pdbx_omega_angle 
1 PHE 33 A . ? PHE 72  A PRO 34 A ? PRO 73  A 1 -7.92  
2 SER 90 A . ? SER 129 A PRO 91 A ? PRO 130 A 1 -11.02 
# 
loop_
_struct_sheet.id 
_struct_sheet.type 
_struct_sheet.number_strands 
_struct_sheet.details 
AA1 ? 3 ? 
AA2 ? 5 ? 
AA3 ? 4 ? 
AA4 ? 3 ? 
AA5 ? 2 ? 
# 
loop_
_struct_sheet_order.sheet_id 
_struct_sheet_order.range_id_1 
_struct_sheet_order.range_id_2 
_struct_sheet_order.offset 
_struct_sheet_order.sense 
AA1 1 2 ? anti-parallel 
AA1 2 3 ? anti-parallel 
AA2 1 2 ? parallel      
AA2 2 3 ? anti-parallel 
AA2 3 4 ? anti-parallel 
AA2 4 5 ? anti-parallel 
AA3 1 2 ? anti-parallel 
AA3 2 3 ? anti-parallel 
AA3 3 4 ? anti-parallel 
AA4 1 2 ? anti-parallel 
AA4 2 3 ? parallel      
AA5 1 2 ? anti-parallel 
# 
loop_
_struct_sheet_range.sheet_id 
_struct_sheet_range.id 
_struct_sheet_range.beg_label_comp_id 
_struct_sheet_range.beg_label_asym_id 
_struct_sheet_range.beg_label_seq_id 
_struct_sheet_range.pdbx_beg_PDB_ins_code 
_struct_sheet_range.end_label_comp_id 
_struct_sheet_range.end_label_asym_id 
_struct_sheet_range.end_label_seq_id 
_struct_sheet_range.pdbx_end_PDB_ins_code 
_struct_sheet_range.beg_auth_comp_id 
_struct_sheet_range.beg_auth_asym_id 
_struct_sheet_range.beg_auth_seq_id 
_struct_sheet_range.end_auth_comp_id 
_struct_sheet_range.end_auth_asym_id 
_struct_sheet_range.end_auth_seq_id 
AA1 1 ARG A 4   ? LEU A 7   ? ARG A 43  LEU A 46  
AA1 2 LYS A 37  ? SER A 41  ? LYS A 76  SER A 80  
AA1 3 VAL A 102 ? SER A 103 ? VAL A 141 SER A 142 
AA2 1 GLU A 22  ? ILE A 24  ? GLU A 61  ILE A 63  
AA2 2 PHE A 153 ? VAL A 156 ? PHE A 192 VAL A 195 
AA2 3 LYS A 126 ? VAL A 136 ? LYS A 165 VAL A 175 
AA2 4 MET A 48  ? ALA A 57  ? MET A 87  ALA A 96  
AA2 5 ASN A 92  ? PHE A 93  ? ASN A 131 PHE A 132 
AA3 1 TYR A 85  ? ILE A 86  ? TYR A 124 ILE A 125 
AA3 2 MET A 48  ? ALA A 57  ? MET A 87  ALA A 96  
AA3 3 LYS A 126 ? VAL A 136 ? LYS A 165 VAL A 175 
AA3 4 MET A 142 ? CYS A 147 ? MET A 181 CYS A 186 
AA4 1 ARG A 30  ? ARG A 31  ? ARG A 69  ARG A 70  
AA4 2 LYS A 108 ? THR A 110 ? LYS A 147 THR A 149 
AA4 3 ILE A 119 ? MET A 120 ? ILE A 158 MET A 159 
AA5 1 TRP A 63  ? VAL A 66  ? TRP A 102 VAL A 105 
AA5 2 GLU A 69  ? PRO A 72  ? GLU A 108 PRO A 111 
# 
loop_
_pdbx_struct_sheet_hbond.sheet_id 
_pdbx_struct_sheet_hbond.range_id_1 
_pdbx_struct_sheet_hbond.range_id_2 
_pdbx_struct_sheet_hbond.range_1_label_atom_id 
_pdbx_struct_sheet_hbond.range_1_label_comp_id 
_pdbx_struct_sheet_hbond.range_1_label_asym_id 
_pdbx_struct_sheet_hbond.range_1_label_seq_id 
_pdbx_struct_sheet_hbond.range_1_PDB_ins_code 
_pdbx_struct_sheet_hbond.range_1_auth_atom_id 
_pdbx_struct_sheet_hbond.range_1_auth_comp_id 
_pdbx_struct_sheet_hbond.range_1_auth_asym_id 
_pdbx_struct_sheet_hbond.range_1_auth_seq_id 
_pdbx_struct_sheet_hbond.range_2_label_atom_id 
_pdbx_struct_sheet_hbond.range_2_label_comp_id 
_pdbx_struct_sheet_hbond.range_2_label_asym_id 
_pdbx_struct_sheet_hbond.range_2_label_seq_id 
_pdbx_struct_sheet_hbond.range_2_PDB_ins_code 
_pdbx_struct_sheet_hbond.range_2_auth_atom_id 
_pdbx_struct_sheet_hbond.range_2_auth_comp_id 
_pdbx_struct_sheet_hbond.range_2_auth_asym_id 
_pdbx_struct_sheet_hbond.range_2_auth_seq_id 
AA1 1 2 N GLY A 6   ? N GLY A 45  O ASN A 39  ? O ASN A 78  
AA1 2 3 N VAL A 38  ? N VAL A 77  O VAL A 102 ? O VAL A 141 
AA2 1 2 N MET A 23  ? N MET A 62  O VAL A 156 ? O VAL A 195 
AA2 2 3 O PHE A 153 ? O PHE A 192 N TYR A 127 ? N TYR A 166 
AA2 3 4 O ARG A 130 ? O ARG A 169 N ASP A 54  ? N ASP A 93  
AA2 4 5 N TYR A 49  ? N TYR A 88  O ASN A 92  ? O ASN A 131 
AA3 1 2 O TYR A 85  ? O TYR A 124 N LEU A 53  ? N LEU A 92  
AA3 2 3 N ASP A 54  ? N ASP A 93  O ARG A 130 ? O ARG A 169 
AA3 3 4 N ILE A 133 ? N ILE A 172 O THR A 144 ? O THR A 183 
AA4 1 2 N ARG A 30  ? N ARG A 69  O LEU A 109 ? O LEU A 148 
AA4 2 3 N LYS A 108 ? N LYS A 147 O ILE A 119 ? O ILE A 158 
AA5 1 2 N VAL A 66  ? N VAL A 105 O GLU A 69  ? O GLU A 108 
# 
loop_
_struct_site.id 
_struct_site.pdbx_evidence_code 
_struct_site.pdbx_auth_asym_id 
_struct_site.pdbx_auth_comp_id 
_struct_site.pdbx_auth_seq_id 
_struct_site.pdbx_auth_ins_code 
_struct_site.pdbx_num_residues 
_struct_site.details 
AC1 Software A CD  301 ? 8 'binding site for residue CD A 301'  
AC2 Software A CD  302 ? 6 'binding site for residue CD A 302'  
AC3 Software A CD  303 ? 4 'binding site for residue CD A 303'  
AC4 Software A CD  304 ? 4 'binding site for residue CD A 304'  
AC5 Software A CD  305 ? 4 'binding site for residue CD A 305'  
AC6 Software A GWA 306 ? 8 'binding site for residue GWA A 306' 
# 
loop_
_struct_site_gen.id 
_struct_site_gen.site_id 
_struct_site_gen.pdbx_num_res 
_struct_site_gen.label_comp_id 
_struct_site_gen.label_asym_id 
_struct_site_gen.label_seq_id 
_struct_site_gen.pdbx_auth_ins_code 
_struct_site_gen.auth_comp_id 
_struct_site_gen.auth_asym_id 
_struct_site_gen.auth_seq_id 
_struct_site_gen.label_atom_id 
_struct_site_gen.label_alt_id 
_struct_site_gen.symmetry 
_struct_site_gen.details 
1  AC1 8 GLU A 128 ? GLU A 167 . ? 1_555 ? 
2  AC1 8 GLU A 128 ? GLU A 167 . ? 5_655 ? 
3  AC1 8 CYS A 147 ? CYS A 186 . ? 5_655 ? 
4  AC1 8 CYS A 147 ? CYS A 186 . ? 1_555 ? 
5  AC1 8 CD  C .   ? CD  A 302 . ? 5_655 ? 
6  AC1 8 CD  C .   ? CD  A 302 . ? 1_555 ? 
7  AC1 8 HOH H .   ? HOH A 461 . ? 5_655 ? 
8  AC1 8 HOH H .   ? HOH A 461 . ? 1_555 ? 
9  AC2 6 GLU A 128 ? GLU A 167 . ? 1_555 ? 
10 AC2 6 CYS A 147 ? CYS A 186 . ? 5_655 ? 
11 AC2 6 CD  B .   ? CD  A 301 . ? 5_655 ? 
12 AC2 6 CD  B .   ? CD  A 301 . ? 1_555 ? 
13 AC2 6 HOH H .   ? HOH A 457 . ? 5_655 ? 
14 AC2 6 HOH H .   ? HOH A 463 . ? 1_555 ? 
15 AC3 4 CYS A 83  ? CYS A 122 . ? 1_555 ? 
16 AC3 4 HOH H .   ? HOH A 456 . ? 1_555 ? 
17 AC3 4 HOH H .   ? HOH A 460 . ? 1_555 ? 
18 AC3 4 HOH H .   ? HOH A 474 . ? 1_555 ? 
19 AC4 4 HIS A 61  ? HIS A 100 . ? 1_555 ? 
20 AC4 4 HOH H .   ? HOH A 442 . ? 5_655 ? 
21 AC4 4 HOH H .   ? HOH A 459 . ? 1_555 ? 
22 AC4 4 HOH H .   ? HOH A 467 . ? 1_555 ? 
23 AC5 4 CYS A 83  ? CYS A 122 . ? 1_555 ? 
24 AC5 4 HOH H .   ? HOH A 453 . ? 1_555 ? 
25 AC5 4 HOH H .   ? HOH A 473 . ? 1_555 ? 
26 AC5 4 HOH H .   ? HOH A 474 . ? 1_555 ? 
27 AC6 8 SER A 50  ? SER A 89  . ? 1_555 ? 
28 AC6 8 VAL A 84  ? VAL A 123 . ? 1_555 ? 
29 AC6 8 ILE A 86  ? ILE A 125 . ? 1_555 ? 
30 AC6 8 SER A 90  ? SER A 129 . ? 1_555 ? 
31 AC6 8 PRO A 91  ? PRO A 130 . ? 1_555 ? 
32 AC6 8 PHE A 93  ? PHE A 132 . ? 6_555 ? 
33 AC6 8 HOH H .   ? HOH A 442 . ? 1_555 ? 
34 AC6 8 HOH H .   ? HOH A 462 . ? 1_555 ? 
# 
loop_
_pdbx_validate_torsion.id 
_pdbx_validate_torsion.PDB_model_num 
_pdbx_validate_torsion.auth_comp_id 
_pdbx_validate_torsion.auth_asym_id 
_pdbx_validate_torsion.auth_seq_id 
_pdbx_validate_torsion.PDB_ins_code 
_pdbx_validate_torsion.label_alt_id 
_pdbx_validate_torsion.phi 
_pdbx_validate_torsion.psi 
1 1 GLU A 50  ? ? -29.63 -59.00 
2 1 THR A 59  ? ? 72.18  107.39 
3 1 PHE A 143 ? ? -91.74 57.24  
# 
_pdbx_struct_special_symmetry.id              1 
_pdbx_struct_special_symmetry.PDB_model_num   1 
_pdbx_struct_special_symmetry.auth_asym_id    A 
_pdbx_struct_special_symmetry.auth_comp_id    CD 
_pdbx_struct_special_symmetry.auth_seq_id     301 
_pdbx_struct_special_symmetry.PDB_ins_code    ? 
_pdbx_struct_special_symmetry.label_asym_id   B 
_pdbx_struct_special_symmetry.label_comp_id   CD 
_pdbx_struct_special_symmetry.label_seq_id    . 
# 
_phasing.method   MR 
# 
_pdbx_entry_details.entry_id                 5QRT 
_pdbx_entry_details.has_ligand_of_interest   Y 
_pdbx_entry_details.compound_details         ? 
_pdbx_entry_details.source_details           ? 
_pdbx_entry_details.nonpolymer_details       ? 
_pdbx_entry_details.sequence_details         ? 
# 
loop_
_pdbx_distant_solvent_atoms.id 
_pdbx_distant_solvent_atoms.PDB_model_num 
_pdbx_distant_solvent_atoms.auth_atom_id 
_pdbx_distant_solvent_atoms.label_alt_id 
_pdbx_distant_solvent_atoms.auth_asym_id 
_pdbx_distant_solvent_atoms.auth_comp_id 
_pdbx_distant_solvent_atoms.auth_seq_id 
_pdbx_distant_solvent_atoms.PDB_ins_code 
_pdbx_distant_solvent_atoms.neighbor_macromolecule_distance 
_pdbx_distant_solvent_atoms.neighbor_ligand_distance 
1 1 O ? A HOH 473 ? 6.37 . 
2 1 O ? A HOH 474 ? 6.44 . 
# 
_pdbx_unobs_or_zero_occ_residues.id               1 
_pdbx_unobs_or_zero_occ_residues.PDB_model_num    1 
_pdbx_unobs_or_zero_occ_residues.polymer_flag     Y 
_pdbx_unobs_or_zero_occ_residues.occupancy_flag   1 
_pdbx_unobs_or_zero_occ_residues.auth_asym_id     A 
_pdbx_unobs_or_zero_occ_residues.auth_comp_id     GLY 
_pdbx_unobs_or_zero_occ_residues.auth_seq_id      40 
_pdbx_unobs_or_zero_occ_residues.PDB_ins_code     ? 
_pdbx_unobs_or_zero_occ_residues.label_asym_id    A 
_pdbx_unobs_or_zero_occ_residues.label_comp_id    GLY 
_pdbx_unobs_or_zero_occ_residues.label_seq_id     1 
# 
loop_
_chem_comp_atom.comp_id 
_chem_comp_atom.atom_id 
_chem_comp_atom.type_symbol 
_chem_comp_atom.pdbx_aromatic_flag 
_chem_comp_atom.pdbx_stereo_config 
_chem_comp_atom.pdbx_ordinal 
ALA N    N  N N 1   
ALA CA   C  N S 2   
ALA C    C  N N 3   
ALA O    O  N N 4   
ALA CB   C  N N 5   
ALA OXT  O  N N 6   
ALA H    H  N N 7   
ALA H2   H  N N 8   
ALA HA   H  N N 9   
ALA HB1  H  N N 10  
ALA HB2  H  N N 11  
ALA HB3  H  N N 12  
ALA HXT  H  N N 13  
ARG N    N  N N 14  
ARG CA   C  N S 15  
ARG C    C  N N 16  
ARG O    O  N N 17  
ARG CB   C  N N 18  
ARG CG   C  N N 19  
ARG CD   C  N N 20  
ARG NE   N  N N 21  
ARG CZ   C  N N 22  
ARG NH1  N  N N 23  
ARG NH2  N  N N 24  
ARG OXT  O  N N 25  
ARG H    H  N N 26  
ARG H2   H  N N 27  
ARG HA   H  N N 28  
ARG HB2  H  N N 29  
ARG HB3  H  N N 30  
ARG HG2  H  N N 31  
ARG HG3  H  N N 32  
ARG HD2  H  N N 33  
ARG HD3  H  N N 34  
ARG HE   H  N N 35  
ARG HH11 H  N N 36  
ARG HH12 H  N N 37  
ARG HH21 H  N N 38  
ARG HH22 H  N N 39  
ARG HXT  H  N N 40  
ASN N    N  N N 41  
ASN CA   C  N S 42  
ASN C    C  N N 43  
ASN O    O  N N 44  
ASN CB   C  N N 45  
ASN CG   C  N N 46  
ASN OD1  O  N N 47  
ASN ND2  N  N N 48  
ASN OXT  O  N N 49  
ASN H    H  N N 50  
ASN H2   H  N N 51  
ASN HA   H  N N 52  
ASN HB2  H  N N 53  
ASN HB3  H  N N 54  
ASN HD21 H  N N 55  
ASN HD22 H  N N 56  
ASN HXT  H  N N 57  
ASP N    N  N N 58  
ASP CA   C  N S 59  
ASP C    C  N N 60  
ASP O    O  N N 61  
ASP CB   C  N N 62  
ASP CG   C  N N 63  
ASP OD1  O  N N 64  
ASP OD2  O  N N 65  
ASP OXT  O  N N 66  
ASP H    H  N N 67  
ASP H2   H  N N 68  
ASP HA   H  N N 69  
ASP HB2  H  N N 70  
ASP HB3  H  N N 71  
ASP HD2  H  N N 72  
ASP HXT  H  N N 73  
CD  CD   CD N N 74  
CYS N    N  N N 75  
CYS CA   C  N R 76  
CYS C    C  N N 77  
CYS O    O  N N 78  
CYS CB   C  N N 79  
CYS SG   S  N N 80  
CYS OXT  O  N N 81  
CYS H    H  N N 82  
CYS H2   H  N N 83  
CYS HA   H  N N 84  
CYS HB2  H  N N 85  
CYS HB3  H  N N 86  
CYS HG   H  N N 87  
CYS HXT  H  N N 88  
GLN N    N  N N 89  
GLN CA   C  N S 90  
GLN C    C  N N 91  
GLN O    O  N N 92  
GLN CB   C  N N 93  
GLN CG   C  N N 94  
GLN CD   C  N N 95  
GLN OE1  O  N N 96  
GLN NE2  N  N N 97  
GLN OXT  O  N N 98  
GLN H    H  N N 99  
GLN H2   H  N N 100 
GLN HA   H  N N 101 
GLN HB2  H  N N 102 
GLN HB3  H  N N 103 
GLN HG2  H  N N 104 
GLN HG3  H  N N 105 
GLN HE21 H  N N 106 
GLN HE22 H  N N 107 
GLN HXT  H  N N 108 
GLU N    N  N N 109 
GLU CA   C  N S 110 
GLU C    C  N N 111 
GLU O    O  N N 112 
GLU CB   C  N N 113 
GLU CG   C  N N 114 
GLU CD   C  N N 115 
GLU OE1  O  N N 116 
GLU OE2  O  N N 117 
GLU OXT  O  N N 118 
GLU H    H  N N 119 
GLU H2   H  N N 120 
GLU HA   H  N N 121 
GLU HB2  H  N N 122 
GLU HB3  H  N N 123 
GLU HG2  H  N N 124 
GLU HG3  H  N N 125 
GLU HE2  H  N N 126 
GLU HXT  H  N N 127 
GLY N    N  N N 128 
GLY CA   C  N N 129 
GLY C    C  N N 130 
GLY O    O  N N 131 
GLY OXT  O  N N 132 
GLY H    H  N N 133 
GLY H2   H  N N 134 
GLY HA2  H  N N 135 
GLY HA3  H  N N 136 
GLY HXT  H  N N 137 
GWA N1   N  N N 138 
GWA C4   C  Y N 139 
GWA C5   C  Y N 140 
GWA C6   C  Y N 141 
GWA C7   C  Y N 142 
GWA C8   C  Y N 143 
GWA C10  C  N N 144 
GWA C1   C  N N 145 
GWA C2   C  N N 146 
GWA O1   O  N N 147 
GWA C3   C  Y N 148 
GWA N2   N  N N 149 
GWA C9   C  N N 150 
GWA O2   O  N N 151 
GWA O3   O  N N 152 
GWA C11  C  N N 153 
GWA H1   H  N N 154 
GWA H2   H  N N 155 
GWA H3   H  N N 156 
GWA H4   H  N N 157 
GWA H5   H  N N 158 
GWA H6   H  N N 159 
GWA H7   H  N N 160 
GWA H8   H  N N 161 
GWA H9   H  N N 162 
GWA H10  H  N N 163 
GWA H11  H  N N 164 
GWA H12  H  N N 165 
GWA H13  H  N N 166 
GWA H14  H  N N 167 
HIS N    N  N N 168 
HIS CA   C  N S 169 
HIS C    C  N N 170 
HIS O    O  N N 171 
HIS CB   C  N N 172 
HIS CG   C  Y N 173 
HIS ND1  N  Y N 174 
HIS CD2  C  Y N 175 
HIS CE1  C  Y N 176 
HIS NE2  N  Y N 177 
HIS OXT  O  N N 178 
HIS H    H  N N 179 
HIS H2   H  N N 180 
HIS HA   H  N N 181 
HIS HB2  H  N N 182 
HIS HB3  H  N N 183 
HIS HD1  H  N N 184 
HIS HD2  H  N N 185 
HIS HE1  H  N N 186 
HIS HE2  H  N N 187 
HIS HXT  H  N N 188 
HOH O    O  N N 189 
HOH H1   H  N N 190 
HOH H2   H  N N 191 
ILE N    N  N N 192 
ILE CA   C  N S 193 
ILE C    C  N N 194 
ILE O    O  N N 195 
ILE CB   C  N S 196 
ILE CG1  C  N N 197 
ILE CG2  C  N N 198 
ILE CD1  C  N N 199 
ILE OXT  O  N N 200 
ILE H    H  N N 201 
ILE H2   H  N N 202 
ILE HA   H  N N 203 
ILE HB   H  N N 204 
ILE HG12 H  N N 205 
ILE HG13 H  N N 206 
ILE HG21 H  N N 207 
ILE HG22 H  N N 208 
ILE HG23 H  N N 209 
ILE HD11 H  N N 210 
ILE HD12 H  N N 211 
ILE HD13 H  N N 212 
ILE HXT  H  N N 213 
LEU N    N  N N 214 
LEU CA   C  N S 215 
LEU C    C  N N 216 
LEU O    O  N N 217 
LEU CB   C  N N 218 
LEU CG   C  N N 219 
LEU CD1  C  N N 220 
LEU CD2  C  N N 221 
LEU OXT  O  N N 222 
LEU H    H  N N 223 
LEU H2   H  N N 224 
LEU HA   H  N N 225 
LEU HB2  H  N N 226 
LEU HB3  H  N N 227 
LEU HG   H  N N 228 
LEU HD11 H  N N 229 
LEU HD12 H  N N 230 
LEU HD13 H  N N 231 
LEU HD21 H  N N 232 
LEU HD22 H  N N 233 
LEU HD23 H  N N 234 
LEU HXT  H  N N 235 
LYS N    N  N N 236 
LYS CA   C  N S 237 
LYS C    C  N N 238 
LYS O    O  N N 239 
LYS CB   C  N N 240 
LYS CG   C  N N 241 
LYS CD   C  N N 242 
LYS CE   C  N N 243 
LYS NZ   N  N N 244 
LYS OXT  O  N N 245 
LYS H    H  N N 246 
LYS H2   H  N N 247 
LYS HA   H  N N 248 
LYS HB2  H  N N 249 
LYS HB3  H  N N 250 
LYS HG2  H  N N 251 
LYS HG3  H  N N 252 
LYS HD2  H  N N 253 
LYS HD3  H  N N 254 
LYS HE2  H  N N 255 
LYS HE3  H  N N 256 
LYS HZ1  H  N N 257 
LYS HZ2  H  N N 258 
LYS HZ3  H  N N 259 
LYS HXT  H  N N 260 
MET N    N  N N 261 
MET CA   C  N S 262 
MET C    C  N N 263 
MET O    O  N N 264 
MET CB   C  N N 265 
MET CG   C  N N 266 
MET SD   S  N N 267 
MET CE   C  N N 268 
MET OXT  O  N N 269 
MET H    H  N N 270 
MET H2   H  N N 271 
MET HA   H  N N 272 
MET HB2  H  N N 273 
MET HB3  H  N N 274 
MET HG2  H  N N 275 
MET HG3  H  N N 276 
MET HE1  H  N N 277 
MET HE2  H  N N 278 
MET HE3  H  N N 279 
MET HXT  H  N N 280 
PHE N    N  N N 281 
PHE CA   C  N S 282 
PHE C    C  N N 283 
PHE O    O  N N 284 
PHE CB   C  N N 285 
PHE CG   C  Y N 286 
PHE CD1  C  Y N 287 
PHE CD2  C  Y N 288 
PHE CE1  C  Y N 289 
PHE CE2  C  Y N 290 
PHE CZ   C  Y N 291 
PHE OXT  O  N N 292 
PHE H    H  N N 293 
PHE H2   H  N N 294 
PHE HA   H  N N 295 
PHE HB2  H  N N 296 
PHE HB3  H  N N 297 
PHE HD1  H  N N 298 
PHE HD2  H  N N 299 
PHE HE1  H  N N 300 
PHE HE2  H  N N 301 
PHE HZ   H  N N 302 
PHE HXT  H  N N 303 
PRO N    N  N N 304 
PRO CA   C  N S 305 
PRO C    C  N N 306 
PRO O    O  N N 307 
PRO CB   C  N N 308 
PRO CG   C  N N 309 
PRO CD   C  N N 310 
PRO OXT  O  N N 311 
PRO H    H  N N 312 
PRO HA   H  N N 313 
PRO HB2  H  N N 314 
PRO HB3  H  N N 315 
PRO HG2  H  N N 316 
PRO HG3  H  N N 317 
PRO HD2  H  N N 318 
PRO HD3  H  N N 319 
PRO HXT  H  N N 320 
SER N    N  N N 321 
SER CA   C  N S 322 
SER C    C  N N 323 
SER O    O  N N 324 
SER CB   C  N N 325 
SER OG   O  N N 326 
SER OXT  O  N N 327 
SER H    H  N N 328 
SER H2   H  N N 329 
SER HA   H  N N 330 
SER HB2  H  N N 331 
SER HB3  H  N N 332 
SER HG   H  N N 333 
SER HXT  H  N N 334 
THR N    N  N N 335 
THR CA   C  N S 336 
THR C    C  N N 337 
THR O    O  N N 338 
THR CB   C  N R 339 
THR OG1  O  N N 340 
THR CG2  C  N N 341 
THR OXT  O  N N 342 
THR H    H  N N 343 
THR H2   H  N N 344 
THR HA   H  N N 345 
THR HB   H  N N 346 
THR HG1  H  N N 347 
THR HG21 H  N N 348 
THR HG22 H  N N 349 
THR HG23 H  N N 350 
THR HXT  H  N N 351 
TRP N    N  N N 352 
TRP CA   C  N S 353 
TRP C    C  N N 354 
TRP O    O  N N 355 
TRP CB   C  N N 356 
TRP CG   C  Y N 357 
TRP CD1  C  Y N 358 
TRP CD2  C  Y N 359 
TRP NE1  N  Y N 360 
TRP CE2  C  Y N 361 
TRP CE3  C  Y N 362 
TRP CZ2  C  Y N 363 
TRP CZ3  C  Y N 364 
TRP CH2  C  Y N 365 
TRP OXT  O  N N 366 
TRP H    H  N N 367 
TRP H2   H  N N 368 
TRP HA   H  N N 369 
TRP HB2  H  N N 370 
TRP HB3  H  N N 371 
TRP HD1  H  N N 372 
TRP HE1  H  N N 373 
TRP HE3  H  N N 374 
TRP HZ2  H  N N 375 
TRP HZ3  H  N N 376 
TRP HH2  H  N N 377 
TRP HXT  H  N N 378 
TYR N    N  N N 379 
TYR CA   C  N S 380 
TYR C    C  N N 381 
TYR O    O  N N 382 
TYR CB   C  N N 383 
TYR CG   C  Y N 384 
TYR CD1  C  Y N 385 
TYR CD2  C  Y N 386 
TYR CE1  C  Y N 387 
TYR CE2  C  Y N 388 
TYR CZ   C  Y N 389 
TYR OH   O  N N 390 
TYR OXT  O  N N 391 
TYR H    H  N N 392 
TYR H2   H  N N 393 
TYR HA   H  N N 394 
TYR HB2  H  N N 395 
TYR HB3  H  N N 396 
TYR HD1  H  N N 397 
TYR HD2  H  N N 398 
TYR HE1  H  N N 399 
TYR HE2  H  N N 400 
TYR HH   H  N N 401 
TYR HXT  H  N N 402 
VAL N    N  N N 403 
VAL CA   C  N S 404 
VAL C    C  N N 405 
VAL O    O  N N 406 
VAL CB   C  N N 407 
VAL CG1  C  N N 408 
VAL CG2  C  N N 409 
VAL OXT  O  N N 410 
VAL H    H  N N 411 
VAL H2   H  N N 412 
VAL HA   H  N N 413 
VAL HB   H  N N 414 
VAL HG11 H  N N 415 
VAL HG12 H  N N 416 
VAL HG13 H  N N 417 
VAL HG21 H  N N 418 
VAL HG22 H  N N 419 
VAL HG23 H  N N 420 
VAL HXT  H  N N 421 
# 
loop_
_chem_comp_bond.comp_id 
_chem_comp_bond.atom_id_1 
_chem_comp_bond.atom_id_2 
_chem_comp_bond.value_order 
_chem_comp_bond.pdbx_aromatic_flag 
_chem_comp_bond.pdbx_stereo_config 
_chem_comp_bond.pdbx_ordinal 
ALA N   CA   sing N N 1   
ALA N   H    sing N N 2   
ALA N   H2   sing N N 3   
ALA CA  C    sing N N 4   
ALA CA  CB   sing N N 5   
ALA CA  HA   sing N N 6   
ALA C   O    doub N N 7   
ALA C   OXT  sing N N 8   
ALA CB  HB1  sing N N 9   
ALA CB  HB2  sing N N 10  
ALA CB  HB3  sing N N 11  
ALA OXT HXT  sing N N 12  
ARG N   CA   sing N N 13  
ARG N   H    sing N N 14  
ARG N   H2   sing N N 15  
ARG CA  C    sing N N 16  
ARG CA  CB   sing N N 17  
ARG CA  HA   sing N N 18  
ARG C   O    doub N N 19  
ARG C   OXT  sing N N 20  
ARG CB  CG   sing N N 21  
ARG CB  HB2  sing N N 22  
ARG CB  HB3  sing N N 23  
ARG CG  CD   sing N N 24  
ARG CG  HG2  sing N N 25  
ARG CG  HG3  sing N N 26  
ARG CD  NE   sing N N 27  
ARG CD  HD2  sing N N 28  
ARG CD  HD3  sing N N 29  
ARG NE  CZ   sing N N 30  
ARG NE  HE   sing N N 31  
ARG CZ  NH1  sing N N 32  
ARG CZ  NH2  doub N N 33  
ARG NH1 HH11 sing N N 34  
ARG NH1 HH12 sing N N 35  
ARG NH2 HH21 sing N N 36  
ARG NH2 HH22 sing N N 37  
ARG OXT HXT  sing N N 38  
ASN N   CA   sing N N 39  
ASN N   H    sing N N 40  
ASN N   H2   sing N N 41  
ASN CA  C    sing N N 42  
ASN CA  CB   sing N N 43  
ASN CA  HA   sing N N 44  
ASN C   O    doub N N 45  
ASN C   OXT  sing N N 46  
ASN CB  CG   sing N N 47  
ASN CB  HB2  sing N N 48  
ASN CB  HB3  sing N N 49  
ASN CG  OD1  doub N N 50  
ASN CG  ND2  sing N N 51  
ASN ND2 HD21 sing N N 52  
ASN ND2 HD22 sing N N 53  
ASN OXT HXT  sing N N 54  
ASP N   CA   sing N N 55  
ASP N   H    sing N N 56  
ASP N   H2   sing N N 57  
ASP CA  C    sing N N 58  
ASP CA  CB   sing N N 59  
ASP CA  HA   sing N N 60  
ASP C   O    doub N N 61  
ASP C   OXT  sing N N 62  
ASP CB  CG   sing N N 63  
ASP CB  HB2  sing N N 64  
ASP CB  HB3  sing N N 65  
ASP CG  OD1  doub N N 66  
ASP CG  OD2  sing N N 67  
ASP OD2 HD2  sing N N 68  
ASP OXT HXT  sing N N 69  
CYS N   CA   sing N N 70  
CYS N   H    sing N N 71  
CYS N   H2   sing N N 72  
CYS CA  C    sing N N 73  
CYS CA  CB   sing N N 74  
CYS CA  HA   sing N N 75  
CYS C   O    doub N N 76  
CYS C   OXT  sing N N 77  
CYS CB  SG   sing N N 78  
CYS CB  HB2  sing N N 79  
CYS CB  HB3  sing N N 80  
CYS SG  HG   sing N N 81  
CYS OXT HXT  sing N N 82  
GLN N   CA   sing N N 83  
GLN N   H    sing N N 84  
GLN N   H2   sing N N 85  
GLN CA  C    sing N N 86  
GLN CA  CB   sing N N 87  
GLN CA  HA   sing N N 88  
GLN C   O    doub N N 89  
GLN C   OXT  sing N N 90  
GLN CB  CG   sing N N 91  
GLN CB  HB2  sing N N 92  
GLN CB  HB3  sing N N 93  
GLN CG  CD   sing N N 94  
GLN CG  HG2  sing N N 95  
GLN CG  HG3  sing N N 96  
GLN CD  OE1  doub N N 97  
GLN CD  NE2  sing N N 98  
GLN NE2 HE21 sing N N 99  
GLN NE2 HE22 sing N N 100 
GLN OXT HXT  sing N N 101 
GLU N   CA   sing N N 102 
GLU N   H    sing N N 103 
GLU N   H2   sing N N 104 
GLU CA  C    sing N N 105 
GLU CA  CB   sing N N 106 
GLU CA  HA   sing N N 107 
GLU C   O    doub N N 108 
GLU C   OXT  sing N N 109 
GLU CB  CG   sing N N 110 
GLU CB  HB2  sing N N 111 
GLU CB  HB3  sing N N 112 
GLU CG  CD   sing N N 113 
GLU CG  HG2  sing N N 114 
GLU CG  HG3  sing N N 115 
GLU CD  OE1  doub N N 116 
GLU CD  OE2  sing N N 117 
GLU OE2 HE2  sing N N 118 
GLU OXT HXT  sing N N 119 
GLY N   CA   sing N N 120 
GLY N   H    sing N N 121 
GLY N   H2   sing N N 122 
GLY CA  C    sing N N 123 
GLY CA  HA2  sing N N 124 
GLY CA  HA3  sing N N 125 
GLY C   O    doub N N 126 
GLY C   OXT  sing N N 127 
GLY OXT HXT  sing N N 128 
GWA C1  C2   sing N N 129 
GWA O1  C2   doub N N 130 
GWA C2  N1   sing N N 131 
GWA N1  C3   sing N N 132 
GWA O2  C9   doub N N 133 
GWA C3  C8   doub Y N 134 
GWA C3  C4   sing Y N 135 
GWA C8  C7   sing Y N 136 
GWA C9  C10  sing N N 137 
GWA C9  N2   sing N N 138 
GWA C10 O3   sing N N 139 
GWA C4  C5   doub Y N 140 
GWA C7  N2   sing N N 141 
GWA C7  C6   doub Y N 142 
GWA O3  C11  sing N N 143 
GWA C5  C6   sing Y N 144 
GWA N1  H1   sing N N 145 
GWA C4  H2   sing N N 146 
GWA C5  H3   sing N N 147 
GWA C6  H4   sing N N 148 
GWA C8  H5   sing N N 149 
GWA C10 H6   sing N N 150 
GWA C10 H7   sing N N 151 
GWA C1  H8   sing N N 152 
GWA C1  H9   sing N N 153 
GWA C1  H10  sing N N 154 
GWA N2  H11  sing N N 155 
GWA C11 H12  sing N N 156 
GWA C11 H13  sing N N 157 
GWA C11 H14  sing N N 158 
HIS N   CA   sing N N 159 
HIS N   H    sing N N 160 
HIS N   H2   sing N N 161 
HIS CA  C    sing N N 162 
HIS CA  CB   sing N N 163 
HIS CA  HA   sing N N 164 
HIS C   O    doub N N 165 
HIS C   OXT  sing N N 166 
HIS CB  CG   sing N N 167 
HIS CB  HB2  sing N N 168 
HIS CB  HB3  sing N N 169 
HIS CG  ND1  sing Y N 170 
HIS CG  CD2  doub Y N 171 
HIS ND1 CE1  doub Y N 172 
HIS ND1 HD1  sing N N 173 
HIS CD2 NE2  sing Y N 174 
HIS CD2 HD2  sing N N 175 
HIS CE1 NE2  sing Y N 176 
HIS CE1 HE1  sing N N 177 
HIS NE2 HE2  sing N N 178 
HIS OXT HXT  sing N N 179 
HOH O   H1   sing N N 180 
HOH O   H2   sing N N 181 
ILE N   CA   sing N N 182 
ILE N   H    sing N N 183 
ILE N   H2   sing N N 184 
ILE CA  C    sing N N 185 
ILE CA  CB   sing N N 186 
ILE CA  HA   sing N N 187 
ILE C   O    doub N N 188 
ILE C   OXT  sing N N 189 
ILE CB  CG1  sing N N 190 
ILE CB  CG2  sing N N 191 
ILE CB  HB   sing N N 192 
ILE CG1 CD1  sing N N 193 
ILE CG1 HG12 sing N N 194 
ILE CG1 HG13 sing N N 195 
ILE CG2 HG21 sing N N 196 
ILE CG2 HG22 sing N N 197 
ILE CG2 HG23 sing N N 198 
ILE CD1 HD11 sing N N 199 
ILE CD1 HD12 sing N N 200 
ILE CD1 HD13 sing N N 201 
ILE OXT HXT  sing N N 202 
LEU N   CA   sing N N 203 
LEU N   H    sing N N 204 
LEU N   H2   sing N N 205 
LEU CA  C    sing N N 206 
LEU CA  CB   sing N N 207 
LEU CA  HA   sing N N 208 
LEU C   O    doub N N 209 
LEU C   OXT  sing N N 210 
LEU CB  CG   sing N N 211 
LEU CB  HB2  sing N N 212 
LEU CB  HB3  sing N N 213 
LEU CG  CD1  sing N N 214 
LEU CG  CD2  sing N N 215 
LEU CG  HG   sing N N 216 
LEU CD1 HD11 sing N N 217 
LEU CD1 HD12 sing N N 218 
LEU CD1 HD13 sing N N 219 
LEU CD2 HD21 sing N N 220 
LEU CD2 HD22 sing N N 221 
LEU CD2 HD23 sing N N 222 
LEU OXT HXT  sing N N 223 
LYS N   CA   sing N N 224 
LYS N   H    sing N N 225 
LYS N   H2   sing N N 226 
LYS CA  C    sing N N 227 
LYS CA  CB   sing N N 228 
LYS CA  HA   sing N N 229 
LYS C   O    doub N N 230 
LYS C   OXT  sing N N 231 
LYS CB  CG   sing N N 232 
LYS CB  HB2  sing N N 233 
LYS CB  HB3  sing N N 234 
LYS CG  CD   sing N N 235 
LYS CG  HG2  sing N N 236 
LYS CG  HG3  sing N N 237 
LYS CD  CE   sing N N 238 
LYS CD  HD2  sing N N 239 
LYS CD  HD3  sing N N 240 
LYS CE  NZ   sing N N 241 
LYS CE  HE2  sing N N 242 
LYS CE  HE3  sing N N 243 
LYS NZ  HZ1  sing N N 244 
LYS NZ  HZ2  sing N N 245 
LYS NZ  HZ3  sing N N 246 
LYS OXT HXT  sing N N 247 
MET N   CA   sing N N 248 
MET N   H    sing N N 249 
MET N   H2   sing N N 250 
MET CA  C    sing N N 251 
MET CA  CB   sing N N 252 
MET CA  HA   sing N N 253 
MET C   O    doub N N 254 
MET C   OXT  sing N N 255 
MET CB  CG   sing N N 256 
MET CB  HB2  sing N N 257 
MET CB  HB3  sing N N 258 
MET CG  SD   sing N N 259 
MET CG  HG2  sing N N 260 
MET CG  HG3  sing N N 261 
MET SD  CE   sing N N 262 
MET CE  HE1  sing N N 263 
MET CE  HE2  sing N N 264 
MET CE  HE3  sing N N 265 
MET OXT HXT  sing N N 266 
PHE N   CA   sing N N 267 
PHE N   H    sing N N 268 
PHE N   H2   sing N N 269 
PHE CA  C    sing N N 270 
PHE CA  CB   sing N N 271 
PHE CA  HA   sing N N 272 
PHE C   O    doub N N 273 
PHE C   OXT  sing N N 274 
PHE CB  CG   sing N N 275 
PHE CB  HB2  sing N N 276 
PHE CB  HB3  sing N N 277 
PHE CG  CD1  doub Y N 278 
PHE CG  CD2  sing Y N 279 
PHE CD1 CE1  sing Y N 280 
PHE CD1 HD1  sing N N 281 
PHE CD2 CE2  doub Y N 282 
PHE CD2 HD2  sing N N 283 
PHE CE1 CZ   doub Y N 284 
PHE CE1 HE1  sing N N 285 
PHE CE2 CZ   sing Y N 286 
PHE CE2 HE2  sing N N 287 
PHE CZ  HZ   sing N N 288 
PHE OXT HXT  sing N N 289 
PRO N   CA   sing N N 290 
PRO N   CD   sing N N 291 
PRO N   H    sing N N 292 
PRO CA  C    sing N N 293 
PRO CA  CB   sing N N 294 
PRO CA  HA   sing N N 295 
PRO C   O    doub N N 296 
PRO C   OXT  sing N N 297 
PRO CB  CG   sing N N 298 
PRO CB  HB2  sing N N 299 
PRO CB  HB3  sing N N 300 
PRO CG  CD   sing N N 301 
PRO CG  HG2  sing N N 302 
PRO CG  HG3  sing N N 303 
PRO CD  HD2  sing N N 304 
PRO CD  HD3  sing N N 305 
PRO OXT HXT  sing N N 306 
SER N   CA   sing N N 307 
SER N   H    sing N N 308 
SER N   H2   sing N N 309 
SER CA  C    sing N N 310 
SER CA  CB   sing N N 311 
SER CA  HA   sing N N 312 
SER C   O    doub N N 313 
SER C   OXT  sing N N 314 
SER CB  OG   sing N N 315 
SER CB  HB2  sing N N 316 
SER CB  HB3  sing N N 317 
SER OG  HG   sing N N 318 
SER OXT HXT  sing N N 319 
THR N   CA   sing N N 320 
THR N   H    sing N N 321 
THR N   H2   sing N N 322 
THR CA  C    sing N N 323 
THR CA  CB   sing N N 324 
THR CA  HA   sing N N 325 
THR C   O    doub N N 326 
THR C   OXT  sing N N 327 
THR CB  OG1  sing N N 328 
THR CB  CG2  sing N N 329 
THR CB  HB   sing N N 330 
THR OG1 HG1  sing N N 331 
THR CG2 HG21 sing N N 332 
THR CG2 HG22 sing N N 333 
THR CG2 HG23 sing N N 334 
THR OXT HXT  sing N N 335 
TRP N   CA   sing N N 336 
TRP N   H    sing N N 337 
TRP N   H2   sing N N 338 
TRP CA  C    sing N N 339 
TRP CA  CB   sing N N 340 
TRP CA  HA   sing N N 341 
TRP C   O    doub N N 342 
TRP C   OXT  sing N N 343 
TRP CB  CG   sing N N 344 
TRP CB  HB2  sing N N 345 
TRP CB  HB3  sing N N 346 
TRP CG  CD1  doub Y N 347 
TRP CG  CD2  sing Y N 348 
TRP CD1 NE1  sing Y N 349 
TRP CD1 HD1  sing N N 350 
TRP CD2 CE2  doub Y N 351 
TRP CD2 CE3  sing Y N 352 
TRP NE1 CE2  sing Y N 353 
TRP NE1 HE1  sing N N 354 
TRP CE2 CZ2  sing Y N 355 
TRP CE3 CZ3  doub Y N 356 
TRP CE3 HE3  sing N N 357 
TRP CZ2 CH2  doub Y N 358 
TRP CZ2 HZ2  sing N N 359 
TRP CZ3 CH2  sing Y N 360 
TRP CZ3 HZ3  sing N N 361 
TRP CH2 HH2  sing N N 362 
TRP OXT HXT  sing N N 363 
TYR N   CA   sing N N 364 
TYR N   H    sing N N 365 
TYR N   H2   sing N N 366 
TYR CA  C    sing N N 367 
TYR CA  CB   sing N N 368 
TYR CA  HA   sing N N 369 
TYR C   O    doub N N 370 
TYR C   OXT  sing N N 371 
TYR CB  CG   sing N N 372 
TYR CB  HB2  sing N N 373 
TYR CB  HB3  sing N N 374 
TYR CG  CD1  doub Y N 375 
TYR CG  CD2  sing Y N 376 
TYR CD1 CE1  sing Y N 377 
TYR CD1 HD1  sing N N 378 
TYR CD2 CE2  doub Y N 379 
TYR CD2 HD2  sing N N 380 
TYR CE1 CZ   doub Y N 381 
TYR CE1 HE1  sing N N 382 
TYR CE2 CZ   sing Y N 383 
TYR CE2 HE2  sing N N 384 
TYR CZ  OH   sing N N 385 
TYR OH  HH   sing N N 386 
TYR OXT HXT  sing N N 387 
VAL N   CA   sing N N 388 
VAL N   H    sing N N 389 
VAL N   H2   sing N N 390 
VAL CA  C    sing N N 391 
VAL CA  CB   sing N N 392 
VAL CA  HA   sing N N 393 
VAL C   O    doub N N 394 
VAL C   OXT  sing N N 395 
VAL CB  CG1  sing N N 396 
VAL CB  CG2  sing N N 397 
VAL CB  HB   sing N N 398 
VAL CG1 HG11 sing N N 399 
VAL CG1 HG12 sing N N 400 
VAL CG1 HG13 sing N N 401 
VAL CG2 HG21 sing N N 402 
VAL CG2 HG22 sing N N 403 
VAL CG2 HG23 sing N N 404 
VAL OXT HXT  sing N N 405 
# 
_pdbx_deposit_group.group_id            G_1002080 
_pdbx_deposit_group.group_description   
;Human Brachyury screened against the DSI-poised Fragment Library by X-ray Crystallography at the XChem facility of Diamond Light Source beamline I04-1
;
_pdbx_deposit_group.group_title         'PanDDA analysis group deposition' 
_pdbx_deposit_group.group_type          'changed state' 
# 
_pdbx_entity_instance_feature.ordinal        1 
_pdbx_entity_instance_feature.comp_id        GWA 
_pdbx_entity_instance_feature.asym_id        ? 
_pdbx_entity_instance_feature.seq_num        ? 
_pdbx_entity_instance_feature.auth_comp_id   GWA 
_pdbx_entity_instance_feature.auth_asym_id   ? 
_pdbx_entity_instance_feature.auth_seq_num   ? 
_pdbx_entity_instance_feature.feature_type   'SUBJECT OF INVESTIGATION' 
_pdbx_entity_instance_feature.details        ? 
# 
_atom_sites.entry_id                    5QRT 
_atom_sites.fract_transf_matrix[1][1]   0.00984461 
_atom_sites.fract_transf_matrix[1][2]   -0.00421664 
_atom_sites.fract_transf_matrix[1][3]   0.01278903 
_atom_sites.fract_transf_matrix[2][1]   0.00253528 
_atom_sites.fract_transf_matrix[2][2]   -0.01497847 
_atom_sites.fract_transf_matrix[2][3]   -0.00689010 
_atom_sites.fract_transf_matrix[3][1]   0.00718713 
_atom_sites.fract_transf_matrix[3][2]   0.00326607 
_atom_sites.fract_transf_matrix[3][3]   -0.00445558 
_atom_sites.fract_transf_vector[1]      0.344573 
_atom_sites.fract_transf_vector[2]      -0.020774 
_atom_sites.fract_transf_vector[3]      0.060386 
# 
loop_
_atom_type.symbol 
C  
CD 
N  
O  
S  
# 
loop_
_atom_site.group_PDB 
_atom_site.id 
_atom_site.type_symbol 
_atom_site.label_atom_id 
_atom_site.label_alt_id 
_atom_site.label_comp_id 
_atom_site.label_asym_id 
_atom_site.label_entity_id 
_atom_site.label_seq_id 
_atom_site.pdbx_PDB_ins_code 
_atom_site.Cartn_x 
_atom_site.Cartn_y 
_atom_site.Cartn_z 
_atom_site.occupancy 
_atom_site.B_iso_or_equiv 
_atom_site.pdbx_formal_charge 
_atom_site.auth_seq_id 
_atom_site.auth_comp_id 
_atom_site.auth_asym_id 
_atom_site.auth_atom_id 
_atom_site.pdbx_PDB_model_num 
ATOM   1    N  N   . GLU A 1 2   ? 15.048  10.998  15.937  1.00 81.89  ? 41  GLU A N   1 
ATOM   2    C  CA  . GLU A 1 2   ? 14.129  9.832   15.806  1.00 80.78  ? 41  GLU A CA  1 
ATOM   3    C  C   . GLU A 1 2   ? 13.586  9.819   14.363  1.00 74.29  ? 41  GLU A C   1 
ATOM   4    O  O   . GLU A 1 2   ? 13.110  10.867  13.880  1.00 66.49  ? 41  GLU A O   1 
ATOM   5    C  CB  . GLU A 1 2   ? 13.037  9.897   16.890  1.00 85.13  ? 41  GLU A CB  1 
ATOM   6    C  CG  . GLU A 1 2   ? 12.739  8.570   17.599  1.00 84.66  ? 41  GLU A CG  1 
ATOM   7    C  CD  . GLU A 1 2   ? 13.598  8.223   18.812  1.00 88.84  ? 41  GLU A CD  1 
ATOM   8    O  OE1 . GLU A 1 2   ? 13.037  7.909   19.892  1.00 85.70  ? 41  GLU A OE1 1 
ATOM   9    O  OE2 . GLU A 1 2   ? 14.832  8.237   18.672  1.00 89.41  ? 41  GLU A OE2 1 
ATOM   10   N  N   . LEU A 1 3   ? 13.723  8.678   13.686  1.00 65.23  ? 42  LEU A N   1 
ATOM   11   C  CA  . LEU A 1 3   ? 13.091  8.370   12.376  1.00 63.28  ? 42  LEU A CA  1 
ATOM   12   C  C   . LEU A 1 3   ? 11.568  8.537   12.493  1.00 59.97  ? 42  LEU A C   1 
ATOM   13   O  O   . LEU A 1 3   ? 10.973  7.802   13.265  1.00 60.92  ? 42  LEU A O   1 
ATOM   14   C  CB  . LEU A 1 3   ? 13.487  6.932   12.027  1.00 60.17  ? 42  LEU A CB  1 
ATOM   15   C  CG  . LEU A 1 3   ? 13.097  6.400   10.652  1.00 63.93  ? 42  LEU A CG  1 
ATOM   16   C  CD1 . LEU A 1 3   ? 12.784  7.513   9.662   1.00 68.52  ? 42  LEU A CD1 1 
ATOM   17   C  CD2 . LEU A 1 3   ? 14.209  5.501   10.118  1.00 67.02  ? 42  LEU A CD2 1 
ATOM   18   N  N   . ARG A 1 4   ? 10.977  9.509   11.797  1.00 52.36  ? 43  ARG A N   1 
ATOM   19   C  CA  . ARG A 1 4   ? 9.519   9.774   11.803  1.00 50.84  ? 43  ARG A CA  1 
ATOM   20   C  C   . ARG A 1 4   ? 8.973   9.420   10.418  1.00 52.60  ? 43  ARG A C   1 
ATOM   21   O  O   . ARG A 1 4   ? 9.531   9.924   9.408   1.00 48.24  ? 43  ARG A O   1 
ATOM   22   C  CB  . ARG A 1 4   ? 9.238   11.230  12.188  1.00 45.18  ? 43  ARG A CB  1 
ATOM   23   N  N   . VAL A 1 5   ? 7.964   8.543   10.367  1.00 53.64  ? 44  VAL A N   1 
ATOM   24   C  CA  . VAL A 1 5   ? 7.193   8.215   9.130   1.00 52.79  ? 44  VAL A CA  1 
ATOM   25   C  C   . VAL A 1 5   ? 5.745   8.679   9.308   1.00 55.07  ? 44  VAL A C   1 
ATOM   26   O  O   . VAL A 1 5   ? 5.096   8.197   10.271  1.00 49.05  ? 44  VAL A O   1 
ATOM   27   C  CB  . VAL A 1 5   ? 7.236   6.708   8.814   1.00 53.52  ? 44  VAL A CB  1 
ATOM   28   C  CG1 . VAL A 1 5   ? 6.420   6.391   7.564   1.00 48.60  ? 44  VAL A CG1 1 
ATOM   29   C  CG2 . VAL A 1 5   ? 8.657   6.195   8.676   1.00 51.87  ? 44  VAL A CG2 1 
ATOM   30   N  N   . GLY A 1 6   ? 5.245   9.511   8.387   1.00 51.17  ? 45  GLY A N   1 
ATOM   31   C  CA  . GLY A 1 6   ? 3.871   10.054  8.386   1.00 52.56  ? 45  GLY A CA  1 
ATOM   32   C  C   . GLY A 1 6   ? 3.201   9.944   7.021   1.00 50.01  ? 45  GLY A C   1 
ATOM   33   O  O   . GLY A 1 6   ? 3.903   9.972   5.997   1.00 49.59  ? 45  GLY A O   1 
ATOM   34   N  N   . LEU A 1 7   ? 1.870   9.849   7.002   1.00 47.57  ? 46  LEU A N   1 
ATOM   35   C  CA  . LEU A 1 7   ? 1.065   9.717   5.767   1.00 43.80  ? 46  LEU A CA  1 
ATOM   36   C  C   . LEU A 1 7   ? 0.751   11.106  5.206   1.00 46.77  ? 46  LEU A C   1 
ATOM   37   O  O   . LEU A 1 7   ? 0.233   11.928  5.963   1.00 49.40  ? 46  LEU A O   1 
ATOM   38   C  CB  . LEU A 1 7   ? -0.212  8.948   6.115   1.00 46.29  ? 46  LEU A CB  1 
ATOM   39   C  CG  . LEU A 1 7   ? -1.155  8.693   4.949   1.00 40.47  ? 46  LEU A CG  1 
ATOM   40   C  CD1 . LEU A 1 7   ? -0.478  7.880   3.874   1.00 41.40  ? 46  LEU A CD1 1 
ATOM   41   C  CD2 . LEU A 1 7   ? -2.412  8.015   5.430   1.00 40.49  ? 46  LEU A CD2 1 
ATOM   42   N  N   . GLU A 1 8   ? 1.080   11.363  3.936   1.00 41.97  ? 47  GLU A N   1 
ATOM   43   C  CA  . GLU A 1 8   ? 0.738   12.636  3.258   1.00 45.94  ? 47  GLU A CA  1 
ATOM   44   C  C   . GLU A 1 8   ? -0.715  12.469  2.814   1.00 45.65  ? 47  GLU A C   1 
ATOM   45   O  O   . GLU A 1 8   ? -1.086  11.325  2.471   1.00 40.90  ? 47  GLU A O   1 
ATOM   46   C  CB  . GLU A 1 8   ? 1.755   12.925  2.144   1.00 52.24  ? 47  GLU A CB  1 
ATOM   47   C  CG  . GLU A 1 8   ? 1.406   14.112  1.253   1.00 58.69  ? 47  GLU A CG  1 
ATOM   48   C  CD  . GLU A 1 8   ? 1.764   15.491  1.793   1.00 66.21  ? 47  GLU A CD  1 
ATOM   49   O  OE1 . GLU A 1 8   ? 2.101   15.584  2.985   1.00 64.26  ? 47  GLU A OE1 1 
ATOM   50   O  OE2 . GLU A 1 8   ? 1.702   16.480  1.013   1.00 77.28  ? 47  GLU A OE2 1 
ATOM   51   N  N   . GLU A 1 9   ? -1.519  13.535  2.910   1.00 42.25  ? 48  GLU A N   1 
ATOM   52   C  CA  . GLU A 1 9   ? -2.959  13.541  2.529   1.00 47.05  ? 48  GLU A CA  1 
ATOM   53   C  C   . GLU A 1 9   ? -3.731  12.487  3.332   1.00 47.40  ? 48  GLU A C   1 
ATOM   54   O  O   . GLU A 1 9   ? -4.576  11.774  2.733   1.00 44.36  ? 48  GLU A O   1 
ATOM   55   C  CB  . GLU A 1 9   ? -3.147  13.251  1.039   1.00 51.88  ? 48  GLU A CB  1 
ATOM   56   C  CG  . GLU A 1 9   ? -2.372  14.181  0.122   1.00 57.62  ? 48  GLU A CG  1 
ATOM   57   C  CD  . GLU A 1 9   ? -2.606  13.923  -1.357  1.00 61.93  ? 48  GLU A CD  1 
ATOM   58   O  OE1 . GLU A 1 9   ? -3.767  14.033  -1.797  1.00 67.86  ? 48  GLU A OE1 1 
ATOM   59   O  OE2 . GLU A 1 9   ? -1.635  13.578  -2.059  1.00 68.76  ? 48  GLU A OE2 1 
ATOM   60   N  N   . SER A 1 10  ? -3.537  12.408  4.650   1.00 40.39  ? 49  SER A N   1 
ATOM   61   C  CA  . SER A 1 10  ? -4.384  11.522  5.494   1.00 45.86  ? 49  SER A CA  1 
ATOM   62   C  C   . SER A 1 10  ? -5.855  11.956  5.378   1.00 39.40  ? 49  SER A C   1 
ATOM   63   O  O   . SER A 1 10  ? -6.702  11.071  5.340   1.00 43.89  ? 49  SER A O   1 
ATOM   64   C  CB  . SER A 1 10  ? -3.907  11.453  6.924   1.00 43.34  ? 49  SER A CB  1 
ATOM   65   O  OG  . SER A 1 10  ? -3.789  12.758  7.456   1.00 49.10  ? 49  SER A OG  1 
ATOM   66   N  N   . GLU A 1 11  ? -6.129  13.263  5.353   1.00 42.49  ? 50  GLU A N   1 
ATOM   67   C  CA  . GLU A 1 11  ? -7.445  13.893  5.030   1.00 52.08  ? 50  GLU A CA  1 
ATOM   68   C  C   . GLU A 1 11  ? -8.243  13.015  4.054   1.00 47.14  ? 50  GLU A C   1 
ATOM   69   O  O   . GLU A 1 11  ? -9.379  12.595  4.382   1.00 49.07  ? 50  GLU A O   1 
ATOM   70   C  CB  . GLU A 1 11  ? -7.201  15.270  4.394   1.00 56.73  ? 50  GLU A CB  1 
ATOM   71   C  CG  . GLU A 1 11  ? -8.269  15.717  3.396   1.00 65.37  ? 50  GLU A CG  1 
ATOM   72   C  CD  . GLU A 1 11  ? -9.580  16.066  4.075   1.00 68.54  ? 50  GLU A CD  1 
ATOM   73   O  OE1 . GLU A 1 11  ? -10.632 16.017  3.425   1.00 60.21  ? 50  GLU A OE1 1 
ATOM   74   O  OE2 . GLU A 1 11  ? -9.532  16.377  5.278   1.00 80.54  ? 50  GLU A OE2 1 
ATOM   75   N  N   . LEU A 1 12  ? -7.654  12.765  2.891   1.00 42.32  ? 51  LEU A N   1 
ATOM   76   C  CA  . LEU A 1 12  ? -8.330  12.154  1.715   1.00 48.17  ? 51  LEU A CA  1 
ATOM   77   C  C   . LEU A 1 12  ? -8.486  10.651  1.941   1.00 42.63  ? 51  LEU A C   1 
ATOM   78   O  O   . LEU A 1 12  ? -9.569  10.096  1.706   1.00 40.61  ? 51  LEU A O   1 
ATOM   79   C  CB  . LEU A 1 12  ? -7.483  12.421  0.467   1.00 50.38  ? 51  LEU A CB  1 
ATOM   80   C  CG  . LEU A 1 12  ? -8.111  11.929  -0.839  1.00 53.75  ? 51  LEU A CG  1 
ATOM   81   C  CD1 . LEU A 1 12  ? -9.555  12.396  -0.948  1.00 53.60  ? 51  LEU A CD1 1 
ATOM   82   C  CD2 . LEU A 1 12  ? -7.301  12.371  -2.041  1.00 54.29  ? 51  LEU A CD2 1 
ATOM   83   N  N   . TRP A 1 13  ? -7.417  10.008  2.394   1.00 39.09  ? 52  TRP A N   1 
ATOM   84   C  CA  . TRP A 1 13  ? -7.444  8.571   2.741   1.00 37.28  ? 52  TRP A CA  1 
ATOM   85   C  C   . TRP A 1 13  ? -8.592  8.287   3.715   1.00 41.03  ? 52  TRP A C   1 
ATOM   86   O  O   . TRP A 1 13  ? -9.267  7.254   3.522   1.00 40.23  ? 52  TRP A O   1 
ATOM   87   C  CB  . TRP A 1 13  ? -6.106  8.143   3.313   1.00 33.18  ? 52  TRP A CB  1 
ATOM   88   C  CG  . TRP A 1 13  ? -5.062  7.864   2.281   1.00 30.85  ? 52  TRP A CG  1 
ATOM   89   C  CD1 . TRP A 1 13  ? -4.011  8.662   1.957   1.00 30.46  ? 52  TRP A CD1 1 
ATOM   90   C  CD2 . TRP A 1 13  ? -4.949  6.687   1.449   1.00 30.21  ? 52  TRP A CD2 1 
ATOM   91   N  NE1 . TRP A 1 13  ? -3.260  8.077   0.970   1.00 32.72  ? 52  TRP A NE1 1 
ATOM   92   C  CE2 . TRP A 1 13  ? -3.804  6.864   0.647   1.00 29.25  ? 52  TRP A CE2 1 
ATOM   93   C  CE3 . TRP A 1 13  ? -5.728  5.538   1.254   1.00 30.92  ? 52  TRP A CE3 1 
ATOM   94   C  CZ2 . TRP A 1 13  ? -3.383  5.911   -0.275  1.00 30.48  ? 52  TRP A CZ2 1 
ATOM   95   C  CZ3 . TRP A 1 13  ? -5.306  4.583   0.356   1.00 31.53  ? 52  TRP A CZ3 1 
ATOM   96   C  CH2 . TRP A 1 13  ? -4.149  4.777   -0.413  1.00 32.12  ? 52  TRP A CH2 1 
ATOM   97   N  N   . LEU A 1 14  ? -8.816  9.161   4.706   1.00 39.85  ? 53  LEU A N   1 
ATOM   98   C  CA  . LEU A 1 14  ? -9.858  8.929   5.753   1.00 43.16  ? 53  LEU A CA  1 
ATOM   99   C  C   . LEU A 1 14  ? -11.262 8.951   5.124   1.00 45.78  ? 53  LEU A C   1 
ATOM   100  O  O   . LEU A 1 14  ? -12.143 8.174   5.595   1.00 46.55  ? 53  LEU A O   1 
ATOM   101  C  CB  . LEU A 1 14  ? -9.702  9.959   6.881   1.00 49.39  ? 53  LEU A CB  1 
ATOM   102  C  CG  . LEU A 1 14  ? -8.874  9.539   8.110   1.00 55.83  ? 53  LEU A CG  1 
ATOM   103  C  CD1 . LEU A 1 14  ? -8.122  8.226   7.920   1.00 56.21  ? 53  LEU A CD1 1 
ATOM   104  C  CD2 . LEU A 1 14  ? -7.906  10.638  8.518   1.00 59.85  ? 53  LEU A CD2 1 
ATOM   105  N  N   . ARG A 1 15  ? -11.479 9.767   4.088   1.00 47.28  ? 54  ARG A N   1 
ATOM   106  C  CA  . ARG A 1 15  ? -12.761 9.759   3.341   1.00 48.59  ? 54  ARG A CA  1 
ATOM   107  C  C   . ARG A 1 15  ? -12.972 8.370   2.731   1.00 43.22  ? 54  ARG A C   1 
ATOM   108  O  O   . ARG A 1 15  ? -14.105 7.870   2.797   1.00 47.76  ? 54  ARG A O   1 
ATOM   109  C  CB  . ARG A 1 15  ? -12.785 10.814  2.233   1.00 58.26  ? 54  ARG A CB  1 
ATOM   110  C  CG  . ARG A 1 15  ? -12.324 12.195  2.678   1.00 64.93  ? 54  ARG A CG  1 
ATOM   111  C  CD  . ARG A 1 15  ? -13.467 13.135  2.953   1.00 66.40  ? 54  ARG A CD  1 
ATOM   112  N  NE  . ARG A 1 15  ? -14.140 13.498  1.721   1.00 66.70  ? 54  ARG A NE  1 
ATOM   113  C  CZ  . ARG A 1 15  ? -13.797 14.511  0.933   1.00 70.40  ? 54  ARG A CZ  1 
ATOM   114  N  NH1 . ARG A 1 15  ? -12.765 15.290  1.222   1.00 71.69  ? 54  ARG A NH1 1 
ATOM   115  N  NH2 . ARG A 1 15  ? -14.502 14.737  -0.157  1.00 70.72  ? 54  ARG A NH2 1 
ATOM   116  N  N   . PHE A 1 16  ? -11.936 7.788   2.129   1.00 34.19  ? 55  PHE A N   1 
ATOM   117  C  CA  . PHE A 1 16  ? -12.012 6.462   1.458   1.00 36.26  ? 55  PHE A CA  1 
ATOM   118  C  C   . PHE A 1 16  ? -12.267 5.421   2.520   1.00 41.16  ? 55  PHE A C   1 
ATOM   119  O  O   . PHE A 1 16  ? -13.181 4.556   2.368   1.00 36.91  ? 55  PHE A O   1 
ATOM   120  C  CB  . PHE A 1 16  ? -10.759 6.146   0.641   1.00 36.59  ? 55  PHE A CB  1 
ATOM   121  C  CG  . PHE A 1 16  ? -10.759 6.836   -0.693  1.00 37.43  ? 55  PHE A CG  1 
ATOM   122  C  CD1 . PHE A 1 16  ? -11.504 6.320   -1.742  1.00 38.18  ? 55  PHE A CD1 1 
ATOM   123  C  CD2 . PHE A 1 16  ? -10.098 8.040   -0.880  1.00 36.46  ? 55  PHE A CD2 1 
ATOM   124  C  CE1 . PHE A 1 16  ? -11.532 6.970   -2.967  1.00 39.08  ? 55  PHE A CE1 1 
ATOM   125  C  CE2 . PHE A 1 16  ? -10.119 8.682   -2.112  1.00 34.85  ? 55  PHE A CE2 1 
ATOM   126  C  CZ  . PHE A 1 16  ? -10.857 8.156   -3.141  1.00 38.72  ? 55  PHE A CZ  1 
ATOM   127  N  N   . LYS A 1 17  ? -11.467 5.506   3.590   1.00 37.62  ? 56  LYS A N   1 
ATOM   128  C  CA  . LYS A 1 17  ? -11.547 4.512   4.677   1.00 37.94  ? 56  LYS A CA  1 
ATOM   129  C  C   . LYS A 1 17  ? -12.950 4.518   5.280   1.00 35.88  ? 56  LYS A C   1 
ATOM   130  O  O   . LYS A 1 17  ? -13.442 3.415   5.520   1.00 37.38  ? 56  LYS A O   1 
ATOM   131  C  CB  . LYS A 1 17  ? -10.482 4.699   5.767   1.00 40.24  ? 56  LYS A CB  1 
ATOM   132  C  CG  . LYS A 1 17  ? -10.626 3.668   6.872   1.00 42.37  ? 56  LYS A CG  1 
ATOM   133  C  CD  . LYS A 1 17  ? -9.367  3.236   7.531   1.00 47.12  ? 56  LYS A CD  1 
ATOM   134  C  CE  . LYS A 1 17  ? -9.666  2.304   8.679   1.00 45.76  ? 56  LYS A CE  1 
ATOM   135  N  NZ  . LYS A 1 17  ? -8.478  2.218   9.551   1.00 52.66  ? 56  LYS A NZ  1 
ATOM   136  N  N   . GLU A 1 18  ? -13.562 5.673   5.549   1.00 40.23  ? 57  GLU A N   1 
ATOM   137  C  CA  . GLU A 1 18  ? -14.867 5.677   6.267   1.00 43.93  ? 57  GLU A CA  1 
ATOM   138  C  C   . GLU A 1 18  ? -15.942 5.022   5.387   1.00 44.00  ? 57  GLU A C   1 
ATOM   139  O  O   . GLU A 1 18  ? -16.928 4.560   5.977   1.00 45.46  ? 57  GLU A O   1 
ATOM   140  C  CB  . GLU A 1 18  ? -15.238 7.058   6.808   1.00 51.79  ? 57  GLU A CB  1 
ATOM   141  C  CG  . GLU A 1 18  ? -15.405 8.145   5.775   1.00 64.58  ? 57  GLU A CG  1 
ATOM   142  C  CD  . GLU A 1 18  ? -15.273 9.556   6.345   1.00 76.45  ? 57  GLU A CD  1 
ATOM   143  O  OE1 . GLU A 1 18  ? -14.696 9.693   7.455   1.00 78.10  ? 57  GLU A OE1 1 
ATOM   144  O  OE2 . GLU A 1 18  ? -15.743 10.525  5.682   1.00 66.29  ? 57  GLU A OE2 1 
ATOM   145  N  N   . LEU A 1 19  ? -15.721 4.859   4.069   1.00 44.68  ? 58  LEU A N   1 
ATOM   146  C  CA  . LEU A 1 19  ? -16.674 4.162   3.142   1.00 46.86  ? 58  LEU A CA  1 
ATOM   147  C  C   . LEU A 1 19  ? -16.297 2.702   2.931   1.00 42.44  ? 58  LEU A C   1 
ATOM   148  O  O   . LEU A 1 19  ? -17.037 2.024   2.214   1.00 41.64  ? 58  LEU A O   1 
ATOM   149  C  CB  . LEU A 1 19  ? -16.677 4.853   1.777   1.00 43.20  ? 58  LEU A CB  1 
ATOM   150  C  CG  . LEU A 1 19  ? -16.962 6.354   1.791   1.00 46.62  ? 58  LEU A CG  1 
ATOM   151  C  CD1 . LEU A 1 19  ? -16.764 6.941   0.396   1.00 50.78  ? 58  LEU A CD1 1 
ATOM   152  C  CD2 . LEU A 1 19  ? -18.361 6.656   2.306   1.00 45.95  ? 58  LEU A CD2 1 
ATOM   153  N  N   . THR A 1 20  ? -15.157 2.258   3.470   1.00 38.86  ? 59  THR A N   1 
ATOM   154  C  CA  . THR A 1 20  ? -14.450 0.994   3.108   1.00 35.23  ? 59  THR A CA  1 
ATOM   155  C  C   . THR A 1 20  ? -13.786 1.108   1.722   1.00 40.82  ? 59  THR A C   1 
ATOM   156  O  O   . THR A 1 20  ? -14.483 1.056   0.653   1.00 36.25  ? 59  THR A O   1 
ATOM   157  C  CB  . THR A 1 20  ? -15.354 -0.234  3.192   1.00 38.13  ? 59  THR A CB  1 
ATOM   158  O  OG1 . THR A 1 20  ? -16.073 -0.226  4.423   1.00 40.44  ? 59  THR A OG1 1 
ATOM   159  C  CG2 . THR A 1 20  ? -14.582 -1.523  3.059   1.00 38.31  ? 59  THR A CG2 1 
ATOM   160  N  N   . ASN A 1 21  ? -12.461 1.210   1.707   1.00 35.02  ? 60  ASN A N   1 
ATOM   161  C  CA  . ASN A 1 21  ? -11.716 1.573   0.487   1.00 34.56  ? 60  ASN A CA  1 
ATOM   162  C  C   . ASN A 1 21  ? -11.622 0.296   -0.349  1.00 36.45  ? 60  ASN A C   1 
ATOM   163  O  O   . ASN A 1 21  ? -11.645 -0.785  0.232   1.00 32.50  ? 60  ASN A O   1 
ATOM   164  C  CB  . ASN A 1 21  ? -10.367 2.208   0.828   1.00 33.83  ? 60  ASN A CB  1 
ATOM   165  C  CG  . ASN A 1 21  ? -9.739  2.945   -0.338  1.00 44.05  ? 60  ASN A CG  1 
ATOM   166  O  OD1 . ASN A 1 21  ? -10.289 2.949   -1.456  1.00 42.19  ? 60  ASN A OD1 1 
ATOM   167  N  ND2 . ASN A 1 21  ? -8.623  3.614   -0.069  1.00 38.70  ? 60  ASN A ND2 1 
ATOM   168  N  N   . GLU A 1 22  ? -11.582 0.430   -1.667  1.00 32.36  ? 61  GLU A N   1 
ATOM   169  C  CA  . GLU A 1 22  ? -11.429 -0.703  -2.606  1.00 32.19  ? 61  GLU A CA  1 
ATOM   170  C  C   . GLU A 1 22  ? -10.321 -0.355  -3.582  1.00 35.28  ? 61  GLU A C   1 
ATOM   171  O  O   . GLU A 1 22  ? -10.268 0.836   -3.960  1.00 38.77  ? 61  GLU A O   1 
ATOM   172  C  CB  . GLU A 1 22  ? -12.732 -0.915  -3.401  1.00 37.10  ? 61  GLU A CB  1 
ATOM   173  C  CG  . GLU A 1 22  ? -13.984 -1.047  -2.566  1.00 37.08  ? 61  GLU A CG  1 
ATOM   174  C  CD  . GLU A 1 22  ? -15.283 -1.266  -3.351  1.00 34.83  ? 61  GLU A CD  1 
ATOM   175  O  OE1 . GLU A 1 22  ? -16.344 -0.955  -2.816  1.00 35.97  ? 61  GLU A OE1 1 
ATOM   176  O  OE2 . GLU A 1 22  ? -15.224 -1.824  -4.441  1.00 39.77  ? 61  GLU A OE2 1 
ATOM   177  N  N   . MET A 1 23  ? -9.506  -1.324  -3.999  1.00 32.42  ? 62  MET A N   1 
ATOM   178  C  CA  . MET A 1 23  ? -8.467  -1.112  -5.018  1.00 36.27  ? 62  MET A CA  1 
ATOM   179  C  C   . MET A 1 23  ? -8.656  -2.143  -6.113  1.00 36.59  ? 62  MET A C   1 
ATOM   180  O  O   . MET A 1 23  ? -8.836  -3.345  -5.798  1.00 33.72  ? 62  MET A O   1 
ATOM   181  C  CB  . MET A 1 23  ? -7.037  -1.213  -4.458  1.00 38.79  ? 62  MET A CB  1 
ATOM   182  C  CG  . MET A 1 23  ? -6.684  -0.066  -3.562  1.00 42.02  ? 62  MET A CG  1 
ATOM   183  S  SD  . MET A 1 23  ? -6.406  1.541   -4.396  1.00 38.46  ? 62  MET A SD  1 
ATOM   184  C  CE  . MET A 1 23  ? -6.272  2.576   -2.949  1.00 36.09  ? 62  MET A CE  1 
ATOM   185  N  N   . ILE A 1 24  ? -8.671  -1.680  -7.369  1.00 35.24  ? 63  ILE A N   1 
ATOM   186  C  CA  . ILE A 1 24  ? -8.823  -2.613  -8.512  1.00 37.87  ? 63  ILE A CA  1 
ATOM   187  C  C   . ILE A 1 24  ? -7.528  -3.365  -8.702  1.00 35.49  ? 63  ILE A C   1 
ATOM   188  O  O   . ILE A 1 24  ? -6.462  -2.716  -8.708  1.00 38.37  ? 63  ILE A O   1 
ATOM   189  C  CB  . ILE A 1 24  ? -9.169  -1.905  -9.830  1.00 43.38  ? 63  ILE A CB  1 
ATOM   190  C  CG1 . ILE A 1 24  ? -10.378 -0.999  -9.669  1.00 45.02  ? 63  ILE A CG1 1 
ATOM   191  C  CG2 . ILE A 1 24  ? -9.367  -2.976  -10.898 1.00 45.98  ? 63  ILE A CG2 1 
ATOM   192  C  CD1 . ILE A 1 24  ? -11.654 -1.749  -9.559  1.00 44.86  ? 63  ILE A CD1 1 
ATOM   193  N  N   . VAL A 1 25  ? -7.659  -4.659  -8.948  1.00 38.67  ? 64  VAL A N   1 
ATOM   194  C  CA  . VAL A 1 25  ? -6.570  -5.553  -9.408  1.00 41.76  ? 64  VAL A CA  1 
ATOM   195  C  C   . VAL A 1 25  ? -6.968  -6.131  -10.775 1.00 45.07  ? 64  VAL A C   1 
ATOM   196  O  O   . VAL A 1 25  ? -8.141  -6.412  -10.979 1.00 47.25  ? 64  VAL A O   1 
ATOM   197  C  CB  . VAL A 1 25  ? -6.347  -6.625  -8.341  1.00 41.24  ? 64  VAL A CB  1 
ATOM   198  C  CG1 . VAL A 1 25  ? -6.036  -5.960  -7.011  1.00 42.68  ? 64  VAL A CG1 1 
ATOM   199  C  CG2 . VAL A 1 25  ? -7.555  -7.532  -8.217  1.00 41.19  ? 64  VAL A CG2 1 
ATOM   200  N  N   . THR A 1 26  ? -6.018  -6.235  -11.695 1.00 45.90  ? 65  THR A N   1 
ATOM   201  C  CA  . THR A 1 26  ? -6.235  -6.681  -13.098 1.00 52.99  ? 65  THR A CA  1 
ATOM   202  C  C   . THR A 1 26  ? -5.159  -7.724  -13.373 1.00 56.90  ? 65  THR A C   1 
ATOM   203  O  O   . THR A 1 26  ? -4.208  -7.813  -12.547 1.00 51.92  ? 65  THR A O   1 
ATOM   204  C  CB  . THR A 1 26  ? -6.155  -5.526  -14.110 1.00 43.62  ? 65  THR A CB  1 
ATOM   205  O  OG1 . THR A 1 26  ? -4.805  -5.070  -14.121 1.00 49.00  ? 65  THR A OG1 1 
ATOM   206  C  CG2 . THR A 1 26  ? -7.104  -4.384  -13.818 1.00 44.68  ? 65  THR A CG2 1 
ATOM   207  N  N   . LYS A 1 27  ? -5.281  -8.486  -14.459 1.00 58.84  ? 66  LYS A N   1 
ATOM   208  C  CA  . LYS A 1 27  ? -4.261  -9.511  -14.806 1.00 61.91  ? 66  LYS A CA  1 
ATOM   209  C  C   . LYS A 1 27  ? -2.932  -8.799  -15.083 1.00 57.46  ? 66  LYS A C   1 
ATOM   210  O  O   . LYS A 1 27  ? -1.882  -9.343  -14.683 1.00 56.11  ? 66  LYS A O   1 
ATOM   211  C  CB  . LYS A 1 27  ? -4.706  -10.381 -15.986 1.00 74.04  ? 66  LYS A CB  1 
ATOM   212  C  CG  . LYS A 1 27  ? -3.643  -11.351 -16.489 1.00 78.20  ? 66  LYS A CG  1 
ATOM   213  C  CD  . LYS A 1 27  ? -4.174  -12.711 -16.920 1.00 93.73  ? 66  LYS A CD  1 
ATOM   214  C  CE  . LYS A 1 27  ? -3.067  -13.739 -17.103 1.00 97.72  ? 66  LYS A CE  1 
ATOM   215  N  NZ  . LYS A 1 27  ? -2.204  -13.424 -18.271 1.00 100.92 ? 66  LYS A NZ  1 
ATOM   216  N  N   . ASN A 1 28  ? -2.985  -7.611  -15.697 1.00 57.16  ? 67  ASN A N   1 
ATOM   217  C  CA  . ASN A 1 28  ? -1.792  -6.831  -16.128 1.00 63.51  ? 67  ASN A CA  1 
ATOM   218  C  C   . ASN A 1 28  ? -1.303  -5.931  -14.985 1.00 61.11  ? 67  ASN A C   1 
ATOM   219  O  O   . ASN A 1 28  ? -0.101  -5.580  -14.953 1.00 51.68  ? 67  ASN A O   1 
ATOM   220  C  CB  . ASN A 1 28  ? -2.081  -6.028  -17.398 1.00 70.06  ? 67  ASN A CB  1 
ATOM   221  C  CG  . ASN A 1 28  ? -1.609  -6.729  -18.653 1.00 77.13  ? 67  ASN A CG  1 
ATOM   222  O  OD1 . ASN A 1 28  ? -1.583  -7.958  -18.714 1.00 72.66  ? 67  ASN A OD1 1 
ATOM   223  N  ND2 . ASN A 1 28  ? -1.216  -5.951  -19.651 1.00 85.22  ? 67  ASN A ND2 1 
ATOM   224  N  N   . GLY A 1 29  ? -2.192  -5.568  -14.066 1.00 60.93  ? 68  GLY A N   1 
ATOM   225  C  CA  . GLY A 1 29  ? -1.816  -4.740  -12.906 1.00 49.19  ? 68  GLY A CA  1 
ATOM   226  C  C   . GLY A 1 29  ? -2.348  -3.347  -13.078 1.00 49.79  ? 68  GLY A C   1 
ATOM   227  O  O   . GLY A 1 29  ? -2.261  -2.816  -14.208 1.00 56.33  ? 68  GLY A O   1 
ATOM   228  N  N   . ARG A 1 30  ? -2.923  -2.806  -12.009 1.00 43.03  ? 69  ARG A N   1 
ATOM   229  C  CA  . ARG A 1 30  ? -3.575  -1.476  -11.958 1.00 42.74  ? 69  ARG A CA  1 
ATOM   230  C  C   . ARG A 1 30  ? -2.862  -0.653  -10.896 1.00 43.73  ? 69  ARG A C   1 
ATOM   231  O  O   . ARG A 1 30  ? -2.647  -1.173  -9.790  1.00 38.27  ? 69  ARG A O   1 
ATOM   232  C  CB  . ARG A 1 30  ? -5.063  -1.634  -11.630 1.00 42.13  ? 69  ARG A CB  1 
ATOM   233  C  CG  . ARG A 1 30  ? -5.846  -0.334  -11.558 1.00 46.60  ? 69  ARG A CG  1 
ATOM   234  C  CD  . ARG A 1 30  ? -5.926  0.341   -12.926 1.00 51.41  ? 69  ARG A CD  1 
ATOM   235  N  NE  . ARG A 1 30  ? -6.708  -0.456  -13.858 1.00 56.47  ? 69  ARG A NE  1 
ATOM   236  C  CZ  . ARG A 1 30  ? -8.042  -0.439  -13.936 1.00 58.64  ? 69  ARG A CZ  1 
ATOM   237  N  NH1 . ARG A 1 30  ? -8.653  -1.206  -14.823 1.00 62.53  ? 69  ARG A NH1 1 
ATOM   238  N  NH2 . ARG A 1 30  ? -8.756  0.339   -13.136 1.00 53.23  ? 69  ARG A NH2 1 
ATOM   239  N  N   . ARG A 1 31  ? -2.516  0.585   -11.218 1.00 39.53  ? 70  ARG A N   1 
ATOM   240  C  CA  . ARG A 1 31  ? -1.970  1.534   -10.238 1.00 41.92  ? 70  ARG A CA  1 
ATOM   241  C  C   . ARG A 1 31  ? -3.081  1.920   -9.260  1.00 40.09  ? 70  ARG A C   1 
ATOM   242  O  O   . ARG A 1 31  ? -4.273  1.771   -9.585  1.00 38.84  ? 70  ARG A O   1 
ATOM   243  C  CB  . ARG A 1 31  ? -1.338  2.729   -10.959 1.00 43.83  ? 70  ARG A CB  1 
ATOM   244  C  CG  . ARG A 1 31  ? 0.091   2.439   -11.392 1.00 50.03  ? 70  ARG A CG  1 
ATOM   245  C  CD  . ARG A 1 31  ? 0.456   2.880   -12.792 1.00 61.86  ? 70  ARG A CD  1 
ATOM   246  N  NE  . ARG A 1 31  ? 0.897   4.261   -12.931 1.00 66.08  ? 70  ARG A NE  1 
ATOM   247  C  CZ  . ARG A 1 31  ? 1.042   4.890   -14.107 1.00 79.39  ? 70  ARG A CZ  1 
ATOM   248  N  NH1 . ARG A 1 31  ? 0.757   4.265   -15.245 1.00 84.05  ? 70  ARG A NH1 1 
ATOM   249  N  NH2 . ARG A 1 31  ? 1.466   6.144   -14.143 1.00 70.52  ? 70  ARG A NH2 1 
ATOM   250  N  N   . MET A 1 32  ? -2.645  2.386   -8.100  1.00 36.18  ? 71  MET A N   1 
ATOM   251  C  CA  . MET A 1 32  ? -3.458  2.733   -6.919  1.00 36.70  ? 71  MET A CA  1 
ATOM   252  C  C   . MET A 1 32  ? -3.891  4.188   -7.020  1.00 35.76  ? 71  MET A C   1 
ATOM   253  O  O   . MET A 1 32  ? -3.063  5.048   -7.396  1.00 35.97  ? 71  MET A O   1 
ATOM   254  C  CB  . MET A 1 32  ? -2.611  2.592   -5.642  1.00 35.92  ? 71  MET A CB  1 
ATOM   255  C  CG  . MET A 1 32  ? -2.303  1.155   -5.293  1.00 38.21  ? 71  MET A CG  1 
ATOM   256  S  SD  . MET A 1 32  ? -1.267  1.012   -3.797  1.00 35.01  ? 71  MET A SD  1 
ATOM   257  C  CE  . MET A 1 32  ? -2.343  1.668   -2.532  1.00 34.85  ? 71  MET A CE  1 
ATOM   258  N  N   . PHE A 1 33  ? -5.110  4.454   -6.590  1.00 34.12  ? 72  PHE A N   1 
ATOM   259  C  CA  . PHE A 1 33  ? -5.605  5.806   -6.251  1.00 36.32  ? 72  PHE A CA  1 
ATOM   260  C  C   . PHE A 1 33  ? -6.474  5.655   -5.016  1.00 38.19  ? 72  PHE A C   1 
ATOM   261  O  O   . PHE A 1 33  ? -7.398  4.836   -5.000  1.00 40.52  ? 72  PHE A O   1 
ATOM   262  C  CB  . PHE A 1 33  ? -6.440  6.447   -7.380  1.00 38.41  ? 72  PHE A CB  1 
ATOM   263  C  CG  . PHE A 1 33  ? -6.800  7.872   -7.025  1.00 36.97  ? 72  PHE A CG  1 
ATOM   264  C  CD1 . PHE A 1 33  ? -5.865  8.889   -7.196  1.00 37.81  ? 72  PHE A CD1 1 
ATOM   265  C  CD2 . PHE A 1 33  ? -7.968  8.162   -6.340  1.00 38.75  ? 72  PHE A CD2 1 
ATOM   266  C  CE1 . PHE A 1 33  ? -6.132  10.184  -6.763  1.00 39.22  ? 72  PHE A CE1 1 
ATOM   267  C  CE2 . PHE A 1 33  ? -8.250  9.465   -5.925  1.00 43.13  ? 72  PHE A CE2 1 
ATOM   268  C  CZ  . PHE A 1 33  ? -7.339  10.478  -6.160  1.00 40.48  ? 72  PHE A CZ  1 
ATOM   269  N  N   . PRO A 1 34  ? -6.253  6.439   -3.953  1.00 38.23  ? 73  PRO A N   1 
ATOM   270  C  CA  . PRO A 1 34  ? -5.102  7.333   -3.850  1.00 42.00  ? 73  PRO A CA  1 
ATOM   271  C  C   . PRO A 1 34  ? -3.751  6.597   -3.878  1.00 35.10  ? 73  PRO A C   1 
ATOM   272  O  O   . PRO A 1 34  ? -3.681  5.405   -3.667  1.00 36.26  ? 73  PRO A O   1 
ATOM   273  C  CB  . PRO A 1 34  ? -5.292  8.039   -2.503  1.00 43.22  ? 73  PRO A CB  1 
ATOM   274  C  CG  . PRO A 1 34  ? -6.748  7.811   -2.148  1.00 40.63  ? 73  PRO A CG  1 
ATOM   275  C  CD  . PRO A 1 34  ? -7.144  6.512   -2.797  1.00 38.42  ? 73  PRO A CD  1 
ATOM   276  N  N   . VAL A 1 35  ? -2.721  7.333   -4.259  1.00 35.78  ? 74  VAL A N   1 
ATOM   277  C  CA  . VAL A 1 35  ? -1.316  6.885   -4.216  1.00 34.18  ? 74  VAL A CA  1 
ATOM   278  C  C   . VAL A 1 35  ? -0.842  7.017   -2.760  1.00 32.17  ? 74  VAL A C   1 
ATOM   279  O  O   . VAL A 1 35  ? -1.075  8.077   -2.131  1.00 33.19  ? 74  VAL A O   1 
ATOM   280  C  CB  . VAL A 1 35  ? -0.440  7.718   -5.163  1.00 39.12  ? 74  VAL A CB  1 
ATOM   281  C  CG1 . VAL A 1 35  ? 1.029   7.460   -4.930  1.00 40.41  ? 74  VAL A CG1 1 
ATOM   282  C  CG2 . VAL A 1 35  ? -0.809  7.474   -6.618  1.00 40.56  ? 74  VAL A CG2 1 
ATOM   283  N  N   . LEU A 1 36  ? -0.160  6.002   -2.276  1.00 34.09  ? 75  LEU A N   1 
ATOM   284  C  CA  . LEU A 1 36  ? 0.530   6.090   -0.957  1.00 33.98  ? 75  LEU A CA  1 
ATOM   285  C  C   . LEU A 1 36  ? 1.695   7.082   -1.081  1.00 36.28  ? 75  LEU A C   1 
ATOM   286  O  O   . LEU A 1 36  ? 2.661   6.822   -1.854  1.00 31.93  ? 75  LEU A O   1 
ATOM   287  C  CB  . LEU A 1 36  ? 1.004   4.709   -0.537  1.00 37.00  ? 75  LEU A CB  1 
ATOM   288  C  CG  . LEU A 1 36  ? 1.772   4.657   0.786   1.00 40.14  ? 75  LEU A CG  1 
ATOM   289  C  CD1 . LEU A 1 36  ? 0.880   4.978   1.965   1.00 41.40  ? 75  LEU A CD1 1 
ATOM   290  C  CD2 . LEU A 1 36  ? 2.391   3.286   0.974   1.00 42.80  ? 75  LEU A CD2 1 
ATOM   291  N  N   . LYS A 1 37  ? 1.618   8.189   -0.348  1.00 36.80  ? 76  LYS A N   1 
ATOM   292  C  CA  . LYS A 1 37  ? 2.735   9.173   -0.253  1.00 41.56  ? 76  LYS A CA  1 
ATOM   293  C  C   . LYS A 1 37  ? 3.134   9.295   1.215   1.00 40.13  ? 76  LYS A C   1 
ATOM   294  O  O   . LYS A 1 37  ? 2.205   9.445   2.058   1.00 38.86  ? 76  LYS A O   1 
ATOM   295  C  CB  . LYS A 1 37  ? 2.304   10.524  -0.810  1.00 42.91  ? 76  LYS A CB  1 
ATOM   296  C  CG  . LYS A 1 37  ? 1.896   10.440  -2.266  1.00 46.06  ? 76  LYS A CG  1 
ATOM   297  C  CD  . LYS A 1 37  ? 1.208   11.647  -2.772  1.00 51.22  ? 76  LYS A CD  1 
ATOM   298  C  CE  . LYS A 1 37  ? 0.571   11.352  -4.113  1.00 58.12  ? 76  LYS A CE  1 
ATOM   299  N  NZ  . LYS A 1 37  ? 0.606   12.556  -4.971  1.00 67.68  ? 76  LYS A NZ  1 
ATOM   300  N  N   . VAL A 1 38  ? 4.433   9.184   1.510   1.00 41.76  ? 77  VAL A N   1 
ATOM   301  C  CA  . VAL A 1 38  ? 4.937   9.087   2.911   1.00 46.46  ? 77  VAL A CA  1 
ATOM   302  C  C   . VAL A 1 38  ? 5.907   10.244  3.163   1.00 47.88  ? 77  VAL A C   1 
ATOM   303  O  O   . VAL A 1 38  ? 6.782   10.498  2.316   1.00 41.66  ? 77  VAL A O   1 
ATOM   304  C  CB  . VAL A 1 38  ? 5.582   7.722   3.210   1.00 51.08  ? 77  VAL A CB  1 
ATOM   305  C  CG1 . VAL A 1 38  ? 4.683   6.571   2.787   1.00 54.87  ? 77  VAL A CG1 1 
ATOM   306  C  CG2 . VAL A 1 38  ? 6.925   7.583   2.540   1.00 60.86  ? 77  VAL A CG2 1 
ATOM   307  N  N   . ASN A 1 39  ? 5.716   10.924  4.288   1.00 44.41  ? 78  ASN A N   1 
ATOM   308  C  CA  . ASN A 1 39  ? 6.604   11.980  4.811   1.00 45.25  ? 78  ASN A CA  1 
ATOM   309  C  C   . ASN A 1 39  ? 7.602   11.299  5.730   1.00 45.24  ? 78  ASN A C   1 
ATOM   310  O  O   . ASN A 1 39  ? 7.180   10.514  6.593   1.00 40.81  ? 78  ASN A O   1 
ATOM   311  C  CB  . ASN A 1 39  ? 5.795   13.070  5.515   1.00 51.89  ? 78  ASN A CB  1 
ATOM   312  C  CG  . ASN A 1 39  ? 4.908   13.799  4.539   1.00 54.97  ? 78  ASN A CG  1 
ATOM   313  O  OD1 . ASN A 1 39  ? 5.362   14.211  3.472   1.00 59.69  ? 78  ASN A OD1 1 
ATOM   314  N  ND2 . ASN A 1 39  ? 3.639   13.930  4.882   1.00 64.35  ? 78  ASN A ND2 1 
ATOM   315  N  N   . VAL A 1 40  ? 8.884   11.520  5.485   1.00 43.68  ? 79  VAL A N   1 
ATOM   316  C  CA  . VAL A 1 40  ? 9.964   10.843  6.246   1.00 47.47  ? 79  VAL A CA  1 
ATOM   317  C  C   . VAL A 1 40  ? 10.923  11.928  6.692   1.00 50.10  ? 79  VAL A C   1 
ATOM   318  O  O   . VAL A 1 40  ? 11.336  12.703  5.821   1.00 49.84  ? 79  VAL A O   1 
ATOM   319  C  CB  . VAL A 1 40  ? 10.671  9.792   5.384   1.00 48.88  ? 79  VAL A CB  1 
ATOM   320  C  CG1 . VAL A 1 40  ? 11.923  9.262   6.050   1.00 49.27  ? 79  VAL A CG1 1 
ATOM   321  C  CG2 . VAL A 1 40  ? 9.714   8.656   5.052   1.00 48.49  ? 79  VAL A CG2 1 
ATOM   322  N  N   . SER A 1 41  ? 11.182  11.991  7.996   1.00 50.69  ? 80  SER A N   1 
ATOM   323  C  CA  . SER A 1 41  ? 12.212  12.864  8.609   1.00 52.11  ? 80  SER A CA  1 
ATOM   324  C  C   . SER A 1 41  ? 13.054  12.018  9.559   1.00 48.96  ? 80  SER A C   1 
ATOM   325  O  O   . SER A 1 41  ? 12.608  10.920  9.949   1.00 54.15  ? 80  SER A O   1 
ATOM   326  C  CB  . SER A 1 41  ? 11.594  14.063  9.295   1.00 54.77  ? 80  SER A CB  1 
ATOM   327  O  OG  . SER A 1 41  ? 10.704  13.687  10.332  1.00 53.05  ? 80  SER A OG  1 
ATOM   328  N  N   . GLY A 1 42  ? 14.253  12.490  9.888   1.00 53.84  ? 81  GLY A N   1 
ATOM   329  C  CA  . GLY A 1 42  ? 15.111  11.847  10.896  1.00 45.54  ? 81  GLY A CA  1 
ATOM   330  C  C   . GLY A 1 42  ? 16.004  10.785  10.298  1.00 46.88  ? 81  GLY A C   1 
ATOM   331  O  O   . GLY A 1 42  ? 16.611  10.048  11.069  1.00 48.78  ? 81  GLY A O   1 
ATOM   332  N  N   . LEU A 1 43  ? 16.084  10.679  8.969   1.00 46.05  ? 82  LEU A N   1 
ATOM   333  C  CA  . LEU A 1 43  ? 17.119  9.832   8.320   1.00 48.07  ? 82  LEU A CA  1 
ATOM   334  C  C   . LEU A 1 43  ? 18.473  10.557  8.413   1.00 49.07  ? 82  LEU A C   1 
ATOM   335  O  O   . LEU A 1 43  ? 18.485  11.790  8.570   1.00 50.62  ? 82  LEU A O   1 
ATOM   336  C  CB  . LEU A 1 43  ? 16.756  9.590   6.853   1.00 50.76  ? 82  LEU A CB  1 
ATOM   337  C  CG  . LEU A 1 43  ? 15.530  8.712   6.596   1.00 49.38  ? 82  LEU A CG  1 
ATOM   338  C  CD1 . LEU A 1 43  ? 15.314  8.525   5.102   1.00 52.47  ? 82  LEU A CD1 1 
ATOM   339  C  CD2 . LEU A 1 43  ? 15.677  7.361   7.274   1.00 48.51  ? 82  LEU A CD2 1 
ATOM   340  N  N   . ASP A 1 44  ? 19.568  9.823   8.246   1.00 50.22  ? 83  ASP A N   1 
ATOM   341  C  CA  . ASP A 1 44  ? 20.911  10.421  8.012   1.00 49.85  ? 83  ASP A CA  1 
ATOM   342  C  C   . ASP A 1 44  ? 20.970  10.916  6.568   1.00 50.53  ? 83  ASP A C   1 
ATOM   343  O  O   . ASP A 1 44  ? 20.928  10.111  5.640   1.00 53.14  ? 83  ASP A O   1 
ATOM   344  C  CB  . ASP A 1 44  ? 22.001  9.410   8.345   1.00 53.61  ? 83  ASP A CB  1 
ATOM   345  C  CG  . ASP A 1 44  ? 23.400  10.002  8.339   1.00 54.12  ? 83  ASP A CG  1 
ATOM   346  O  OD1 . ASP A 1 44  ? 23.661  10.913  7.521   1.00 57.40  ? 83  ASP A OD1 1 
ATOM   347  O  OD2 . ASP A 1 44  ? 24.205  9.530   9.136   1.00 56.38  ? 83  ASP A OD2 1 
ATOM   348  N  N   . PRO A 1 45  ? 21.019  12.248  6.320   1.00 51.56  ? 84  PRO A N   1 
ATOM   349  C  CA  . PRO A 1 45  ? 21.046  12.778  4.963   1.00 49.23  ? 84  PRO A CA  1 
ATOM   350  C  C   . PRO A 1 45  ? 22.086  12.072  4.087   1.00 50.18  ? 84  PRO A C   1 
ATOM   351  O  O   . PRO A 1 45  ? 21.849  11.939  2.905   1.00 50.76  ? 84  PRO A O   1 
ATOM   352  C  CB  . PRO A 1 45  ? 21.407  14.260  5.158   1.00 50.61  ? 84  PRO A CB  1 
ATOM   353  C  CG  . PRO A 1 45  ? 20.898  14.596  6.537   1.00 50.68  ? 84  PRO A CG  1 
ATOM   354  C  CD  . PRO A 1 45  ? 21.011  13.317  7.335   1.00 53.03  ? 84  PRO A CD  1 
ATOM   355  N  N   . ASN A 1 46  ? 23.171  11.594  4.704   1.00 56.35  ? 85  ASN A N   1 
ATOM   356  C  CA  . ASN A 1 46  ? 24.363  11.023  4.018   1.00 52.49  ? 85  ASN A CA  1 
ATOM   357  C  C   . ASN A 1 46  ? 24.308  9.498   3.969   1.00 50.07  ? 85  ASN A C   1 
ATOM   358  O  O   . ASN A 1 46  ? 25.127  8.914   3.220   1.00 50.74  ? 85  ASN A O   1 
ATOM   359  C  CB  . ASN A 1 46  ? 25.651  11.507  4.687   1.00 54.91  ? 85  ASN A CB  1 
ATOM   360  C  CG  . ASN A 1 46  ? 25.732  13.014  4.629   1.00 54.93  ? 85  ASN A CG  1 
ATOM   361  O  OD1 . ASN A 1 46  ? 25.651  13.589  3.549   1.00 57.62  ? 85  ASN A OD1 1 
ATOM   362  N  ND2 . ASN A 1 46  ? 25.862  13.654  5.778   1.00 63.70  ? 85  ASN A ND2 1 
ATOM   363  N  N   . ALA A 1 47  ? 23.405  8.858   4.717   1.00 47.78  ? 86  ALA A N   1 
ATOM   364  C  CA  . ALA A 1 47  ? 23.290  7.382   4.730   1.00 43.15  ? 86  ALA A CA  1 
ATOM   365  C  C   . ALA A 1 47  ? 22.497  6.934   3.506   1.00 41.47  ? 86  ALA A C   1 
ATOM   366  O  O   . ALA A 1 47  ? 21.853  7.758   2.832   1.00 43.64  ? 86  ALA A O   1 
ATOM   367  C  CB  . ALA A 1 47  ? 22.675  6.871   6.015   1.00 49.15  ? 86  ALA A CB  1 
ATOM   368  N  N   . MET A 1 48  ? 22.601  5.653   3.178   1.00 47.69  ? 87  MET A N   1 
ATOM   369  C  CA  . MET A 1 48  ? 21.955  5.081   1.976   1.00 45.96  ? 87  MET A CA  1 
ATOM   370  C  C   . MET A 1 48  ? 20.775  4.205   2.411   1.00 42.51  ? 87  MET A C   1 
ATOM   371  O  O   . MET A 1 48  ? 20.949  3.434   3.363   1.00 42.68  ? 87  MET A O   1 
ATOM   372  C  CB  . MET A 1 48  ? 22.987  4.249   1.225   1.00 51.46  ? 87  MET A CB  1 
ATOM   373  C  CG  . MET A 1 48  ? 24.240  5.056   0.870   1.00 61.27  ? 87  MET A CG  1 
ATOM   374  S  SD  . MET A 1 48  ? 24.400  5.311   -0.894  1.00 63.55  ? 87  MET A SD  1 
ATOM   375  C  CE  . MET A 1 48  ? 22.663  5.534   -1.278  1.00 48.35  ? 87  MET A CE  1 
ATOM   376  N  N   . TYR A 1 49  ? 19.640  4.317   1.719   1.00 41.11  ? 88  TYR A N   1 
ATOM   377  C  CA  . TYR A 1 49  ? 18.377  3.629   2.088   1.00 41.34  ? 88  TYR A CA  1 
ATOM   378  C  C   . TYR A 1 49  ? 17.633  3.185   0.833   1.00 41.23  ? 88  TYR A C   1 
ATOM   379  O  O   . TYR A 1 49  ? 17.668  3.889   -0.176  1.00 38.80  ? 88  TYR A O   1 
ATOM   380  C  CB  . TYR A 1 49  ? 17.436  4.543   2.870   1.00 39.88  ? 88  TYR A CB  1 
ATOM   381  C  CG  . TYR A 1 49  ? 18.001  5.170   4.120   1.00 44.84  ? 88  TYR A CG  1 
ATOM   382  C  CD1 . TYR A 1 49  ? 17.851  4.569   5.360   1.00 45.81  ? 88  TYR A CD1 1 
ATOM   383  C  CD2 . TYR A 1 49  ? 18.671  6.382   4.071   1.00 45.33  ? 88  TYR A CD2 1 
ATOM   384  C  CE1 . TYR A 1 49  ? 18.368  5.139   6.514   1.00 48.88  ? 88  TYR A CE1 1 
ATOM   385  C  CE2 . TYR A 1 49  ? 19.193  6.966   5.216   1.00 49.67  ? 88  TYR A CE2 1 
ATOM   386  C  CZ  . TYR A 1 49  ? 19.051  6.341   6.442   1.00 47.00  ? 88  TYR A CZ  1 
ATOM   387  O  OH  . TYR A 1 49  ? 19.540  6.925   7.572   1.00 47.01  ? 88  TYR A OH  1 
ATOM   388  N  N   . SER A 1 50  ? 16.955  2.043   0.924   1.00 36.46  ? 89  SER A N   1 
ATOM   389  C  CA  . SER A 1 50  ? 15.943  1.589   -0.046  1.00 35.49  ? 89  SER A CA  1 
ATOM   390  C  C   . SER A 1 50  ? 14.571  1.601   0.627   1.00 41.51  ? 89  SER A C   1 
ATOM   391  O  O   . SER A 1 50  ? 14.519  1.260   1.808   1.00 35.88  ? 89  SER A O   1 
ATOM   392  C  CB  . SER A 1 50  ? 16.297  0.242   -0.558  1.00 36.07  ? 89  SER A CB  1 
ATOM   393  O  OG  . SER A 1 50  ? 17.504  0.345   -1.270  1.00 39.70  ? 89  SER A OG  1 
ATOM   394  N  N   . PHE A 1 51  ? 13.539  2.070   -0.086  1.00 36.69  ? 90  PHE A N   1 
ATOM   395  C  CA  . PHE A 1 51  ? 12.132  2.043   0.382   1.00 36.69  ? 90  PHE A CA  1 
ATOM   396  C  C   . PHE A 1 51  ? 11.385  0.905   -0.300  1.00 41.83  ? 90  PHE A C   1 
ATOM   397  O  O   . PHE A 1 51  ? 11.366  0.744   -1.575  1.00 33.04  ? 90  PHE A O   1 
ATOM   398  C  CB  . PHE A 1 51  ? 11.392  3.344   0.129   1.00 34.45  ? 90  PHE A CB  1 
ATOM   399  C  CG  . PHE A 1 51  ? 11.656  4.390   1.175   1.00 37.42  ? 90  PHE A CG  1 
ATOM   400  C  CD1 . PHE A 1 51  ? 10.627  4.932   1.910   1.00 39.34  ? 90  PHE A CD1 1 
ATOM   401  C  CD2 . PHE A 1 51  ? 12.945  4.836   1.418   1.00 39.39  ? 90  PHE A CD2 1 
ATOM   402  C  CE1 . PHE A 1 51  ? 10.883  5.933   2.829   1.00 39.00  ? 90  PHE A CE1 1 
ATOM   403  C  CE2 . PHE A 1 51  ? 13.200  5.821   2.348   1.00 42.86  ? 90  PHE A CE2 1 
ATOM   404  C  CZ  . PHE A 1 51  ? 12.168  6.351   3.071   1.00 37.07  ? 90  PHE A CZ  1 
ATOM   405  N  N   . LEU A 1 52  ? 10.761  0.110   0.559   1.00 40.19  ? 91  LEU A N   1 
ATOM   406  C  CA  . LEU A 1 52  ? 10.059  -1.130  0.172   1.00 35.20  ? 91  LEU A CA  1 
ATOM   407  C  C   . LEU A 1 52  ? 8.597   -0.963  0.578   1.00 36.89  ? 91  LEU A C   1 
ATOM   408  O  O   . LEU A 1 52  ? 8.334   -0.340  1.639   1.00 36.52  ? 91  LEU A O   1 
ATOM   409  C  CB  . LEU A 1 52  ? 10.669  -2.300  0.928   1.00 40.45  ? 91  LEU A CB  1 
ATOM   410  C  CG  . LEU A 1 52  ? 11.763  -3.098  0.234   1.00 43.47  ? 91  LEU A CG  1 
ATOM   411  C  CD1 . LEU A 1 52  ? 12.795  -2.219  -0.435  1.00 46.99  ? 91  LEU A CD1 1 
ATOM   412  C  CD2 . LEU A 1 52  ? 12.390  -4.042  1.246   1.00 39.55  ? 91  LEU A CD2 1 
ATOM   413  N  N   . LEU A 1 53  ? 7.704   -1.520  -0.222  1.00 30.11  ? 92  LEU A N   1 
ATOM   414  C  CA  . LEU A 1 53  ? 6.256   -1.486  0.035   1.00 29.97  ? 92  LEU A CA  1 
ATOM   415  C  C   . LEU A 1 53  ? 5.752   -2.927  -0.011  1.00 30.84  ? 92  LEU A C   1 
ATOM   416  O  O   . LEU A 1 53  ? 6.124   -3.675  -0.919  1.00 33.39  ? 92  LEU A O   1 
ATOM   417  C  CB  . LEU A 1 53  ? 5.589   -0.603  -1.027  1.00 33.01  ? 92  LEU A CB  1 
ATOM   418  C  CG  . LEU A 1 53  ? 4.067   -0.691  -1.050  1.00 32.07  ? 92  LEU A CG  1 
ATOM   419  C  CD1 . LEU A 1 53  ? 3.472   -0.147  0.221   1.00 31.52  ? 92  LEU A CD1 1 
ATOM   420  C  CD2 . LEU A 1 53  ? 3.493   0.047   -2.251  1.00 32.43  ? 92  LEU A CD2 1 
ATOM   421  N  N   . ASP A 1 54  ? 4.934   -3.314  0.966   1.00 32.83  ? 93  ASP A N   1 
ATOM   422  C  CA  . ASP A 1 54  ? 4.200   -4.595  0.870   1.00 27.77  ? 93  ASP A CA  1 
ATOM   423  C  C   . ASP A 1 54  ? 2.816   -4.382  1.459   1.00 26.93  ? 93  ASP A C   1 
ATOM   424  O  O   . ASP A 1 54  ? 2.484   -3.278  1.894   1.00 29.29  ? 93  ASP A O   1 
ATOM   425  C  CB  . ASP A 1 54  ? 4.971   -5.762  1.496   1.00 32.00  ? 93  ASP A CB  1 
ATOM   426  C  CG  . ASP A 1 54  ? 5.278   -5.607  2.974   1.00 30.15  ? 93  ASP A CG  1 
ATOM   427  O  OD1 . ASP A 1 54  ? 4.669   -4.735  3.638   1.00 32.45  ? 93  ASP A OD1 1 
ATOM   428  O  OD2 . ASP A 1 54  ? 6.140   -6.372  3.444   1.00 36.21  ? 93  ASP A OD2 1 
ATOM   429  N  N   . PHE A 1 55  ? 2.008   -5.416  1.370   1.00 30.84  ? 94  PHE A N   1 
ATOM   430  C  CA  . PHE A 1 55  ? 0.586   -5.367  1.759   1.00 31.34  ? 94  PHE A CA  1 
ATOM   431  C  C   . PHE A 1 55  ? 0.357   -6.523  2.731   1.00 28.59  ? 94  PHE A C   1 
ATOM   432  O  O   . PHE A 1 55  ? 0.511   -7.667  2.330   1.00 32.12  ? 94  PHE A O   1 
ATOM   433  C  CB  . PHE A 1 55  ? -0.283  -5.432  0.502   1.00 30.06  ? 94  PHE A CB  1 
ATOM   434  C  CG  . PHE A 1 55  ? -0.040  -4.293  -0.453  1.00 30.07  ? 94  PHE A CG  1 
ATOM   435  C  CD1 . PHE A 1 55  ? -0.737  -3.102  -0.314  1.00 32.87  ? 94  PHE A CD1 1 
ATOM   436  C  CD2 . PHE A 1 55  ? 0.987   -4.352  -1.378  1.00 33.01  ? 94  PHE A CD2 1 
ATOM   437  C  CE1 . PHE A 1 55  ? -0.481  -2.023  -1.152  1.00 32.99  ? 94  PHE A CE1 1 
ATOM   438  C  CE2 . PHE A 1 55  ? 1.222   -3.288  -2.233  1.00 31.79  ? 94  PHE A CE2 1 
ATOM   439  C  CZ  . PHE A 1 55  ? 0.512   -2.114  -2.092  1.00 32.75  ? 94  PHE A CZ  1 
ATOM   440  N  N   . VAL A 1 56  ? -0.049  -6.205  3.951   1.00 33.87  ? 95  VAL A N   1 
ATOM   441  C  CA  . VAL A 1 56  ? -0.374  -7.243  4.975   1.00 32.80  ? 95  VAL A CA  1 
ATOM   442  C  C   . VAL A 1 56  ? -1.845  -7.597  4.792   1.00 28.29  ? 95  VAL A C   1 
ATOM   443  O  O   . VAL A 1 56  ? -2.658  -6.686  4.870   1.00 30.22  ? 95  VAL A O   1 
ATOM   444  C  CB  . VAL A 1 56  ? -0.103  -6.675  6.388   1.00 30.14  ? 95  VAL A CB  1 
ATOM   445  C  CG1 . VAL A 1 56  ? -0.481  -7.677  7.468   1.00 30.12  ? 95  VAL A CG1 1 
ATOM   446  C  CG2 . VAL A 1 56  ? 1.342   -6.234  6.520   1.00 33.34  ? 95  VAL A CG2 1 
ATOM   447  N  N   . ALA A 1 57  ? -2.195  -8.875  4.679   1.00 31.69  ? 96  ALA A N   1 
ATOM   448  C  CA  . ALA A 1 57  ? -3.587  -9.359  4.810   1.00 30.37  ? 96  ALA A CA  1 
ATOM   449  C  C   . ALA A 1 57  ? -4.064  -9.018  6.214   1.00 31.25  ? 96  ALA A C   1 
ATOM   450  O  O   . ALA A 1 57  ? -3.437  -9.547  7.178   1.00 32.72  ? 96  ALA A O   1 
ATOM   451  C  CB  . ALA A 1 57  ? -3.634  -10.848 4.496   1.00 31.70  ? 96  ALA A CB  1 
ATOM   452  N  N   . ALA A 1 58  ? -5.005  -8.066  6.352   1.00 30.74  ? 97  ALA A N   1 
ATOM   453  C  CA  . ALA A 1 58  ? -5.463  -7.491  7.640   1.00 31.51  ? 97  ALA A CA  1 
ATOM   454  C  C   . ALA A 1 58  ? -6.253  -8.537  8.452   1.00 36.19  ? 97  ALA A C   1 
ATOM   455  O  O   . ALA A 1 58  ? -6.319  -8.434  9.709   1.00 34.40  ? 97  ALA A O   1 
ATOM   456  C  CB  . ALA A 1 58  ? -6.290  -6.264  7.429   1.00 32.10  ? 97  ALA A CB  1 
ATOM   457  N  N   . ASP A 1 59  ? -6.837  -9.507  7.758   1.00 35.65  ? 98  ASP A N   1 
ATOM   458  C  CA  . ASP A 1 59  ? -7.517  -10.667 8.387   1.00 35.33  ? 98  ASP A CA  1 
ATOM   459  C  C   . ASP A 1 59  ? -7.357  -11.816 7.422   1.00 35.53  ? 98  ASP A C   1 
ATOM   460  O  O   . ASP A 1 59  ? -6.804  -11.592 6.326   1.00 38.74  ? 98  ASP A O   1 
ATOM   461  C  CB  . ASP A 1 59  ? -8.961  -10.350 8.737   1.00 35.81  ? 98  ASP A CB  1 
ATOM   462  C  CG  . ASP A 1 59  ? -9.771  -9.910  7.505   1.00 38.58  ? 98  ASP A CG  1 
ATOM   463  O  OD1 . ASP A 1 59  ? -9.962  -10.749 6.632   1.00 40.44  ? 98  ASP A OD1 1 
ATOM   464  O  OD2 . ASP A 1 59  ? -10.158 -8.737  7.451   1.00 38.99  ? 98  ASP A OD2 1 
ATOM   465  N  N   . ASN A 1 60  ? -7.827  -12.985 7.823   1.00 35.84  ? 99  ASN A N   1 
ATOM   466  C  CA  . ASN A 1 60  ? -7.643  -14.222 7.046   1.00 37.28  ? 99  ASN A CA  1 
ATOM   467  C  C   . ASN A 1 60  ? -8.910  -14.564 6.251   1.00 39.58  ? 99  ASN A C   1 
ATOM   468  O  O   . ASN A 1 60  ? -9.005  -15.713 5.813   1.00 41.37  ? 99  ASN A O   1 
ATOM   469  C  CB  . ASN A 1 60  ? -7.309  -15.379 7.982   1.00 41.80  ? 99  ASN A CB  1 
ATOM   470  C  CG  . ASN A 1 60  ? -5.977  -15.206 8.670   1.00 44.82  ? 99  ASN A CG  1 
ATOM   471  O  OD1 . ASN A 1 60  ? -5.869  -15.539 9.843   1.00 52.11  ? 99  ASN A OD1 1 
ATOM   472  N  ND2 . ASN A 1 60  ? -4.968  -14.753 7.949   1.00 42.69  ? 99  ASN A ND2 1 
ATOM   473  N  N   . HIS A 1 61  ? -9.812  -13.617 6.016   1.00 41.33  ? 100 HIS A N   1 
ATOM   474  C  CA  . HIS A 1 61  ? -11.145 -13.926 5.435   1.00 43.07  ? 100 HIS A CA  1 
ATOM   475  C  C   . HIS A 1 61  ? -11.288 -13.384 4.003   1.00 48.59  ? 100 HIS A C   1 
ATOM   476  O  O   . HIS A 1 61  ? -10.592 -12.410 3.618   1.00 42.67  ? 100 HIS A O   1 
ATOM   477  C  CB  . HIS A 1 61  ? -12.246 -13.380 6.341   1.00 41.64  ? 100 HIS A CB  1 
ATOM   478  C  CG  . HIS A 1 61  ? -12.312 -14.013 7.688   1.00 49.65  ? 100 HIS A CG  1 
ATOM   479  N  ND1 . HIS A 1 61  ? -13.326 -14.885 8.036   1.00 51.85  ? 100 HIS A ND1 1 
ATOM   480  C  CD2 . HIS A 1 61  ? -11.523 -13.881 8.785   1.00 49.29  ? 100 HIS A CD2 1 
ATOM   481  C  CE1 . HIS A 1 61  ? -13.159 -15.267 9.291   1.00 61.43  ? 100 HIS A CE1 1 
ATOM   482  N  NE2 . HIS A 1 61  ? -12.051 -14.673 9.768   1.00 56.08  ? 100 HIS A NE2 1 
ATOM   483  N  N   . ARG A 1 62  ? -12.190 -14.016 3.258   1.00 49.43  ? 101 ARG A N   1 
ATOM   484  C  CA  . ARG A 1 62  ? -12.757 -13.532 1.980   1.00 50.74  ? 101 ARG A CA  1 
ATOM   485  C  C   . ARG A 1 62  ? -13.927 -12.607 2.330   1.00 49.29  ? 101 ARG A C   1 
ATOM   486  O  O   . ARG A 1 62  ? -14.743 -12.969 3.220   1.00 55.74  ? 101 ARG A O   1 
ATOM   487  C  CB  . ARG A 1 62  ? -13.179 -14.746 1.143   1.00 64.41  ? 101 ARG A CB  1 
ATOM   488  C  CG  . ARG A 1 62  ? -14.099 -14.443 -0.035  1.00 75.59  ? 101 ARG A CG  1 
ATOM   489  C  CD  . ARG A 1 62  ? -14.173 -15.593 -1.031  1.00 81.59  ? 101 ARG A CD  1 
ATOM   490  N  NE  . ARG A 1 62  ? -12.831 -15.952 -1.468  1.00 90.14  ? 101 ARG A NE  1 
ATOM   491  C  CZ  . ARG A 1 62  ? -12.137 -15.321 -2.412  1.00 99.61  ? 101 ARG A CZ  1 
ATOM   492  N  NH1 . ARG A 1 62  ? -12.667 -14.299 -3.067  1.00 97.92  ? 101 ARG A NH1 1 
ATOM   493  N  NH2 . ARG A 1 62  ? -10.912 -15.728 -2.708  1.00 101.10 ? 101 ARG A NH2 1 
ATOM   494  N  N   . TRP A 1 63  ? -13.994 -11.442 1.689   1.00 40.33  ? 102 TRP A N   1 
ATOM   495  C  CA  . TRP A 1 63  ? -15.047 -10.428 1.931   1.00 41.46  ? 102 TRP A CA  1 
ATOM   496  C  C   . TRP A 1 63  ? -15.991 -10.409 0.710   1.00 46.83  ? 102 TRP A C   1 
ATOM   497  O  O   . TRP A 1 63  ? -15.522 -10.710 -0.379  1.00 48.89  ? 102 TRP A O   1 
ATOM   498  C  CB  . TRP A 1 63  ? -14.410 -9.060  2.201   1.00 41.93  ? 102 TRP A CB  1 
ATOM   499  C  CG  . TRP A 1 63  ? -13.696 -8.966  3.519   1.00 40.22  ? 102 TRP A CG  1 
ATOM   500  C  CD1 . TRP A 1 63  ? -12.494 -9.521  3.852   1.00 39.74  ? 102 TRP A CD1 1 
ATOM   501  C  CD2 . TRP A 1 63  ? -14.157 -8.287  4.694   1.00 38.64  ? 102 TRP A CD2 1 
ATOM   502  N  NE1 . TRP A 1 63  ? -12.168 -9.210  5.144   1.00 39.25  ? 102 TRP A NE1 1 
ATOM   503  C  CE2 . TRP A 1 63  ? -13.171 -8.469  5.693   1.00 36.39  ? 102 TRP A CE2 1 
ATOM   504  C  CE3 . TRP A 1 63  ? -15.306 -7.559  5.000   1.00 38.47  ? 102 TRP A CE3 1 
ATOM   505  C  CZ2 . TRP A 1 63  ? -13.307 -7.940  6.962   1.00 37.77  ? 102 TRP A CZ2 1 
ATOM   506  C  CZ3 . TRP A 1 63  ? -15.440 -7.029  6.260   1.00 40.69  ? 102 TRP A CZ3 1 
ATOM   507  C  CH2 . TRP A 1 63  ? -14.449 -7.219  7.224   1.00 39.50  ? 102 TRP A CH2 1 
ATOM   508  N  N   . LYS A 1 64  ? -17.267 -10.085 0.895   1.00 45.00  ? 103 LYS A N   1 
ATOM   509  C  CA  . LYS A 1 64  ? -18.264 -9.986  -0.209  1.00 51.64  ? 103 LYS A CA  1 
ATOM   510  C  C   . LYS A 1 64  ? -19.174 -8.783  0.065   1.00 48.60  ? 103 LYS A C   1 
ATOM   511  O  O   . LYS A 1 64  ? -19.398 -8.456  1.227   1.00 44.51  ? 103 LYS A O   1 
ATOM   512  C  CB  . LYS A 1 64  ? -19.017 -11.311 -0.369  1.00 62.44  ? 103 LYS A CB  1 
ATOM   513  C  CG  . LYS A 1 64  ? -18.921 -12.254 0.824   1.00 72.85  ? 103 LYS A CG  1 
ATOM   514  C  CD  . LYS A 1 64  ? -20.036 -13.274 0.904   1.00 79.31  ? 103 LYS A CD  1 
ATOM   515  C  CE  . LYS A 1 64  ? -20.108 -13.941 2.264   1.00 81.62  ? 103 LYS A CE  1 
ATOM   516  N  NZ  . LYS A 1 64  ? -21.492 -13.954 2.795   1.00 81.77  ? 103 LYS A NZ  1 
ATOM   517  N  N   . TYR A 1 65  ? -19.630 -8.104  -0.988  1.00 53.15  ? 104 TYR A N   1 
ATOM   518  C  CA  . TYR A 1 65  ? -20.492 -6.904  -0.879  1.00 51.69  ? 104 TYR A CA  1 
ATOM   519  C  C   . TYR A 1 65  ? -21.918 -7.447  -0.952  1.00 52.48  ? 104 TYR A C   1 
ATOM   520  O  O   . TYR A 1 65  ? -22.305 -7.897  -2.019  1.00 56.52  ? 104 TYR A O   1 
ATOM   521  C  CB  . TYR A 1 65  ? -20.135 -5.860  -1.943  1.00 47.69  ? 104 TYR A CB  1 
ATOM   522  C  CG  . TYR A 1 65  ? -20.668 -4.466  -1.695  1.00 47.63  ? 104 TYR A CG  1 
ATOM   523  C  CD1 . TYR A 1 65  ? -20.219 -3.700  -0.642  1.00 46.54  ? 104 TYR A CD1 1 
ATOM   524  C  CD2 . TYR A 1 65  ? -21.602 -3.880  -2.552  1.00 51.63  ? 104 TYR A CD2 1 
ATOM   525  C  CE1 . TYR A 1 65  ? -20.676 -2.408  -0.425  1.00 47.86  ? 104 TYR A CE1 1 
ATOM   526  C  CE2 . TYR A 1 65  ? -22.069 -2.587  -2.345  1.00 44.80  ? 104 TYR A CE2 1 
ATOM   527  C  CZ  . TYR A 1 65  ? -21.605 -1.841  -1.286  1.00 47.42  ? 104 TYR A CZ  1 
ATOM   528  O  OH  . TYR A 1 65  ? -22.053 -0.567  -1.063  1.00 49.67  ? 104 TYR A OH  1 
ATOM   529  N  N   . VAL A 1 66  ? -22.561 -7.565  0.202   1.00 59.90  ? 105 VAL A N   1 
ATOM   530  C  CA  . VAL A 1 66  ? -23.893 -8.209  0.383   1.00 63.76  ? 105 VAL A CA  1 
ATOM   531  C  C   . VAL A 1 66  ? -24.846 -7.104  0.811   1.00 59.59  ? 105 VAL A C   1 
ATOM   532  O  O   . VAL A 1 66  ? -24.605 -6.503  1.880   1.00 59.91  ? 105 VAL A O   1 
ATOM   533  C  CB  . VAL A 1 66  ? -23.842 -9.348  1.419   1.00 64.11  ? 105 VAL A CB  1 
ATOM   534  C  CG1 . VAL A 1 66  ? -25.207 -9.632  2.038   1.00 66.50  ? 105 VAL A CG1 1 
ATOM   535  C  CG2 . VAL A 1 66  ? -23.251 -10.613 0.820   1.00 61.10  ? 105 VAL A CG2 1 
ATOM   536  N  N   . ASN A 1 67  ? -25.853 -6.828  -0.014  1.00 60.57  ? 106 ASN A N   1 
ATOM   537  C  CA  . ASN A 1 67  ? -26.896 -5.815  0.273   1.00 65.97  ? 106 ASN A CA  1 
ATOM   538  C  C   . ASN A 1 67  ? -26.222 -4.518  0.702   1.00 62.18  ? 106 ASN A C   1 
ATOM   539  O  O   . ASN A 1 67  ? -26.517 -4.064  1.813   1.00 54.42  ? 106 ASN A O   1 
ATOM   540  C  CB  . ASN A 1 67  ? -27.861 -6.315  1.348   1.00 71.49  ? 106 ASN A CB  1 
ATOM   541  C  CG  . ASN A 1 67  ? -28.700 -7.460  0.832   1.00 72.98  ? 106 ASN A CG  1 
ATOM   542  O  OD1 . ASN A 1 67  ? -29.242 -7.383  -0.268  1.00 73.62  ? 106 ASN A OD1 1 
ATOM   543  N  ND2 . ASN A 1 67  ? -28.794 -8.527  1.604   1.00 66.89  ? 106 ASN A ND2 1 
ATOM   544  N  N   . GLY A 1 68  ? -25.334 -3.978  -0.144  1.00 64.28  ? 107 GLY A N   1 
ATOM   545  C  CA  . GLY A 1 68  ? -24.701 -2.657  0.047   1.00 61.03  ? 107 GLY A CA  1 
ATOM   546  C  C   . GLY A 1 68  ? -23.740 -2.616  1.225   1.00 51.67  ? 107 GLY A C   1 
ATOM   547  O  O   . GLY A 1 68  ? -23.447 -1.517  1.686   1.00 56.69  ? 107 GLY A O   1 
ATOM   548  N  N   . GLU A 1 69  ? -23.262 -3.757  1.713   1.00 54.49  ? 108 GLU A N   1 
ATOM   549  C  CA  . GLU A 1 69  ? -22.336 -3.773  2.880   1.00 60.24  ? 108 GLU A CA  1 
ATOM   550  C  C   . GLU A 1 69  ? -21.281 -4.867  2.672   1.00 52.59  ? 108 GLU A C   1 
ATOM   551  O  O   . GLU A 1 69  ? -21.618 -5.946  2.154   1.00 51.40  ? 108 GLU A O   1 
ATOM   552  C  CB  . GLU A 1 69  ? -23.130 -3.843  4.193   1.00 67.51  ? 108 GLU A CB  1 
ATOM   553  C  CG  . GLU A 1 69  ? -23.481 -5.252  4.678   1.00 78.20  ? 108 GLU A CG  1 
ATOM   554  C  CD  . GLU A 1 69  ? -23.974 -5.375  6.122   1.00 86.83  ? 108 GLU A CD  1 
ATOM   555  O  OE1 . GLU A 1 69  ? -24.146 -4.332  6.794   1.00 83.78  ? 108 GLU A OE1 1 
ATOM   556  O  OE2 . GLU A 1 69  ? -24.186 -6.527  6.580   1.00 91.58  ? 108 GLU A OE2 1 
ATOM   557  N  N   . TRP A 1 70  ? -20.019 -4.579  3.017   1.00 52.36  ? 109 TRP A N   1 
ATOM   558  C  CA  . TRP A 1 70  ? -18.913 -5.573  2.993   1.00 45.43  ? 109 TRP A CA  1 
ATOM   559  C  C   . TRP A 1 70  ? -19.026 -6.462  4.240   1.00 44.17  ? 109 TRP A C   1 
ATOM   560  O  O   . TRP A 1 70  ? -19.155 -5.897  5.326   1.00 45.68  ? 109 TRP A O   1 
ATOM   561  C  CB  . TRP A 1 70  ? -17.538 -4.881  2.939   1.00 45.22  ? 109 TRP A CB  1 
ATOM   562  C  CG  . TRP A 1 70  ? -17.205 -4.347  1.584   1.00 39.37  ? 109 TRP A CG  1 
ATOM   563  C  CD1 . TRP A 1 70  ? -17.211 -3.040  1.182   1.00 38.25  ? 109 TRP A CD1 1 
ATOM   564  C  CD2 . TRP A 1 70  ? -16.789 -5.119  0.451   1.00 36.22  ? 109 TRP A CD2 1 
ATOM   565  N  NE1 . TRP A 1 70  ? -16.873 -2.952  -0.141  1.00 42.16  ? 109 TRP A NE1 1 
ATOM   566  C  CE2 . TRP A 1 70  ? -16.602 -4.209  -0.614  1.00 37.29  ? 109 TRP A CE2 1 
ATOM   567  C  CE3 . TRP A 1 70  ? -16.570 -6.481  0.214   1.00 36.02  ? 109 TRP A CE3 1 
ATOM   568  C  CZ2 . TRP A 1 70  ? -16.185 -4.627  -1.872  1.00 40.99  ? 109 TRP A CZ2 1 
ATOM   569  C  CZ3 . TRP A 1 70  ? -16.171 -6.894  -1.036  1.00 39.72  ? 109 TRP A CZ3 1 
ATOM   570  C  CH2 . TRP A 1 70  ? -15.970 -5.972  -2.069  1.00 38.50  ? 109 TRP A CH2 1 
ATOM   571  N  N   . VAL A 1 71  ? -18.982 -7.783  4.072   1.00 44.52  ? 110 VAL A N   1 
ATOM   572  C  CA  . VAL A 1 71  ? -19.139 -8.785  5.173   1.00 46.03  ? 110 VAL A CA  1 
ATOM   573  C  C   . VAL A 1 71  ? -18.130 -9.891  4.941   1.00 44.06  ? 110 VAL A C   1 
ATOM   574  O  O   . VAL A 1 71  ? -17.904 -10.315 3.811   1.00 41.27  ? 110 VAL A O   1 
ATOM   575  C  CB  . VAL A 1 71  ? -20.565 -9.367  5.292   1.00 49.60  ? 110 VAL A CB  1 
ATOM   576  C  CG1 . VAL A 1 71  ? -21.587 -8.282  5.552   1.00 47.88  ? 110 VAL A CG1 1 
ATOM   577  C  CG2 . VAL A 1 71  ? -20.948 -10.205 4.094   1.00 54.51  ? 110 VAL A CG2 1 
ATOM   578  N  N   . PRO A 1 72  ? -17.451 -10.343 6.012   1.00 44.41  ? 111 PRO A N   1 
ATOM   579  C  CA  . PRO A 1 72  ? -16.443 -11.379 5.892   1.00 48.73  ? 111 PRO A CA  1 
ATOM   580  C  C   . PRO A 1 72  ? -17.081 -12.760 5.750   1.00 48.94  ? 111 PRO A C   1 
ATOM   581  O  O   . PRO A 1 72  ? -18.087 -12.979 6.370   1.00 54.70  ? 111 PRO A O   1 
ATOM   582  C  CB  . PRO A 1 72  ? -15.657 -11.278 7.202   1.00 44.76  ? 111 PRO A CB  1 
ATOM   583  C  CG  . PRO A 1 72  ? -16.602 -10.673 8.191   1.00 46.17  ? 111 PRO A CG  1 
ATOM   584  C  CD  . PRO A 1 72  ? -17.607 -9.864  7.389   1.00 48.41  ? 111 PRO A CD  1 
ATOM   585  N  N   . GLY A 1 73  ? -16.461 -13.623 4.947   1.00 52.70  ? 112 GLY A N   1 
ATOM   586  C  CA  . GLY A 1 73  ? -16.726 -15.067 4.931   1.00 53.27  ? 112 GLY A CA  1 
ATOM   587  C  C   . GLY A 1 73  ? -16.595 -15.632 6.338   1.00 62.56  ? 112 GLY A C   1 
ATOM   588  O  O   . GLY A 1 73  ? -16.167 -14.892 7.260   1.00 62.53  ? 112 GLY A O   1 
ATOM   589  N  N   . GLY A 1 74  ? -16.989 -16.889 6.521   1.00 62.29  ? 113 GLY A N   1 
ATOM   590  C  CA  . GLY A 1 74  ? -16.914 -17.574 7.820   1.00 66.65  ? 113 GLY A CA  1 
ATOM   591  C  C   . GLY A 1 74  ? -15.788 -18.589 7.840   1.00 68.22  ? 113 GLY A C   1 
ATOM   592  O  O   . GLY A 1 74  ? -15.697 -19.307 8.850   1.00 76.76  ? 113 GLY A O   1 
ATOM   593  N  N   . LYS A 1 75  ? -14.969 -18.663 6.779   1.00 63.53  ? 114 LYS A N   1 
ATOM   594  C  CA  . LYS A 1 75  ? -13.958 -19.743 6.627   1.00 68.46  ? 114 LYS A CA  1 
ATOM   595  C  C   . LYS A 1 75  ? -12.570 -19.159 6.384   1.00 60.09  ? 114 LYS A C   1 
ATOM   596  O  O   . LYS A 1 75  ? -12.038 -19.253 5.284   1.00 57.15  ? 114 LYS A O   1 
ATOM   597  C  CB  . LYS A 1 75  ? -14.344 -20.719 5.514   1.00 76.89  ? 114 LYS A CB  1 
ATOM   598  C  CG  . LYS A 1 75  ? -13.970 -22.168 5.809   1.00 84.06  ? 114 LYS A CG  1 
ATOM   599  C  CD  . LYS A 1 75  ? -14.500 -22.673 7.154   1.00 87.43  ? 114 LYS A CD  1 
ATOM   600  C  CE  . LYS A 1 75  ? -14.908 -24.136 7.170   1.00 93.81  ? 114 LYS A CE  1 
ATOM   601  N  NZ  . LYS A 1 75  ? -13.827 -25.026 6.688   1.00 100.53 ? 114 LYS A NZ  1 
ATOM   602  N  N   . PRO A 1 76  ? -11.909 -18.639 7.438   1.00 67.18  ? 115 PRO A N   1 
ATOM   603  C  CA  . PRO A 1 76  ? -10.551 -18.116 7.310   1.00 67.06  ? 115 PRO A CA  1 
ATOM   604  C  C   . PRO A 1 76  ? -9.573  -19.141 6.710   1.00 71.16  ? 115 PRO A C   1 
ATOM   605  O  O   . PRO A 1 76  ? -9.807  -20.335 6.812   1.00 67.98  ? 115 PRO A O   1 
ATOM   606  C  CB  . PRO A 1 76  ? -10.136 -17.728 8.744   1.00 67.26  ? 115 PRO A CB  1 
ATOM   607  C  CG  . PRO A 1 76  ? -11.137 -18.425 9.648   1.00 71.25  ? 115 PRO A CG  1 
ATOM   608  C  CD  . PRO A 1 76  ? -12.407 -18.557 8.822   1.00 69.65  ? 115 PRO A CD  1 
ATOM   609  N  N   . GLU A 1 77  ? -8.533  -18.632 6.047   1.00 64.02  ? 116 GLU A N   1 
ATOM   610  C  CA  . GLU A 1 77  ? -7.362  -19.405 5.566   1.00 70.47  ? 116 GLU A CA  1 
ATOM   611  C  C   . GLU A 1 77  ? -6.118  -18.546 5.765   1.00 69.78  ? 116 GLU A C   1 
ATOM   612  O  O   . GLU A 1 77  ? -6.172  -17.333 5.604   1.00 75.02  ? 116 GLU A O   1 
ATOM   613  C  CB  . GLU A 1 77  ? -7.534  -19.783 4.095   1.00 72.56  ? 116 GLU A CB  1 
ATOM   614  C  CG  . GLU A 1 77  ? -8.801  -20.565 3.802   1.00 76.11  ? 116 GLU A CG  1 
ATOM   615  C  CD  . GLU A 1 77  ? -9.048  -20.762 2.316   1.00 80.95  ? 116 GLU A CD  1 
ATOM   616  O  OE1 . GLU A 1 77  ? -8.061  -20.760 1.556   1.00 80.98  ? 116 GLU A OE1 1 
ATOM   617  O  OE2 . GLU A 1 77  ? -10.226 -20.885 1.915   1.00 83.25  ? 116 GLU A OE2 1 
ATOM   618  N  N   . PRO A 1 78  ? -4.951  -19.131 6.097   1.00 71.32  ? 117 PRO A N   1 
ATOM   619  C  CA  . PRO A 1 78  ? -3.760  -18.330 6.368   1.00 73.20  ? 117 PRO A CA  1 
ATOM   620  C  C   . PRO A 1 78  ? -3.429  -17.534 5.102   1.00 69.49  ? 117 PRO A C   1 
ATOM   621  O  O   . PRO A 1 78  ? -3.571  -18.060 4.015   1.00 57.53  ? 117 PRO A O   1 
ATOM   622  C  CB  . PRO A 1 78  ? -2.667  -19.346 6.716   1.00 75.19  ? 117 PRO A CB  1 
ATOM   623  C  CG  . PRO A 1 78  ? -3.433  -20.620 7.029   1.00 78.12  ? 117 PRO A CG  1 
ATOM   624  C  CD  . PRO A 1 78  ? -4.675  -20.572 6.158   1.00 75.71  ? 117 PRO A CD  1 
ATOM   625  N  N   . GLN A 1 79  ? -3.024  -16.286 5.274   1.00 68.18  ? 118 GLN A N   1 
ATOM   626  C  CA  . GLN A 1 79  ? -2.735  -15.492 4.065   1.00 78.27  ? 118 GLN A CA  1 
ATOM   627  C  C   . GLN A 1 79  ? -1.226  -15.400 3.892   1.00 83.53  ? 118 GLN A C   1 
ATOM   628  O  O   . GLN A 1 79  ? -0.581  -14.755 4.724   1.00 81.59  ? 118 GLN A O   1 
ATOM   629  C  CB  . GLN A 1 79  ? -3.409  -14.131 4.182   1.00 71.87  ? 118 GLN A CB  1 
ATOM   630  C  CG  . GLN A 1 79  ? -4.900  -14.230 4.427   1.00 72.98  ? 118 GLN A CG  1 
ATOM   631  C  CD  . GLN A 1 79  ? -5.611  -14.784 3.221   1.00 69.73  ? 118 GLN A CD  1 
ATOM   632  O  OE1 . GLN A 1 79  ? -5.255  -14.503 2.085   1.00 69.92  ? 118 GLN A OE1 1 
ATOM   633  N  NE2 . GLN A 1 79  ? -6.623  -15.592 3.462   1.00 73.46  ? 118 GLN A NE2 1 
ATOM   634  N  N   . ALA A 1 80  ? -0.721  -16.013 2.821   1.00 101.08 ? 119 ALA A N   1 
ATOM   635  C  CA  . ALA A 1 80  ? 0.726   -15.969 2.518   1.00 99.37  ? 119 ALA A CA  1 
ATOM   636  C  C   . ALA A 1 80  ? 1.054   -14.503 2.290   1.00 90.58  ? 119 ALA A C   1 
ATOM   637  O  O   . ALA A 1 80  ? 0.412   -13.912 1.422   1.00 84.86  ? 119 ALA A O   1 
ATOM   638  C  CB  . ALA A 1 80  ? 1.026   -16.763 1.271   1.00 99.77  ? 119 ALA A CB  1 
ATOM   639  N  N   . PRO A 1 81  ? 2.149   -13.965 2.858   1.00 77.21  ? 120 PRO A N   1 
ATOM   640  C  CA  . PRO A 1 81  ? 2.455   -12.552 2.746   1.00 70.93  ? 120 PRO A CA  1 
ATOM   641  C  C   . PRO A 1 81  ? 2.690   -12.124 1.293   1.00 58.20  ? 120 PRO A C   1 
ATOM   642  O  O   . PRO A 1 81  ? 3.108   -12.896 0.453   1.00 54.37  ? 120 PRO A O   1 
ATOM   643  C  CB  . PRO A 1 81  ? 3.756   -12.418 3.536   1.00 30.00  ? 120 PRO A CB  1 
ATOM   644  C  CG  . PRO A 1 81  ? 4.369   -13.782 3.424   1.00 30.00  ? 120 PRO A CG  1 
ATOM   645  C  CD  . PRO A 1 81  ? 3.177   -14.696 3.574   1.00 30.00  ? 120 PRO A CD  1 
ATOM   646  N  N   . SER A 1 82  ? 2.424   -10.854 1.029   1.00 51.88  ? 121 SER A N   1 
ATOM   647  C  CA  . SER A 1 82  ? 2.599   -10.332 -0.345  1.00 46.70  ? 121 SER A CA  1 
ATOM   648  C  C   . SER A 1 82  ? 4.072   -10.174 -0.670  1.00 42.64  ? 121 SER A C   1 
ATOM   649  O  O   . SER A 1 82  ? 4.908   -10.100 0.224   1.00 43.88  ? 121 SER A O   1 
ATOM   650  C  CB  . SER A 1 82  ? 1.879   -9.036  -0.574  1.00 30.00  ? 121 SER A CB  1 
ATOM   651  O  OG  . SER A 1 82  ? 2.742   -7.917  -0.441  1.00 30.00  ? 121 SER A OG  1 
ATOM   652  N  N   . CYS A 1 83  ? 4.336   -10.016 -1.960  1.00 42.39  ? 122 CYS A N   1 
ATOM   653  C  CA  . CYS A 1 83  ? 5.693   -9.714  -2.449  1.00 40.35  ? 122 CYS A CA  1 
ATOM   654  C  C   . CYS A 1 83  ? 6.023   -8.243  -2.149  1.00 36.57  ? 122 CYS A C   1 
ATOM   655  O  O   . CYS A 1 83  ? 5.139   -7.441  -1.820  1.00 33.80  ? 122 CYS A O   1 
ATOM   656  C  CB  . CYS A 1 83  ? 5.853   -10.100 -3.911  1.00 45.88  ? 122 CYS A CB  1 
ATOM   657  S  SG  . CYS A 1 83  ? 6.140   -11.874 -4.135  1.00 55.18  ? 122 CYS A SG  1 
ATOM   658  N  N   . VAL A 1 84  ? 7.292   -7.903  -2.237  1.00 35.59  ? 123 VAL A N   1 
ATOM   659  C  CA  . VAL A 1 84  ? 7.703   -6.521  -1.899  1.00 39.00  ? 123 VAL A CA  1 
ATOM   660  C  C   . VAL A 1 84  ? 7.960   -5.715  -3.175  1.00 35.85  ? 123 VAL A C   1 
ATOM   661  O  O   . VAL A 1 84  ? 8.495   -6.265  -4.115  1.00 36.12  ? 123 VAL A O   1 
ATOM   662  C  CB  . VAL A 1 84  ? 8.945   -6.571  -1.003  1.00 44.80  ? 123 VAL A CB  1 
ATOM   663  C  CG1 . VAL A 1 84  ? 10.057  -7.339  -1.677  1.00 49.03  ? 123 VAL A CG1 1 
ATOM   664  C  CG2 . VAL A 1 84  ? 9.415   -5.193  -0.615  1.00 49.67  ? 123 VAL A CG2 1 
ATOM   665  N  N   . TYR A 1 85  ? 7.518   -4.463  -3.173  1.00 35.12  ? 124 TYR A N   1 
ATOM   666  C  CA  . TYR A 1 85  ? 7.754   -3.519  -4.285  1.00 34.84  ? 124 TYR A CA  1 
ATOM   667  C  C   . TYR A 1 85  ? 8.872   -2.602  -3.840  1.00 34.38  ? 124 TYR A C   1 
ATOM   668  O  O   . TYR A 1 85  ? 8.752   -1.972  -2.767  1.00 34.87  ? 124 TYR A O   1 
ATOM   669  C  CB  . TYR A 1 85  ? 6.514   -2.679  -4.575  1.00 35.89  ? 124 TYR A CB  1 
ATOM   670  C  CG  . TYR A 1 85  ? 6.716   -1.587  -5.602  1.00 37.35  ? 124 TYR A CG  1 
ATOM   671  C  CD1 . TYR A 1 85  ? 6.727   -1.859  -6.967  1.00 39.07  ? 124 TYR A CD1 1 
ATOM   672  C  CD2 . TYR A 1 85  ? 6.849   -0.271  -5.203  1.00 34.34  ? 124 TYR A CD2 1 
ATOM   673  C  CE1 . TYR A 1 85  ? 6.911   -0.853  -7.897  1.00 38.18  ? 124 TYR A CE1 1 
ATOM   674  C  CE2 . TYR A 1 85  ? 7.023   0.750   -6.116  1.00 36.49  ? 124 TYR A CE2 1 
ATOM   675  C  CZ  . TYR A 1 85  ? 7.068   0.455   -7.467  1.00 38.48  ? 124 TYR A CZ  1 
ATOM   676  O  OH  . TYR A 1 85  ? 7.211   1.481   -8.341  1.00 33.42  ? 124 TYR A OH  1 
ATOM   677  N  N   . ILE A 1 86  ? 9.952   -2.583  -4.626  0.64 36.13  ? 125 ILE A N   1 
ATOM   678  C  CA  . ILE A 1 86  ? 11.141  -1.707  -4.426  0.64 39.43  ? 125 ILE A CA  1 
ATOM   679  C  C   . ILE A 1 86  ? 10.797  -0.351  -5.041  0.64 40.71  ? 125 ILE A C   1 
ATOM   680  O  O   . ILE A 1 86  ? 10.612  -0.296  -6.275  0.64 41.44  ? 125 ILE A O   1 
ATOM   681  C  CB  . ILE A 1 86  ? 12.413  -2.308  -5.066  0.64 42.87  ? 125 ILE A CB  1 
ATOM   682  C  CG1 . ILE A 1 86  ? 12.573  -3.803  -4.773  0.64 45.06  ? 125 ILE A CG1 1 
ATOM   683  C  CG2 . ILE A 1 86  ? 13.646  -1.523  -4.638  0.64 43.43  ? 125 ILE A CG2 1 
ATOM   684  C  CD1 . ILE A 1 86  ? 13.657  -4.476  -5.598  0.64 46.53  ? 125 ILE A CD1 1 
ATOM   685  N  N   . HIS A 1 87  ? 10.691  0.702   -4.229  0.64 41.93  ? 126 HIS A N   1 
ATOM   686  C  CA  . HIS A 1 87  ? 10.490  2.074   -4.754  0.64 43.05  ? 126 HIS A CA  1 
ATOM   687  C  C   . HIS A 1 87  ? 11.555  2.324   -5.818  0.64 41.93  ? 126 HIS A C   1 
ATOM   688  O  O   . HIS A 1 87  ? 12.747  2.180   -5.552  0.64 37.78  ? 126 HIS A O   1 
ATOM   689  C  CB  . HIS A 1 87  ? 10.509  3.145   -3.659  0.64 43.57  ? 126 HIS A CB  1 
ATOM   690  C  CG  . HIS A 1 87  ? 10.021  4.458   -4.168  0.64 48.71  ? 126 HIS A CG  1 
ATOM   691  N  ND1 . HIS A 1 87  ? 10.876  5.520   -4.429  0.64 53.30  ? 126 HIS A ND1 1 
ATOM   692  C  CD2 . HIS A 1 87  ? 8.781   4.860   -4.538  0.64 49.78  ? 126 HIS A CD2 1 
ATOM   693  C  CE1 . HIS A 1 87  ? 10.175  6.535   -4.895  0.64 54.27  ? 126 HIS A CE1 1 
ATOM   694  N  NE2 . HIS A 1 87  ? 8.887   6.153   -4.976  0.64 53.77  ? 126 HIS A NE2 1 
ATOM   695  N  N   . PRO A 1 88  ? 11.153  2.682   -7.058  0.64 41.25  ? 127 PRO A N   1 
ATOM   696  C  CA  . PRO A 1 88  ? 12.086  2.781   -8.183  0.64 42.52  ? 127 PRO A CA  1 
ATOM   697  C  C   . PRO A 1 88  ? 13.249  3.766   -7.977  0.64 41.45  ? 127 PRO A C   1 
ATOM   698  O  O   . PRO A 1 88  ? 14.264  3.591   -8.629  0.64 44.33  ? 127 PRO A O   1 
ATOM   699  C  CB  . PRO A 1 88  ? 11.191  3.223   -9.356  0.64 41.63  ? 127 PRO A CB  1 
ATOM   700  C  CG  . PRO A 1 88  ? 9.977   3.833   -8.697  0.64 43.04  ? 127 PRO A CG  1 
ATOM   701  C  CD  . PRO A 1 88  ? 9.775   2.996   -7.452  0.64 41.85  ? 127 PRO A CD  1 
ATOM   702  N  N   . ASP A 1 89  ? 13.116  4.743   -7.074  0.64 40.56  ? 128 ASP A N   1 
ATOM   703  C  CA  . ASP A 1 89  ? 14.205  5.712   -6.773  0.64 40.52  ? 128 ASP A CA  1 
ATOM   704  C  C   . ASP A 1 89  ? 15.256  5.076   -5.846  0.64 38.20  ? 128 ASP A C   1 
ATOM   705  O  O   . ASP A 1 89  ? 16.229  5.777   -5.561  0.64 37.21  ? 128 ASP A O   1 
ATOM   706  C  CB  . ASP A 1 89  ? 13.682  7.017   -6.158  0.64 40.31  ? 128 ASP A CB  1 
ATOM   707  C  CG  . ASP A 1 89  ? 12.548  7.725   -6.916  0.64 43.17  ? 128 ASP A CG  1 
ATOM   708  O  OD1 . ASP A 1 89  ? 12.103  7.195   -7.943  0.64 45.82  ? 128 ASP A OD1 1 
ATOM   709  O  OD2 . ASP A 1 89  ? 12.111  8.793   -6.446  0.64 44.34  ? 128 ASP A OD2 1 
ATOM   710  N  N   . SER A 1 90  ? 15.080  3.820   -5.393  0.64 36.39  ? 129 SER A N   1 
ATOM   711  C  CA  . SER A 1 90  ? 16.018  3.092   -4.486  0.64 36.28  ? 129 SER A CA  1 
ATOM   712  C  C   . SER A 1 90  ? 17.213  2.554   -5.272  0.64 36.70  ? 129 SER A C   1 
ATOM   713  O  O   . SER A 1 90  ? 17.070  2.230   -6.444  0.64 37.96  ? 129 SER A O   1 
ATOM   714  C  CB  . SER A 1 90  ? 15.332  1.949   -3.773  0.64 35.95  ? 129 SER A CB  1 
ATOM   715  O  OG  . SER A 1 90  ? 14.105  2.363   -3.198  0.64 34.83  ? 129 SER A OG  1 
ATOM   716  N  N   . PRO A 1 91  ? 18.425  2.413   -4.684  1.00 36.57  ? 130 PRO A N   1 
ATOM   717  C  CA  . PRO A 1 91  ? 18.751  2.961   -3.372  1.00 36.69  ? 130 PRO A CA  1 
ATOM   718  C  C   . PRO A 1 91  ? 19.073  4.451   -3.447  1.00 40.62  ? 130 PRO A C   1 
ATOM   719  O  O   . PRO A 1 91  ? 19.415  4.910   -4.526  1.00 42.47  ? 130 PRO A O   1 
ATOM   720  C  CB  . PRO A 1 91  ? 20.053  2.253   -3.017  1.00 42.40  ? 130 PRO A CB  1 
ATOM   721  C  CG  . PRO A 1 91  ? 20.681  1.959   -4.347  1.00 43.99  ? 130 PRO A CG  1 
ATOM   722  C  CD  . PRO A 1 91  ? 19.541  1.701   -5.296  1.00 41.07  ? 130 PRO A CD  1 
ATOM   723  N  N   . ASN A 1 92  ? 18.996  5.183   -2.351  1.00 36.22  ? 131 ASN A N   1 
ATOM   724  C  CA  . ASN A 1 92  ? 19.222  6.644   -2.438  1.00 40.97  ? 131 ASN A CA  1 
ATOM   725  C  C   . ASN A 1 92  ? 19.618  7.209   -1.075  1.00 43.84  ? 131 ASN A C   1 
ATOM   726  O  O   . ASN A 1 92  ? 19.497  6.504   -0.069  1.00 40.89  ? 131 ASN A O   1 
ATOM   727  C  CB  . ASN A 1 92  ? 18.051  7.375   -3.106  1.00 40.97  ? 131 ASN A CB  1 
ATOM   728  C  CG  . ASN A 1 92  ? 18.528  8.405   -4.116  1.00 43.71  ? 131 ASN A CG  1 
ATOM   729  O  OD1 . ASN A 1 92  ? 19.420  9.184   -3.816  1.00 42.13  ? 131 ASN A OD1 1 
ATOM   730  N  ND2 . ASN A 1 92  ? 17.924  8.444   -5.293  1.00 39.05  ? 131 ASN A ND2 1 
ATOM   731  N  N   . PHE A 1 93  ? 20.187  8.417   -1.081  1.00 43.47  ? 132 PHE A N   1 
ATOM   732  C  CA  . PHE A 1 93  ? 20.671  9.085   0.150   1.00 45.31  ? 132 PHE A CA  1 
ATOM   733  C  C   . PHE A 1 93  ? 19.441  9.499   0.970   1.00 45.03  ? 132 PHE A C   1 
ATOM   734  O  O   . PHE A 1 93  ? 18.388  9.808   0.371   1.00 46.95  ? 132 PHE A O   1 
ATOM   735  C  CB  . PHE A 1 93  ? 21.590  10.261  -0.208  1.00 49.73  ? 132 PHE A CB  1 
ATOM   736  C  CG  . PHE A 1 93  ? 22.905  9.843   -0.820  1.00 47.53  ? 132 PHE A CG  1 
ATOM   737  C  CD1 . PHE A 1 93  ? 23.913  9.303   -0.033  1.00 51.55  ? 132 PHE A CD1 1 
ATOM   738  C  CD2 . PHE A 1 93  ? 23.130  9.973   -2.182  1.00 49.86  ? 132 PHE A CD2 1 
ATOM   739  C  CE1 . PHE A 1 93  ? 25.108  8.877   -0.592  1.00 49.44  ? 132 PHE A CE1 1 
ATOM   740  C  CE2 . PHE A 1 93  ? 24.337  9.569   -2.739  1.00 47.72  ? 132 PHE A CE2 1 
ATOM   741  C  CZ  . PHE A 1 93  ? 25.321  9.017   -1.946  1.00 49.01  ? 132 PHE A CZ  1 
ATOM   742  N  N   . GLY A 1 94  ? 19.553  9.503   2.295   1.00 45.97  ? 133 GLY A N   1 
ATOM   743  C  CA  . GLY A 1 94  ? 18.500  10.056  3.170   1.00 46.98  ? 133 GLY A CA  1 
ATOM   744  C  C   . GLY A 1 94  ? 17.968  11.392  2.662   1.00 47.88  ? 133 GLY A C   1 
ATOM   745  O  O   . GLY A 1 94  ? 16.746  11.598  2.666   1.00 44.21  ? 133 GLY A O   1 
ATOM   746  N  N   . ALA A 1 95  ? 18.854  12.290  2.231   1.00 50.01  ? 134 ALA A N   1 
ATOM   747  C  CA  . ALA A 1 95  ? 18.511  13.642  1.737   1.00 45.29  ? 134 ALA A CA  1 
ATOM   748  C  C   . ALA A 1 95  ? 17.455  13.552  0.638   1.00 44.59  ? 134 ALA A C   1 
ATOM   749  O  O   . ALA A 1 95  ? 16.585  14.427  0.546   1.00 46.37  ? 134 ALA A O   1 
ATOM   750  C  CB  . ALA A 1 95  ? 19.764  14.293  1.200   1.00 48.68  ? 134 ALA A CB  1 
ATOM   751  N  N   . HIS A 1 96  ? 17.595  12.567  -0.242  1.00 41.84  ? 135 HIS A N   1 
ATOM   752  C  CA  . HIS A 1 96  ? 16.709  12.393  -1.414  1.00 44.27  ? 135 HIS A CA  1 
ATOM   753  C  C   . HIS A 1 96  ? 15.301  12.058  -0.917  1.00 42.01  ? 135 HIS A C   1 
ATOM   754  O  O   . HIS A 1 96  ? 14.299  12.556  -1.480  1.00 46.08  ? 135 HIS A O   1 
ATOM   755  C  CB  . HIS A 1 96  ? 17.240  11.278  -2.332  1.00 44.76  ? 135 HIS A CB  1 
ATOM   756  C  CG  . HIS A 1 96  ? 16.293  10.943  -3.429  1.00 43.73  ? 135 HIS A CG  1 
ATOM   757  N  ND1 . HIS A 1 96  ? 16.299  11.618  -4.639  1.00 46.53  ? 135 HIS A ND1 1 
ATOM   758  C  CD2 . HIS A 1 96  ? 15.299  10.028  -3.498  1.00 37.65  ? 135 HIS A CD2 1 
ATOM   759  C  CE1 . HIS A 1 96  ? 15.357  11.130  -5.417  1.00 50.90  ? 135 HIS A CE1 1 
ATOM   760  N  NE2 . HIS A 1 96  ? 14.711  10.162  -4.726  1.00 47.79  ? 135 HIS A NE2 1 
ATOM   761  N  N   . TRP A 1 97  ? 15.238  11.181  0.058   1.00 42.90  ? 136 TRP A N   1 
ATOM   762  C  CA  . TRP A 1 97  ? 13.957  10.659  0.595   1.00 41.98  ? 136 TRP A CA  1 
ATOM   763  C  C   . TRP A 1 97  ? 13.252  11.730  1.423   1.00 47.01  ? 136 TRP A C   1 
ATOM   764  O  O   . TRP A 1 97  ? 12.009  11.735  1.436   1.00 46.77  ? 136 TRP A O   1 
ATOM   765  C  CB  . TRP A 1 97  ? 14.233  9.430   1.440   1.00 41.21  ? 136 TRP A CB  1 
ATOM   766  C  CG  . TRP A 1 97  ? 14.842  8.293   0.693   1.00 36.11  ? 136 TRP A CG  1 
ATOM   767  C  CD1 . TRP A 1 97  ? 16.059  7.727   0.927   1.00 35.95  ? 136 TRP A CD1 1 
ATOM   768  C  CD2 . TRP A 1 97  ? 14.240  7.552   -0.370  1.00 34.15  ? 136 TRP A CD2 1 
ATOM   769  N  NE1 . TRP A 1 97  ? 16.258  6.675   0.079   1.00 35.45  ? 136 TRP A NE1 1 
ATOM   770  C  CE2 . TRP A 1 97  ? 15.164  6.562   -0.745  1.00 33.85  ? 136 TRP A CE2 1 
ATOM   771  C  CE3 . TRP A 1 97  ? 13.019  7.639   -1.054  1.00 36.92  ? 136 TRP A CE3 1 
ATOM   772  C  CZ2 . TRP A 1 97  ? 14.882  5.615   -1.720  1.00 34.25  ? 136 TRP A CZ2 1 
ATOM   773  C  CZ3 . TRP A 1 97  ? 12.745  6.705   -2.025  1.00 34.94  ? 136 TRP A CZ3 1 
ATOM   774  C  CH2 . TRP A 1 97  ? 13.662  5.712   -2.356  1.00 35.52  ? 136 TRP A CH2 1 
ATOM   775  N  N   . MET A 1 98  ? 14.019  12.615  2.070   1.00 49.89  ? 137 MET A N   1 
ATOM   776  C  CA  . MET A 1 98  ? 13.457  13.631  2.990   1.00 50.55  ? 137 MET A CA  1 
ATOM   777  C  C   . MET A 1 98  ? 13.143  14.932  2.245   1.00 50.49  ? 137 MET A C   1 
ATOM   778  O  O   . MET A 1 98  ? 12.523  15.758  2.882   1.00 51.92  ? 137 MET A O   1 
ATOM   779  C  CB  . MET A 1 98  ? 14.404  13.924  4.155   1.00 49.38  ? 137 MET A CB  1 
ATOM   780  C  CG  . MET A 1 98  ? 14.550  12.757  5.103   1.00 51.43  ? 137 MET A CG  1 
ATOM   781  S  SD  . MET A 1 98  ? 15.519  13.166  6.593   1.00 50.16  ? 137 MET A SD  1 
ATOM   782  C  CE  . MET A 1 98  ? 17.160  13.280  5.877   1.00 53.97  ? 137 MET A CE  1 
ATOM   783  N  N   . LYS A 1 99  ? 13.493  15.095  0.959   1.00 55.25  ? 138 LYS A N   1 
ATOM   784  C  CA  . LYS A 1 99  ? 13.297  16.389  0.240   1.00 53.89  ? 138 LYS A CA  1 
ATOM   785  C  C   . LYS A 1 99  ? 11.870  16.502  -0.315  1.00 56.71  ? 138 LYS A C   1 
ATOM   786  O  O   . LYS A 1 99  ? 11.408  17.638  -0.509  1.00 53.25  ? 138 LYS A O   1 
ATOM   787  C  CB  . LYS A 1 99  ? 14.383  16.648  -0.819  1.00 56.09  ? 138 LYS A CB  1 
ATOM   788  C  CG  . LYS A 1 99  ? 14.388  15.782  -2.073  1.00 59.56  ? 138 LYS A CG  1 
ATOM   789  C  CD  . LYS A 1 99  ? 15.385  16.295  -3.123  1.00 68.30  ? 138 LYS A CD  1 
ATOM   790  C  CE  . LYS A 1 99  ? 15.278  15.648  -4.491  1.00 70.66  ? 138 LYS A CE  1 
ATOM   791  N  NZ  . LYS A 1 99  ? 16.450  14.788  -4.806  1.00 77.25  ? 138 LYS A NZ  1 
ATOM   792  N  N   . ALA A 1 100 ? 11.153  15.399  -0.532  1.00 51.11  ? 139 ALA A N   1 
ATOM   793  C  CA  . ALA A 1 100 ? 9.727   15.456  -0.921  1.00 47.86  ? 139 ALA A CA  1 
ATOM   794  C  C   . ALA A 1 100 ? 9.032   14.175  -0.475  1.00 45.47  ? 139 ALA A C   1 
ATOM   795  O  O   . ALA A 1 100 ? 9.700   13.214  -0.130  1.00 50.68  ? 139 ALA A O   1 
ATOM   796  C  CB  . ALA A 1 100 ? 9.607   15.675  -2.408  1.00 49.79  ? 139 ALA A CB  1 
ATOM   797  N  N   . PRO A 1 101 ? 7.685   14.152  -0.387  1.00 47.02  ? 140 PRO A N   1 
ATOM   798  C  CA  . PRO A 1 101 ? 6.972   12.933  -0.017  1.00 41.70  ? 140 PRO A CA  1 
ATOM   799  C  C   . PRO A 1 101 ? 7.427   11.773  -0.909  1.00 40.24  ? 140 PRO A C   1 
ATOM   800  O  O   . PRO A 1 101 ? 7.570   11.957  -2.087  1.00 38.43  ? 140 PRO A O   1 
ATOM   801  C  CB  . PRO A 1 101 ? 5.500   13.292  -0.255  1.00 47.54  ? 140 PRO A CB  1 
ATOM   802  C  CG  . PRO A 1 101 ? 5.440   14.792  -0.024  1.00 47.00  ? 140 PRO A CG  1 
ATOM   803  C  CD  . PRO A 1 101 ? 6.783   15.312  -0.508  1.00 47.33  ? 140 PRO A CD  1 
ATOM   804  N  N   . VAL A 1 102 ? 7.699   10.621  -0.320  1.00 37.88  ? 141 VAL A N   1 
ATOM   805  C  CA  . VAL A 1 102 ? 8.016   9.382   -1.092  1.00 39.59  ? 141 VAL A CA  1 
ATOM   806  C  C   . VAL A 1 102 ? 6.706   8.821   -1.653  1.00 40.37  ? 141 VAL A C   1 
ATOM   807  O  O   . VAL A 1 102 ? 5.804   8.440   -0.875  1.00 36.63  ? 141 VAL A O   1 
ATOM   808  C  CB  . VAL A 1 102 ? 8.770   8.359   -0.240  1.00 38.37  ? 141 VAL A CB  1 
ATOM   809  C  CG1 . VAL A 1 102 ? 9.176   7.158   -1.061  1.00 36.17  ? 141 VAL A CG1 1 
ATOM   810  C  CG2 . VAL A 1 102 ? 9.960   8.989   0.466   1.00 41.25  ? 141 VAL A CG2 1 
ATOM   811  N  N   . SER A 1 103 ? 6.584   8.796   -2.973  1.00 37.11  ? 142 SER A N   1 
ATOM   812  C  CA  . SER A 1 103 ? 5.285   8.552   -3.636  1.00 39.11  ? 142 SER A CA  1 
ATOM   813  C  C   . SER A 1 103 ? 5.358   7.213   -4.377  1.00 36.83  ? 142 SER A C   1 
ATOM   814  O  O   . SER A 1 103 ? 6.218   7.076   -5.253  1.00 39.05  ? 142 SER A O   1 
ATOM   815  C  CB  . SER A 1 103 ? 4.957   9.707   -4.512  1.00 37.00  ? 142 SER A CB  1 
ATOM   816  O  OG  . SER A 1 103 ? 3.814   9.431   -5.277  1.00 42.49  ? 142 SER A OG  1 
ATOM   817  N  N   . PHE A 1 104 ? 4.509   6.244   -4.015  1.00 34.39  ? 143 PHE A N   1 
ATOM   818  C  CA  . PHE A 1 104 ? 4.507   4.893   -4.651  1.00 31.26  ? 143 PHE A CA  1 
ATOM   819  C  C   . PHE A 1 104 ? 3.520   4.879   -5.834  1.00 35.21  ? 143 PHE A C   1 
ATOM   820  O  O   . PHE A 1 104 ? 2.629   4.002   -5.923  1.00 33.96  ? 143 PHE A O   1 
ATOM   821  C  CB  . PHE A 1 104 ? 4.191   3.833   -3.588  1.00 32.03  ? 143 PHE A CB  1 
ATOM   822  C  CG  . PHE A 1 104 ? 5.296   3.691   -2.561  1.00 34.43  ? 143 PHE A CG  1 
ATOM   823  C  CD1 . PHE A 1 104 ? 6.274   2.727   -2.708  1.00 31.87  ? 143 PHE A CD1 1 
ATOM   824  C  CD2 . PHE A 1 104 ? 5.372   4.547   -1.473  1.00 34.61  ? 143 PHE A CD2 1 
ATOM   825  C  CE1 . PHE A 1 104 ? 7.279   2.586   -1.765  1.00 37.62  ? 143 PHE A CE1 1 
ATOM   826  C  CE2 . PHE A 1 104 ? 6.362   4.387   -0.516  1.00 38.87  ? 143 PHE A CE2 1 
ATOM   827  C  CZ  . PHE A 1 104 ? 7.318   3.414   -0.672  1.00 37.19  ? 143 PHE A CZ  1 
ATOM   828  N  N   . SER A 1 105 ? 3.714   5.774   -6.798  1.00 34.89  ? 144 SER A N   1 
ATOM   829  C  CA  . SER A 1 105 ? 2.725   6.019   -7.884  1.00 36.41  ? 144 SER A CA  1 
ATOM   830  C  C   . SER A 1 105 ? 2.810   4.908   -8.935  1.00 34.74  ? 144 SER A C   1 
ATOM   831  O  O   . SER A 1 105 ? 1.824   4.742   -9.686  1.00 39.12  ? 144 SER A O   1 
ATOM   832  C  CB  . SER A 1 105 ? 2.922   7.366   -8.494  1.00 36.45  ? 144 SER A CB  1 
ATOM   833  O  OG  . SER A 1 105 ? 4.241   7.457   -8.956  1.00 40.87  ? 144 SER A OG  1 
ATOM   834  N  N   . LYS A 1 106 ? 3.919   4.169   -8.992  1.00 36.38  ? 145 LYS A N   1 
ATOM   835  C  CA  . LYS A 1 106 ? 4.171   3.193   -10.098 1.00 37.61  ? 145 LYS A CA  1 
ATOM   836  C  C   . LYS A 1 106 ? 3.916   1.742   -9.671  1.00 37.99  ? 145 LYS A C   1 
ATOM   837  O  O   . LYS A 1 106 ? 3.983   0.837   -10.532 1.00 34.62  ? 145 LYS A O   1 
ATOM   838  C  CB  . LYS A 1 106 ? 5.596   3.369   -10.612 1.00 39.05  ? 145 LYS A CB  1 
ATOM   839  C  CG  . LYS A 1 106 ? 5.894   4.756   -11.151 1.00 37.16  ? 145 LYS A CG  1 
ATOM   840  C  CD  . LYS A 1 106 ? 4.943   5.179   -12.225 1.00 40.99  ? 145 LYS A CD  1 
ATOM   841  C  CE  . LYS A 1 106 ? 5.517   6.315   -13.045 1.00 38.83  ? 145 LYS A CE  1 
ATOM   842  N  NZ  . LYS A 1 106 ? 4.543   6.706   -14.088 1.00 43.31  ? 145 LYS A NZ  1 
ATOM   843  N  N   . VAL A 1 107 ? 3.553   1.482   -8.409  1.00 35.46  ? 146 VAL A N   1 
ATOM   844  C  CA  . VAL A 1 107 ? 3.207   0.083   -8.036  1.00 36.16  ? 146 VAL A CA  1 
ATOM   845  C  C   . VAL A 1 107 ? 1.908   -0.284  -8.753  1.00 31.80  ? 146 VAL A C   1 
ATOM   846  O  O   . VAL A 1 107 ? 0.990   0.522   -8.746  1.00 33.92  ? 146 VAL A O   1 
ATOM   847  C  CB  . VAL A 1 107 ? 3.125   -0.141  -6.508  1.00 34.33  ? 146 VAL A CB  1 
ATOM   848  C  CG1 . VAL A 1 107 ? 2.007   0.649   -5.852  1.00 37.35  ? 146 VAL A CG1 1 
ATOM   849  C  CG2 . VAL A 1 107 ? 2.998   -1.615  -6.190  1.00 36.33  ? 146 VAL A CG2 1 
ATOM   850  N  N   . LYS A 1 108 ? 1.822   -1.510  -9.255  1.00 36.51  ? 147 LYS A N   1 
ATOM   851  C  CA  . LYS A 1 108 ? 0.626   -2.051  -9.942  1.00 38.82  ? 147 LYS A CA  1 
ATOM   852  C  C   . LYS A 1 108 ? 0.144   -3.281  -9.173  1.00 37.59  ? 147 LYS A C   1 
ATOM   853  O  O   . LYS A 1 108 ? 0.964   -4.148  -8.869  1.00 38.69  ? 147 LYS A O   1 
ATOM   854  C  CB  . LYS A 1 108 ? 0.966   -2.415  -11.384 1.00 43.32  ? 147 LYS A CB  1 
ATOM   855  C  CG  . LYS A 1 108 ? 1.216   -1.213  -12.279 1.00 52.70  ? 147 LYS A CG  1 
ATOM   856  C  CD  . LYS A 1 108 ? 2.001   -1.531  -13.528 1.00 55.86  ? 147 LYS A CD  1 
ATOM   857  C  CE  . LYS A 1 108 ? 1.119   -1.765  -14.726 1.00 59.45  ? 147 LYS A CE  1 
ATOM   858  N  NZ  . LYS A 1 108 ? 1.871   -1.547  -15.983 1.00 56.30  ? 147 LYS A NZ  1 
ATOM   859  N  N   . LEU A 1 109 ? -1.140  -3.315  -8.848  1.00 40.75  ? 148 LEU A N   1 
ATOM   860  C  CA  . LEU A 1 109 ? -1.770  -4.424  -8.081  1.00 38.90  ? 148 LEU A CA  1 
ATOM   861  C  C   . LEU A 1 109 ? -2.400  -5.409  -9.063  1.00 41.70  ? 148 LEU A C   1 
ATOM   862  O  O   . LEU A 1 109 ? -3.228  -4.968  -9.896  1.00 40.07  ? 148 LEU A O   1 
ATOM   863  C  CB  . LEU A 1 109 ? -2.809  -3.820  -7.142  1.00 33.27  ? 148 LEU A CB  1 
ATOM   864  C  CG  . LEU A 1 109 ? -2.277  -2.738  -6.190  1.00 34.98  ? 148 LEU A CG  1 
ATOM   865  C  CD1 . LEU A 1 109 ? -3.338  -2.301  -5.189  1.00 34.00  ? 148 LEU A CD1 1 
ATOM   866  C  CD2 . LEU A 1 109 ? -1.008  -3.222  -5.495  1.00 36.82  ? 148 LEU A CD2 1 
ATOM   867  N  N   . THR A 1 110 ? -2.041  -6.684  -8.976  1.00 40.04  ? 149 THR A N   1 
ATOM   868  C  CA  . THR A 1 110 ? -2.563  -7.729  -9.894  1.00 44.63  ? 149 THR A CA  1 
ATOM   869  C  C   . THR A 1 110 ? -3.263  -8.816  -9.081  1.00 45.16  ? 149 THR A C   1 
ATOM   870  O  O   . THR A 1 110 ? -3.059  -8.860  -7.831  1.00 43.95  ? 149 THR A O   1 
ATOM   871  C  CB  . THR A 1 110 ? -1.463  -8.284  -10.818 1.00 44.17  ? 149 THR A CB  1 
ATOM   872  O  OG1 . THR A 1 110 ? -2.051  -9.287  -11.647 1.00 46.52  ? 149 THR A OG1 1 
ATOM   873  C  CG2 . THR A 1 110 ? -0.278  -8.903  -10.117 1.00 43.34  ? 149 THR A CG2 1 
ATOM   874  N  N   . ASN A 1 111 ? -4.032  -9.661  -9.776  1.00 43.60  ? 150 ASN A N   1 
ATOM   875  C  CA  . ASN A 1 111 ? -4.584  -10.940 -9.248  1.00 49.18  ? 150 ASN A CA  1 
ATOM   876  C  C   . ASN A 1 111 ? -3.871  -12.152 -9.868  1.00 52.80  ? 150 ASN A C   1 
ATOM   877  O  O   . ASN A 1 111 ? -4.313  -13.262 -9.581  1.00 57.28  ? 150 ASN A O   1 
ATOM   878  C  CB  . ASN A 1 111 ? -6.106  -11.038 -9.410  1.00 52.28  ? 150 ASN A CB  1 
ATOM   879  C  CG  . ASN A 1 111 ? -6.638  -10.683 -10.786 1.00 49.16  ? 150 ASN A CG  1 
ATOM   880  O  OD1 . ASN A 1 111 ? -7.840  -10.524 -10.948 1.00 62.72  ? 150 ASN A OD1 1 
ATOM   881  N  ND2 . ASN A 1 111 ? -5.774  -10.518 -11.768 1.00 50.92  ? 150 ASN A ND2 1 
ATOM   882  N  N   . LYS A 1 112 ? -2.788  -11.987 -10.634 1.00 58.77  ? 151 LYS A N   1 
ATOM   883  C  CA  . LYS A 1 112 ? -2.104  -13.135 -11.306 1.00 66.80  ? 151 LYS A CA  1 
ATOM   884  C  C   . LYS A 1 112 ? -0.591  -13.049 -11.091 1.00 70.88  ? 151 LYS A C   1 
ATOM   885  O  O   . LYS A 1 112 ? -0.041  -11.952 -11.290 1.00 70.28  ? 151 LYS A O   1 
ATOM   886  C  CB  . LYS A 1 112 ? -2.415  -13.150 -12.808 1.00 75.43  ? 151 LYS A CB  1 
ATOM   887  C  CG  . LYS A 1 112 ? -3.895  -13.116 -13.179 1.00 78.62  ? 151 LYS A CG  1 
ATOM   888  C  CD  . LYS A 1 112 ? -4.595  -14.466 -13.134 1.00 81.61  ? 151 LYS A CD  1 
ATOM   889  C  CE  . LYS A 1 112 ? -6.070  -14.366 -13.467 1.00 81.53  ? 151 LYS A CE  1 
ATOM   890  N  NZ  . LYS A 1 112 ? -6.735  -15.688 -13.392 1.00 82.97  ? 151 LYS A NZ  1 
ATOM   891  N  N   . LEU A 1 113 ? 0.050   -14.162 -10.704 1.00 79.48  ? 152 LEU A N   1 
ATOM   892  C  CA  . LEU A 1 113 ? 1.534   -14.309 -10.697 1.00 83.46  ? 152 LEU A CA  1 
ATOM   893  C  C   . LEU A 1 113 ? 2.062   -13.761 -12.029 1.00 90.37  ? 152 LEU A C   1 
ATOM   894  O  O   . LEU A 1 113 ? 1.549   -14.180 -13.087 1.00 88.28  ? 152 LEU A O   1 
ATOM   895  C  CB  . LEU A 1 113 ? 1.975   -15.764 -10.452 1.00 86.74  ? 152 LEU A CB  1 
ATOM   896  C  CG  . LEU A 1 113 ? 1.073   -16.922 -10.906 1.00 90.19  ? 152 LEU A CG  1 
ATOM   897  C  CD1 . LEU A 1 113 ? 0.020   -17.272 -9.859  1.00 89.34  ? 152 LEU A CD1 1 
ATOM   898  C  CD2 . LEU A 1 113 ? 0.428   -16.699 -12.273 1.00 92.45  ? 152 LEU A CD2 1 
ATOM   899  N  N   . ASN A 1 114 ? 2.994   -12.806 -11.976 1.00 97.22  ? 153 ASN A N   1 
ATOM   900  C  CA  . ASN A 1 114 ? 3.304   -11.920 -13.131 1.00 104.63 ? 153 ASN A CA  1 
ATOM   901  C  C   . ASN A 1 114 ? 4.812   -11.661 -13.220 1.00 103.36 ? 153 ASN A C   1 
ATOM   902  O  O   . ASN A 1 114 ? 5.480   -11.656 -12.163 1.00 103.10 ? 153 ASN A O   1 
ATOM   903  C  CB  . ASN A 1 114 ? 2.492   -10.620 -13.068 1.00 108.93 ? 153 ASN A CB  1 
ATOM   904  C  CG  . ASN A 1 114 ? 1.077   -10.762 -13.596 1.00 112.66 ? 153 ASN A CG  1 
ATOM   905  O  OD1 . ASN A 1 114 ? 0.777   -11.659 -14.387 1.00 116.12 ? 153 ASN A OD1 1 
ATOM   906  N  ND2 . ASN A 1 114 ? 0.191   -9.879  -13.164 1.00 110.57 ? 153 ASN A ND2 1 
ATOM   907  N  N   . GLY A 1 115 ? 5.283   -11.426 -14.454 1.00 104.93 ? 154 GLY A N   1 
ATOM   908  C  CA  . GLY A 1 115 ? 6.700   -11.324 -14.865 1.00 104.97 ? 154 GLY A CA  1 
ATOM   909  C  C   . GLY A 1 115 ? 7.563   -10.628 -13.830 1.00 96.90  ? 154 GLY A C   1 
ATOM   910  O  O   . GLY A 1 115 ? 8.601   -11.191 -13.449 1.00 94.64  ? 154 GLY A O   1 
ATOM   911  N  N   . GLY A 1 116 ? 7.153   -9.441  -13.390 1.00 93.27  ? 155 GLY A N   1 
ATOM   912  C  CA  . GLY A 1 116 ? 7.882   -8.662  -12.374 1.00 90.43  ? 155 GLY A CA  1 
ATOM   913  C  C   . GLY A 1 116 ? 7.271   -7.292  -12.197 1.00 84.58  ? 155 GLY A C   1 
ATOM   914  O  O   . GLY A 1 116 ? 6.417   -6.915  -13.011 1.00 92.65  ? 155 GLY A O   1 
ATOM   915  N  N   . GLY A 1 117 ? 7.711   -6.562  -11.178 1.00 82.25  ? 156 GLY A N   1 
ATOM   916  C  CA  . GLY A 1 117 ? 7.137   -5.259  -10.803 1.00 80.50  ? 156 GLY A CA  1 
ATOM   917  C  C   . GLY A 1 117 ? 5.828   -5.458  -10.068 1.00 71.00  ? 156 GLY A C   1 
ATOM   918  O  O   . GLY A 1 117 ? 5.827   -5.277  -8.842  1.00 77.63  ? 156 GLY A O   1 
ATOM   919  N  N   . GLN A 1 118 ? 4.775   -5.868  -10.785 1.00 64.74  ? 157 GLN A N   1 
ATOM   920  C  CA  . GLN A 1 118 ? 3.385   -5.976  -10.257 1.00 59.26  ? 157 GLN A CA  1 
ATOM   921  C  C   . GLN A 1 118 ? 3.377   -6.811  -8.979  1.00 51.61  ? 157 GLN A C   1 
ATOM   922  O  O   . GLN A 1 118 ? 4.062   -7.826  -8.942  1.00 49.16  ? 157 GLN A O   1 
ATOM   923  C  CB  . GLN A 1 118 ? 2.420   -6.667  -11.220 1.00 59.13  ? 157 GLN A CB  1 
ATOM   924  C  CG  . GLN A 1 118 ? 2.276   -5.970  -12.554 1.00 67.85  ? 157 GLN A CG  1 
ATOM   925  C  CD  . GLN A 1 118 ? 2.724   -6.861  -13.683 1.00 70.76  ? 157 GLN A CD  1 
ATOM   926  O  OE1 . GLN A 1 118 ? 2.017   -7.022  -14.673 1.00 74.81  ? 157 GLN A OE1 1 
ATOM   927  N  NE2 . GLN A 1 118 ? 3.892   -7.464  -13.533 1.00 65.96  ? 157 GLN A NE2 1 
ATOM   928  N  N   . ILE A 1 119 ? 2.576   -6.398  -8.001  1.00 46.22  ? 158 ILE A N   1 
ATOM   929  C  CA  . ILE A 1 119 ? 2.371   -7.136  -6.730  1.00 43.07  ? 158 ILE A CA  1 
ATOM   930  C  C   . ILE A 1 119 ? 1.039   -7.875  -6.827  1.00 41.41  ? 158 ILE A C   1 
ATOM   931  O  O   . ILE A 1 119 ? 0.024   -7.207  -7.028  1.00 38.22  ? 158 ILE A O   1 
ATOM   932  C  CB  . ILE A 1 119 ? 2.398   -6.147  -5.556  1.00 41.22  ? 158 ILE A CB  1 
ATOM   933  C  CG1 . ILE A 1 119 ? 3.763   -5.465  -5.445  1.00 40.56  ? 158 ILE A CG1 1 
ATOM   934  C  CG2 . ILE A 1 119 ? 1.951   -6.822  -4.279  1.00 43.30  ? 158 ILE A CG2 1 
ATOM   935  C  CD1 . ILE A 1 119 ? 4.960   -6.403  -5.544  1.00 42.81  ? 158 ILE A CD1 1 
ATOM   936  N  N   . MET A 1 120 ? 1.076   -9.198  -6.662  1.00 41.55  ? 159 MET A N   1 
ATOM   937  C  CA  . MET A 1 120 ? -0.120  -10.075 -6.687  1.00 44.69  ? 159 MET A CA  1 
ATOM   938  C  C   . MET A 1 120 ? -0.811  -10.028 -5.328  1.00 41.53  ? 159 MET A C   1 
ATOM   939  O  O   . MET A 1 120 ? -0.165  -10.300 -4.296  1.00 40.95  ? 159 MET A O   1 
ATOM   940  C  CB  . MET A 1 120 ? 0.243   -11.525 -7.012  1.00 51.72  ? 159 MET A CB  1 
ATOM   941  C  CG  . MET A 1 120 ? -0.977  -12.410 -7.246  1.00 58.06  ? 159 MET A CG  1 
ATOM   942  S  SD  . MET A 1 120 ? -0.480  -14.126 -7.413  1.00 74.93  ? 159 MET A SD  1 
ATOM   943  C  CE  . MET A 1 120 ? -0.270  -14.571 -5.685  1.00 76.38  ? 159 MET A CE  1 
ATOM   944  N  N   . LEU A 1 121 ? -2.077  -9.637  -5.332  1.00 36.97  ? 160 LEU A N   1 
ATOM   945  C  CA  . LEU A 1 121 ? -2.961  -9.715  -4.157  1.00 35.84  ? 160 LEU A CA  1 
ATOM   946  C  C   . LEU A 1 121 ? -4.068  -10.728 -4.466  1.00 43.53  ? 160 LEU A C   1 
ATOM   947  O  O   . LEU A 1 121 ? -4.361  -10.925 -5.647  1.00 43.80  ? 160 LEU A O   1 
ATOM   948  C  CB  . LEU A 1 121 ? -3.525  -8.319  -3.875  1.00 38.43  ? 160 LEU A CB  1 
ATOM   949  C  CG  . LEU A 1 121 ? -2.509  -7.204  -3.645  1.00 32.81  ? 160 LEU A CG  1 
ATOM   950  C  CD1 . LEU A 1 121 ? -3.207  -5.902  -3.332  1.00 32.26  ? 160 LEU A CD1 1 
ATOM   951  C  CD2 . LEU A 1 121 ? -1.536  -7.560  -2.505  1.00 38.72  ? 160 LEU A CD2 1 
ATOM   952  N  N   . ASN A 1 122 ? -4.669  -11.324 -3.435  1.00 46.36  ? 161 ASN A N   1 
ATOM   953  C  CA  . ASN A 1 122 ? -5.926  -12.106 -3.558  1.00 47.01  ? 161 ASN A CA  1 
ATOM   954  C  C   . ASN A 1 122 ? -7.107  -11.133 -3.588  1.00 49.74  ? 161 ASN A C   1 
ATOM   955  O  O   . ASN A 1 122 ? -7.293  -10.323 -2.625  1.00 43.83  ? 161 ASN A O   1 
ATOM   956  C  CB  . ASN A 1 122 ? -6.134  -13.104 -2.421  1.00 51.38  ? 161 ASN A CB  1 
ATOM   957  C  CG  . ASN A 1 122 ? -5.002  -14.091 -2.270  1.00 52.83  ? 161 ASN A CG  1 
ATOM   958  O  OD1 . ASN A 1 122 ? -4.520  -14.634 -3.260  1.00 56.54  ? 161 ASN A OD1 1 
ATOM   959  N  ND2 . ASN A 1 122 ? -4.582  -14.323 -1.035  1.00 60.17  ? 161 ASN A ND2 1 
ATOM   960  N  N   . SER A 1 123 ? -7.911  -11.222 -4.640  1.00 44.19  ? 162 SER A N   1 
ATOM   961  C  CA  . SER A 1 123 ? -9.170  -10.457 -4.749  1.00 48.19  ? 162 SER A CA  1 
ATOM   962  C  C   . SER A 1 123 ? -10.057 -10.752 -3.532  1.00 39.83  ? 162 SER A C   1 
ATOM   963  O  O   . SER A 1 123 ? -10.024 -11.878 -3.049  1.00 43.21  ? 162 SER A O   1 
ATOM   964  C  CB  . SER A 1 123 ? -9.874  -10.783 -6.034  1.00 51.19  ? 162 SER A CB  1 
ATOM   965  O  OG  . SER A 1 123 ? -10.943 -9.873  -6.206  1.00 60.55  ? 162 SER A OG  1 
ATOM   966  N  N   . LEU A 1 124 ? -10.837 -9.765  -3.093  1.00 40.89  ? 163 LEU A N   1 
ATOM   967  C  CA  . LEU A 1 124 ? -11.799 -9.823  -1.958  1.00 42.28  ? 163 LEU A CA  1 
ATOM   968  C  C   . LEU A 1 124 ? -11.091 -10.134 -0.617  1.00 42.60  ? 163 LEU A C   1 
ATOM   969  O  O   . LEU A 1 124 ? -11.778 -10.596 0.323   1.00 42.48  ? 163 LEU A O   1 
ATOM   970  C  CB  . LEU A 1 124 ? -12.905 -10.834 -2.291  1.00 48.04  ? 163 LEU A CB  1 
ATOM   971  C  CG  . LEU A 1 124 ? -13.703 -10.540 -3.576  1.00 49.92  ? 163 LEU A CG  1 
ATOM   972  C  CD1 . LEU A 1 124 ? -14.925 -11.436 -3.694  1.00 53.87  ? 163 LEU A CD1 1 
ATOM   973  C  CD2 . LEU A 1 124 ? -14.145 -9.083  -3.648  1.00 48.41  ? 163 LEU A CD2 1 
ATOM   974  N  N   . HIS A 1 125 ? -9.785  -9.867  -0.505  1.00 39.42  ? 164 HIS A N   1 
ATOM   975  C  CA  . HIS A 1 125 ? -9.055  -9.828  0.790   1.00 38.87  ? 164 HIS A CA  1 
ATOM   976  C  C   . HIS A 1 125 ? -8.773  -8.368  1.133   1.00 40.61  ? 164 HIS A C   1 
ATOM   977  O  O   . HIS A 1 125 ? -8.629  -7.506  0.204   1.00 32.52  ? 164 HIS A O   1 
ATOM   978  C  CB  . HIS A 1 125 ? -7.825  -10.737 0.779   1.00 41.01  ? 164 HIS A CB  1 
ATOM   979  C  CG  . HIS A 1 125 ? -8.221  -12.179 0.766   1.00 49.45  ? 164 HIS A CG  1 
ATOM   980  N  ND1 . HIS A 1 125 ? -8.935  -12.740 -0.287  1.00 57.56  ? 164 HIS A ND1 1 
ATOM   981  C  CD2 . HIS A 1 125 ? -8.080  -13.157 1.690   1.00 50.73  ? 164 HIS A CD2 1 
ATOM   982  C  CE1 . HIS A 1 125 ? -9.182  -14.018 -0.023  1.00 54.87  ? 164 HIS A CE1 1 
ATOM   983  N  NE2 . HIS A 1 125 ? -8.665  -14.299 1.183   1.00 54.39  ? 164 HIS A NE2 1 
ATOM   984  N  N   . LYS A 1 126 ? -8.719  -8.109  2.427   1.00 33.68  ? 165 LYS A N   1 
ATOM   985  C  CA  . LYS A 1 126 ? -8.503  -6.768  2.987   1.00 34.50  ? 165 LYS A CA  1 
ATOM   986  C  C   . LYS A 1 126 ? -7.006  -6.623  3.310   1.00 37.40  ? 165 LYS A C   1 
ATOM   987  O  O   . LYS A 1 126 ? -6.416  -7.523  3.960   1.00 33.29  ? 165 LYS A O   1 
ATOM   988  C  CB  . LYS A 1 126 ? -9.472  -6.594  4.142   1.00 34.74  ? 165 LYS A CB  1 
ATOM   989  C  CG  . LYS A 1 126 ? -9.337  -5.283  4.886   1.00 43.30  ? 165 LYS A CG  1 
ATOM   990  C  CD  . LYS A 1 126 ? -10.360 -5.135  5.963   1.00 46.16  ? 165 LYS A CD  1 
ATOM   991  C  CE  . LYS A 1 126 ? -11.682 -4.631  5.424   1.00 50.14  ? 165 LYS A CE  1 
ATOM   992  N  NZ  . LYS A 1 126 ? -12.522 -4.079  6.514   1.00 47.47  ? 165 LYS A NZ  1 
ATOM   993  N  N   . TYR A 1 127 ? -6.414  -5.508  2.908   1.00 31.36  ? 166 TYR A N   1 
ATOM   994  C  CA  . TYR A 1 127 ? -4.940  -5.326  2.926   1.00 30.56  ? 166 TYR A CA  1 
ATOM   995  C  C   . TYR A 1 127 ? -4.630  -4.034  3.658   1.00 30.48  ? 166 TYR A C   1 
ATOM   996  O  O   . TYR A 1 127 ? -5.423  -3.083  3.552   1.00 32.01  ? 166 TYR A O   1 
ATOM   997  C  CB  . TYR A 1 127 ? -4.354  -5.364  1.515   1.00 31.70  ? 166 TYR A CB  1 
ATOM   998  C  CG  . TYR A 1 127 ? -4.328  -6.742  0.914   1.00 32.09  ? 166 TYR A CG  1 
ATOM   999  C  CD1 . TYR A 1 127 ? -3.395  -7.687  1.291   1.00 32.08  ? 166 TYR A CD1 1 
ATOM   1000 C  CD2 . TYR A 1 127 ? -5.307  -7.121  0.018   1.00 34.86  ? 166 TYR A CD2 1 
ATOM   1001 C  CE1 . TYR A 1 127 ? -3.389  -8.956  0.732   1.00 34.79  ? 166 TYR A CE1 1 
ATOM   1002 C  CE2 . TYR A 1 127 ? -5.329  -8.386  -0.526  1.00 34.02  ? 166 TYR A CE2 1 
ATOM   1003 C  CZ  . TYR A 1 127 ? -4.378  -9.309  -0.166  1.00 37.16  ? 166 TYR A CZ  1 
ATOM   1004 O  OH  . TYR A 1 127 ? -4.441  -10.557 -0.728  1.00 43.76  ? 166 TYR A OH  1 
ATOM   1005 N  N   . GLU A 1 128 ? -3.510  -4.041  4.389   1.00 30.99  ? 167 GLU A N   1 
ATOM   1006 C  CA  . GLU A 1 128 ? -2.939  -2.858  5.081   1.00 31.15  ? 167 GLU A CA  1 
ATOM   1007 C  C   . GLU A 1 128 ? -1.558  -2.601  4.494   1.00 30.54  ? 167 GLU A C   1 
ATOM   1008 O  O   . GLU A 1 128 ? -0.643  -3.399  4.690   1.00 30.49  ? 167 GLU A O   1 
ATOM   1009 C  CB  . GLU A 1 128 ? -2.732  -3.102  6.583   1.00 31.60  ? 167 GLU A CB  1 
ATOM   1010 C  CG  . GLU A 1 128 ? -2.412  -1.818  7.315   1.00 32.37  ? 167 GLU A CG  1 
ATOM   1011 C  CD  . GLU A 1 128 ? -2.651  -1.936  8.808   1.00 31.41  ? 167 GLU A CD  1 
ATOM   1012 O  OE1 . GLU A 1 128 ? -1.731  -2.482  9.468   1.00 27.77  ? 167 GLU A OE1 1 
ATOM   1013 O  OE2 . GLU A 1 128 ? -3.708  -1.486  9.254   1.00 28.98  ? 167 GLU A OE2 1 
ATOM   1014 N  N   . PRO A 1 129 ? -1.412  -1.556  3.656   1.00 28.73  ? 168 PRO A N   1 
ATOM   1015 C  CA  . PRO A 1 129 ? -0.099  -1.165  3.186   1.00 30.68  ? 168 PRO A CA  1 
ATOM   1016 C  C   . PRO A 1 129 ? 0.921   -0.972  4.333   1.00 29.42  ? 168 PRO A C   1 
ATOM   1017 O  O   . PRO A 1 129 ? 0.592   -0.452  5.402   1.00 29.29  ? 168 PRO A O   1 
ATOM   1018 C  CB  . PRO A 1 129 ? -0.344  0.159   2.464   1.00 30.32  ? 168 PRO A CB  1 
ATOM   1019 C  CG  . PRO A 1 129 ? -1.807  -0.007  1.957   1.00 31.86  ? 168 PRO A CG  1 
ATOM   1020 C  CD  . PRO A 1 129 ? -2.520  -0.776  3.064   1.00 30.47  ? 168 PRO A CD  1 
ATOM   1021 N  N   . ARG A 1 130 ? 2.149   -1.347  4.018   1.00 28.87  ? 169 ARG A N   1 
ATOM   1022 C  CA  . ARG A 1 130 ? 3.286   -1.316  4.963   1.00 32.05  ? 169 ARG A CA  1 
ATOM   1023 C  C   . ARG A 1 130 ? 4.556   -0.978  4.185   1.00 28.44  ? 169 ARG A C   1 
ATOM   1024 O  O   . ARG A 1 130 ? 4.795   -1.550  3.113   1.00 32.53  ? 169 ARG A O   1 
ATOM   1025 C  CB  . ARG A 1 130 ? 3.381   -2.667  5.664   1.00 31.95  ? 169 ARG A CB  1 
ATOM   1026 C  CG  . ARG A 1 130 ? 4.470   -2.741  6.731   1.00 33.82  ? 169 ARG A CG  1 
ATOM   1027 C  CD  . ARG A 1 130 ? 4.304   -4.068  7.423   1.00 29.97  ? 169 ARG A CD  1 
ATOM   1028 N  NE  . ARG A 1 130 ? 4.752   -5.113  6.524   1.00 31.74  ? 169 ARG A NE  1 
ATOM   1029 C  CZ  . ARG A 1 130 ? 4.900   -6.367  6.849   1.00 32.12  ? 169 ARG A CZ  1 
ATOM   1030 N  NH1 . ARG A 1 130 ? 4.622   -6.762  8.087   1.00 33.36  ? 169 ARG A NH1 1 
ATOM   1031 N  NH2 . ARG A 1 130 ? 5.358   -7.220  5.953   1.00 30.05  ? 169 ARG A NH2 1 
ATOM   1032 N  N   . ILE A 1 131 ? 5.361   -0.085  4.718   1.00 29.80  ? 170 ILE A N   1 
ATOM   1033 C  CA  . ILE A 1 131 ? 6.686   0.164   4.107   1.00 31.73  ? 170 ILE A CA  1 
ATOM   1034 C  C   . ILE A 1 131 ? 7.762   -0.349  5.069   1.00 36.48  ? 170 ILE A C   1 
ATOM   1035 O  O   . ILE A 1 131 ? 7.495   -0.456  6.308   1.00 31.86  ? 170 ILE A O   1 
ATOM   1036 C  CB  . ILE A 1 131 ? 6.860   1.651   3.752   1.00 34.26  ? 170 ILE A CB  1 
ATOM   1037 C  CG1 . ILE A 1 131 ? 6.817   2.512   5.009   1.00 37.94  ? 170 ILE A CG1 1 
ATOM   1038 C  CG2 . ILE A 1 131 ? 5.830   2.102   2.717   1.00 33.01  ? 170 ILE A CG2 1 
ATOM   1039 C  CD1 . ILE A 1 131 ? 7.456   3.854   4.865   1.00 42.67  ? 170 ILE A CD1 1 
ATOM   1040 N  N   . HIS A 1 132 ? 8.907   -0.656  4.474   1.00 34.68  ? 171 HIS A N   1 
ATOM   1041 C  CA  . HIS A 1 132 ? 10.201  -0.912  5.126   1.00 33.78  ? 171 HIS A CA  1 
ATOM   1042 C  C   . HIS A 1 132 ? 11.224  0.078   4.580   1.00 36.82  ? 171 HIS A C   1 
ATOM   1043 O  O   . HIS A 1 132 ? 11.347  0.194   3.318   1.00 33.71  ? 171 HIS A O   1 
ATOM   1044 C  CB  . HIS A 1 132 ? 10.635  -2.326  4.853   1.00 33.26  ? 171 HIS A CB  1 
ATOM   1045 C  CG  . HIS A 1 132 ? 9.559   -3.317  5.062   1.00 40.77  ? 171 HIS A CG  1 
ATOM   1046 N  ND1 . HIS A 1 132 ? 9.237   -3.787  6.334   1.00 39.89  ? 171 HIS A ND1 1 
ATOM   1047 C  CD2 . HIS A 1 132 ? 8.751   -3.949  4.187   1.00 40.76  ? 171 HIS A CD2 1 
ATOM   1048 C  CE1 . HIS A 1 132 ? 8.255   -4.648  6.220   1.00 36.65  ? 171 HIS A CE1 1 
ATOM   1049 N  NE2 . HIS A 1 132 ? 7.926   -4.755  4.913   1.00 41.27  ? 171 HIS A NE2 1 
ATOM   1050 N  N   . ILE A 1 133 ? 11.902  0.769   5.488   1.00 38.98  ? 172 ILE A N   1 
ATOM   1051 C  CA  . ILE A 1 133 ? 13.100  1.606   5.173   1.00 37.49  ? 172 ILE A CA  1 
ATOM   1052 C  C   . ILE A 1 133 ? 14.329  0.811   5.588   1.00 43.65  ? 172 ILE A C   1 
ATOM   1053 O  O   . ILE A 1 133 ? 14.474  0.482   6.828   1.00 37.84  ? 172 ILE A O   1 
ATOM   1054 C  CB  . ILE A 1 133 ? 12.993  2.973   5.845   1.00 40.94  ? 172 ILE A CB  1 
ATOM   1055 C  CG1 . ILE A 1 133 ? 11.683  3.645   5.462   1.00 36.88  ? 172 ILE A CG1 1 
ATOM   1056 C  CG2 . ILE A 1 133 ? 14.185  3.843   5.481   1.00 40.07  ? 172 ILE A CG2 1 
ATOM   1057 C  CD1 . ILE A 1 133 ? 11.365  4.857   6.292   1.00 38.87  ? 172 ILE A CD1 1 
ATOM   1058 N  N   . VAL A 1 134 ? 15.082  0.371   4.571   1.00 41.08  ? 173 VAL A N   1 
ATOM   1059 C  CA  . VAL A 1 134 ? 16.284  -0.497  4.717   1.00 37.91  ? 173 VAL A CA  1 
ATOM   1060 C  C   . VAL A 1 134 ? 17.524  0.390   4.505   1.00 41.48  ? 173 VAL A C   1 
ATOM   1061 O  O   . VAL A 1 134 ? 17.687  0.937   3.389   1.00 41.36  ? 173 VAL A O   1 
ATOM   1062 C  CB  . VAL A 1 134 ? 16.234  -1.703  3.770   1.00 37.49  ? 173 VAL A CB  1 
ATOM   1063 C  CG1 . VAL A 1 134 ? 17.383  -2.680  4.041   1.00 38.13  ? 173 VAL A CG1 1 
ATOM   1064 C  CG2 . VAL A 1 134 ? 14.876  -2.438  3.854   1.00 39.05  ? 173 VAL A CG2 1 
ATOM   1065 N  N   . ARG A 1 135 ? 18.292  0.603   5.575   1.00 44.16  ? 174 ARG A N   1 
ATOM   1066 C  CA  . ARG A 1 135 ? 19.654  1.205   5.529   1.00 48.68  ? 174 ARG A CA  1 
ATOM   1067 C  C   . ARG A 1 135 ? 20.604  0.192   4.894   1.00 48.94  ? 174 ARG A C   1 
ATOM   1068 O  O   . ARG A 1 135 ? 20.850  -0.858  5.518   1.00 52.23  ? 174 ARG A O   1 
ATOM   1069 C  CB  . ARG A 1 135 ? 20.124  1.620   6.930   1.00 57.20  ? 174 ARG A CB  1 
ATOM   1070 C  CG  . ARG A 1 135 ? 21.298  2.588   6.925   1.00 56.71  ? 174 ARG A CG  1 
ATOM   1071 C  CD  . ARG A 1 135 ? 21.601  3.170   8.292   1.00 63.56  ? 174 ARG A CD  1 
ATOM   1072 N  NE  . ARG A 1 135 ? 22.853  3.926   8.250   1.00 71.52  ? 174 ARG A NE  1 
ATOM   1073 C  CZ  . ARG A 1 135 ? 23.263  4.809   9.166   1.00 68.33  ? 174 ARG A CZ  1 
ATOM   1074 N  NH1 . ARG A 1 135 ? 22.531  5.083   10.231  1.00 67.96  ? 174 ARG A NH1 1 
ATOM   1075 N  NH2 . ARG A 1 135 ? 24.411  5.437   9.002   1.00 69.28  ? 174 ARG A NH2 1 
ATOM   1076 N  N   . VAL A 1 136 ? 21.139  0.545   3.723   1.00 50.72  ? 175 VAL A N   1 
ATOM   1077 C  CA  . VAL A 1 136 ? 21.932  -0.328  2.818   1.00 51.11  ? 175 VAL A CA  1 
ATOM   1078 C  C   . VAL A 1 136 ? 23.352  0.254   2.667   1.00 63.31  ? 175 VAL A C   1 
ATOM   1079 O  O   . VAL A 1 136 ? 23.567  1.458   2.972   1.00 57.27  ? 175 VAL A O   1 
ATOM   1080 C  CB  . VAL A 1 136 ? 21.229  -0.440  1.449   1.00 56.70  ? 175 VAL A CB  1 
ATOM   1081 C  CG1 . VAL A 1 136 ? 19.853  -1.094  1.542   1.00 58.71  ? 175 VAL A CG1 1 
ATOM   1082 C  CG2 . VAL A 1 136 ? 21.098  0.904   0.747   1.00 55.46  ? 175 VAL A CG2 1 
ATOM   1083 N  N   . GLY A 1 137 ? 24.293  -0.554  2.177   1.00 70.88  ? 176 GLY A N   1 
ATOM   1084 C  CA  . GLY A 1 137 ? 25.669  -0.113  1.875   1.00 82.16  ? 176 GLY A CA  1 
ATOM   1085 C  C   . GLY A 1 137 ? 26.500  0.071   3.134   1.00 88.86  ? 176 GLY A C   1 
ATOM   1086 O  O   . GLY A 1 137 ? 27.688  -0.322  3.114   1.00 93.05  ? 176 GLY A O   1 
ATOM   1087 N  N   . GLY A 1 138 ? 25.906  0.670   4.176   1.00 85.26  ? 177 GLY A N   1 
ATOM   1088 C  CA  . GLY A 1 138 ? 26.528  0.862   5.497   1.00 87.50  ? 177 GLY A CA  1 
ATOM   1089 C  C   . GLY A 1 138 ? 27.024  -0.459  6.074   1.00 88.74  ? 177 GLY A C   1 
ATOM   1090 O  O   . GLY A 1 138 ? 26.731  -1.529  5.545   1.00 77.44  ? 177 GLY A O   1 
ATOM   1091 N  N   . PRO A 1 139 ? 27.806  -0.424  7.172   1.00 98.28  ? 178 PRO A N   1 
ATOM   1092 C  CA  . PRO A 1 139 ? 28.244  -1.656  7.827   1.00 94.21  ? 178 PRO A CA  1 
ATOM   1093 C  C   . PRO A 1 139 ? 27.045  -2.314  8.524   1.00 94.70  ? 178 PRO A C   1 
ATOM   1094 O  O   . PRO A 1 139 ? 26.811  -3.493  8.299   1.00 84.03  ? 178 PRO A O   1 
ATOM   1095 C  CB  . PRO A 1 139 ? 29.307  -1.181  8.830   1.00 99.74  ? 178 PRO A CB  1 
ATOM   1096 C  CG  . PRO A 1 139 ? 28.982  0.291   9.092   1.00 99.60  ? 178 PRO A CG  1 
ATOM   1097 C  CD  . PRO A 1 139 ? 28.275  0.797   7.850   1.00 98.32  ? 178 PRO A CD  1 
ATOM   1098 N  N   . GLN A 1 140 ? 26.316  -1.502  9.305   1.00 97.17  ? 179 GLN A N   1 
ATOM   1099 C  CA  . GLN A 1 140 ? 25.157  -1.882  10.156  1.00 98.00  ? 179 GLN A CA  1 
ATOM   1100 C  C   . GLN A 1 140 ? 23.865  -1.713  9.340   1.00 86.06  ? 179 GLN A C   1 
ATOM   1101 O  O   . GLN A 1 140 ? 23.210  -0.651  9.448   1.00 79.46  ? 179 GLN A O   1 
ATOM   1102 C  CB  . GLN A 1 140 ? 25.148  -1.045  11.444  1.00 105.52 ? 179 GLN A CB  1 
ATOM   1103 C  CG  . GLN A 1 140 ? 24.739  0.416   11.241  1.00 115.45 ? 179 GLN A CG  1 
ATOM   1104 C  CD  . GLN A 1 140 ? 25.598  1.414   11.978  1.00 120.57 ? 179 GLN A CD  1 
ATOM   1105 O  OE1 . GLN A 1 140 ? 25.131  2.150   12.848  1.00 113.65 ? 179 GLN A OE1 1 
ATOM   1106 N  NE2 . GLN A 1 140 ? 26.868  1.466   11.607  1.00 124.06 ? 179 GLN A NE2 1 
ATOM   1107 N  N   . ARG A 1 141 ? 23.526  -2.724  8.538   1.00 68.27  ? 180 ARG A N   1 
ATOM   1108 C  CA  . ARG A 1 141 ? 22.165  -2.920  7.964   1.00 67.28  ? 180 ARG A CA  1 
ATOM   1109 C  C   . ARG A 1 141 ? 21.118  -2.681  9.069   1.00 61.04  ? 180 ARG A C   1 
ATOM   1110 O  O   . ARG A 1 141 ? 21.352  -3.185  10.193  1.00 48.38  ? 180 ARG A O   1 
ATOM   1111 C  CB  . ARG A 1 141 ? 22.088  -4.332  7.371   1.00 71.09  ? 180 ARG A CB  1 
ATOM   1112 C  CG  . ARG A 1 141 ? 20.676  -4.821  7.090   1.00 78.73  ? 180 ARG A CG  1 
ATOM   1113 C  CD  . ARG A 1 141 ? 20.607  -5.601  5.805   1.00 79.69  ? 180 ARG A CD  1 
ATOM   1114 N  NE  . ARG A 1 141 ? 20.820  -4.694  4.692   1.00 84.88  ? 180 ARG A NE  1 
ATOM   1115 C  CZ  . ARG A 1 141 ? 20.798  -5.058  3.419   1.00 93.63  ? 180 ARG A CZ  1 
ATOM   1116 N  NH1 . ARG A 1 141 ? 20.990  -4.158  2.471   1.00 91.38  ? 180 ARG A NH1 1 
ATOM   1117 N  NH2 . ARG A 1 141 ? 20.590  -6.321  3.095   1.00 107.92 ? 180 ARG A NH2 1 
ATOM   1118 N  N   . MET A 1 142 ? 20.051  -1.906  8.778   1.00 52.74  ? 181 MET A N   1 
ATOM   1119 C  CA  . MET A 1 142 ? 18.909  -1.602  9.690   1.00 47.99  ? 181 MET A CA  1 
ATOM   1120 C  C   . MET A 1 142 ? 17.600  -1.530  8.882   1.00 44.88  ? 181 MET A C   1 
ATOM   1121 O  O   . MET A 1 142 ? 17.624  -1.068  7.708   1.00 37.48  ? 181 MET A O   1 
ATOM   1122 C  CB  . MET A 1 142 ? 19.123  -0.295  10.459  1.00 48.41  ? 181 MET A CB  1 
ATOM   1123 C  CG  . MET A 1 142 ? 18.105  -0.022  11.581  1.00 53.94  ? 181 MET A CG  1 
ATOM   1124 S  SD  . MET A 1 142 ? 17.676  -1.402  12.716  1.00 51.72  ? 181 MET A SD  1 
ATOM   1125 C  CE  . MET A 1 142 ? 16.326  -0.626  13.598  1.00 57.17  ? 181 MET A CE  1 
ATOM   1126 N  N   . ILE A 1 143 ? 16.501  -1.999  9.478   1.00 41.04  ? 182 ILE A N   1 
ATOM   1127 C  CA  . ILE A 1 143 ? 15.121  -1.912  8.898   1.00 37.73  ? 182 ILE A CA  1 
ATOM   1128 C  C   . ILE A 1 143 ? 14.226  -1.146  9.883   1.00 42.28  ? 182 ILE A C   1 
ATOM   1129 O  O   . ILE A 1 143 ? 14.236  -1.465  11.107  1.00 42.28  ? 182 ILE A O   1 
ATOM   1130 C  CB  . ILE A 1 143 ? 14.575  -3.310  8.563   1.00 38.99  ? 182 ILE A CB  1 
ATOM   1131 C  CG1 . ILE A 1 143 ? 15.463  -3.999  7.536   1.00 37.59  ? 182 ILE A CG1 1 
ATOM   1132 C  CG2 . ILE A 1 143 ? 13.104  -3.253  8.112   1.00 41.12  ? 182 ILE A CG2 1 
ATOM   1133 C  CD1 . ILE A 1 143 ? 15.223  -5.460  7.407   1.00 45.68  ? 182 ILE A CD1 1 
ATOM   1134 N  N   . THR A 1 144 ? 13.464  -0.175  9.391   1.00 37.45  ? 183 THR A N   1 
ATOM   1135 C  CA  . THR A 1 144 ? 12.313  0.402   10.135  1.00 43.20  ? 183 THR A CA  1 
ATOM   1136 C  C   . THR A 1 144 ? 11.053  0.155   9.298   1.00 43.44  ? 183 THR A C   1 
ATOM   1137 O  O   . THR A 1 144 ? 11.088  0.414   8.057   1.00 37.35  ? 183 THR A O   1 
ATOM   1138 C  CB  . THR A 1 144 ? 12.516  1.874   10.477  1.00 41.87  ? 183 THR A CB  1 
ATOM   1139 O  OG1 . THR A 1 144 ? 12.412  2.595   9.256   1.00 72.33  ? 183 THR A OG1 1 
ATOM   1140 C  CG2 . THR A 1 144 ? 13.852  2.180   11.115  1.00 44.36  ? 183 THR A CG2 1 
ATOM   1141 N  N   . SER A 1 145 ? 10.003  -0.352  9.940   1.00 40.77  ? 184 SER A N   1 
ATOM   1142 C  CA  . SER A 1 145 ? 8.721   -0.686  9.281   1.00 35.97  ? 184 SER A CA  1 
ATOM   1143 C  C   . SER A 1 145 ? 7.637   0.240   9.786   1.00 39.12  ? 184 SER A C   1 
ATOM   1144 O  O   . SER A 1 145 ? 7.623   0.599   10.960  1.00 40.37  ? 184 SER A O   1 
ATOM   1145 C  CB  . SER A 1 145 ? 8.396   -2.106  9.461   1.00 37.13  ? 184 SER A CB  1 
ATOM   1146 O  OG  . SER A 1 145 ? 9.409   -2.893  8.824   1.00 36.42  ? 184 SER A OG  1 
ATOM   1147 N  N   . HIS A 1 146 ? 6.706   0.586   8.912   1.00 34.34  ? 185 HIS A N   1 
ATOM   1148 C  CA  . HIS A 1 146 ? 5.543   1.396   9.288   1.00 32.63  ? 185 HIS A CA  1 
ATOM   1149 C  C   . HIS A 1 146 ? 4.317   0.955   8.481   1.00 33.15  ? 185 HIS A C   1 
ATOM   1150 O  O   . HIS A 1 146 ? 4.382   0.860   7.211   1.00 37.36  ? 185 HIS A O   1 
ATOM   1151 C  CB  . HIS A 1 146 ? 5.876   2.875   9.118   1.00 34.18  ? 185 HIS A CB  1 
ATOM   1152 C  CG  . HIS A 1 146 ? 4.986   3.739   9.939   1.00 36.94  ? 185 HIS A CG  1 
ATOM   1153 N  ND1 . HIS A 1 146 ? 3.753   4.199   9.482   1.00 43.31  ? 185 HIS A ND1 1 
ATOM   1154 C  CD2 . HIS A 1 146 ? 5.112   4.174   11.201  1.00 39.63  ? 185 HIS A CD2 1 
ATOM   1155 C  CE1 . HIS A 1 146 ? 3.193   4.927   10.419  1.00 43.27  ? 185 HIS A CE1 1 
ATOM   1156 N  NE2 . HIS A 1 146 ? 4.009   4.924   11.482  1.00 44.09  ? 185 HIS A NE2 1 
ATOM   1157 N  N   A CYS A 1 147 ? 3.220   0.748   9.216   0.25 34.36  ? 186 CYS A N   1 
ATOM   1158 N  N   B CYS A 1 147 ? 3.202   0.662   9.141   0.25 31.94  ? 186 CYS A N   1 
ATOM   1159 C  CA  A CYS A 1 147 ? 1.858   0.399   8.725   0.25 33.17  ? 186 CYS A CA  1 
ATOM   1160 C  CA  B CYS A 1 147 ? 1.937   0.338   8.425   0.25 28.59  ? 186 CYS A CA  1 
ATOM   1161 C  C   A CYS A 1 147 ? 1.026   1.652   8.522   0.25 32.21  ? 186 CYS A C   1 
ATOM   1162 C  C   B CYS A 1 147 ? 0.974   1.513   8.558   0.25 29.05  ? 186 CYS A C   1 
ATOM   1163 O  O   A CYS A 1 147 ? 1.260   2.631   9.256   0.25 32.72  ? 186 CYS A O   1 
ATOM   1164 O  O   B CYS A 1 147 ? 1.104   2.305   9.496   0.25 29.46  ? 186 CYS A O   1 
ATOM   1165 C  CB  A CYS A 1 147 ? 1.133   -0.426  9.775   0.25 35.42  ? 186 CYS A CB  1 
ATOM   1166 C  CB  B CYS A 1 147 ? 1.334   -0.959  8.938   0.25 28.48  ? 186 CYS A CB  1 
ATOM   1167 S  SG  A CYS A 1 147 ? 1.723   -2.127  9.817   0.25 30.26  ? 186 CYS A SG  1 
ATOM   1168 S  SG  B CYS A 1 147 ? 1.139   -0.964  10.736  0.25 22.50  ? 186 CYS A SG  1 
ATOM   1169 N  N   . PHE A 1 148 ? 0.050   1.617   7.604   1.00 33.45  ? 187 PHE A N   1 
ATOM   1170 C  CA  . PHE A 1 148 ? -0.809  2.791   7.396   1.00 31.85  ? 187 PHE A CA  1 
ATOM   1171 C  C   . PHE A 1 148 ? -2.253  2.327   7.474   1.00 34.92  ? 187 PHE A C   1 
ATOM   1172 O  O   . PHE A 1 148 ? -2.878  2.094   6.443   1.00 34.91  ? 187 PHE A O   1 
ATOM   1173 C  CB  . PHE A 1 148 ? -0.410  3.410   6.056   1.00 32.66  ? 187 PHE A CB  1 
ATOM   1174 C  CG  . PHE A 1 148 ? 0.999   3.940   6.019   1.00 31.02  ? 187 PHE A CG  1 
ATOM   1175 C  CD1 . PHE A 1 148 ? 1.287   5.215   6.497   1.00 34.89  ? 187 PHE A CD1 1 
ATOM   1176 C  CD2 . PHE A 1 148 ? 2.031   3.144   5.552   1.00 32.33  ? 187 PHE A CD2 1 
ATOM   1177 C  CE1 . PHE A 1 148 ? 2.593   5.702   6.469   1.00 37.81  ? 187 PHE A CE1 1 
ATOM   1178 C  CE2 . PHE A 1 148 ? 3.329   3.648   5.483   1.00 35.48  ? 187 PHE A CE2 1 
ATOM   1179 C  CZ  . PHE A 1 148 ? 3.609   4.922   5.953   1.00 34.78  ? 187 PHE A CZ  1 
ATOM   1180 N  N   . PRO A 1 149 ? -2.804  2.138   8.694   1.00 36.22  ? 188 PRO A N   1 
ATOM   1181 C  CA  . PRO A 1 149 ? -4.210  1.765   8.833   1.00 33.98  ? 188 PRO A CA  1 
ATOM   1182 C  C   . PRO A 1 149 ? -5.170  2.601   7.972   1.00 33.99  ? 188 PRO A C   1 
ATOM   1183 O  O   . PRO A 1 149 ? -6.140  2.058   7.508   1.00 31.49  ? 188 PRO A O   1 
ATOM   1184 C  CB  . PRO A 1 149 ? -4.467  1.976   10.337  1.00 35.77  ? 188 PRO A CB  1 
ATOM   1185 C  CG  . PRO A 1 149 ? -3.108  1.749   11.004  1.00 40.17  ? 188 PRO A CG  1 
ATOM   1186 C  CD  . PRO A 1 149 ? -2.081  2.162   9.973   1.00 35.92  ? 188 PRO A CD  1 
ATOM   1187 N  N   . GLU A 1 150 ? -4.906  3.907   7.848   1.00 33.69  ? 189 GLU A N   1 
ATOM   1188 C  CA  . GLU A 1 150 ? -5.761  4.873   7.118   1.00 37.79  ? 189 GLU A CA  1 
ATOM   1189 C  C   . GLU A 1 150 ? -5.914  4.444   5.652   1.00 34.70  ? 189 GLU A C   1 
ATOM   1190 O  O   . GLU A 1 150 ? -6.862  4.950   4.981   1.00 32.61  ? 189 GLU A O   1 
ATOM   1191 C  CB  . GLU A 1 150 ? -5.165  6.273   7.307   1.00 42.48  ? 189 GLU A CB  1 
ATOM   1192 C  CG  . GLU A 1 150 ? -4.569  6.480   8.707   1.00 46.73  ? 189 GLU A CG  1 
ATOM   1193 C  CD  . GLU A 1 150 ? -3.040  6.540   8.860   1.00 45.11  ? 189 GLU A CD  1 
ATOM   1194 O  OE1 . GLU A 1 150 ? -2.583  7.650   9.257   1.00 59.06  ? 189 GLU A OE1 1 
ATOM   1195 O  OE2 . GLU A 1 150 ? -2.277  5.521   8.584   1.00 29.32  ? 189 GLU A OE2 1 
ATOM   1196 N  N   . THR A 1 151 ? -5.035  3.558   5.158   1.00 35.29  ? 190 THR A N   1 
ATOM   1197 C  CA  . THR A 1 151 ? -4.881  3.230   3.710   1.00 33.72  ? 190 THR A CA  1 
ATOM   1198 C  C   . THR A 1 151 ? -5.346  1.798   3.433   1.00 32.21  ? 190 THR A C   1 
ATOM   1199 O  O   . THR A 1 151 ? -5.115  1.330   2.316   1.00 31.41  ? 190 THR A O   1 
ATOM   1200 C  CB  . THR A 1 151 ? -3.446  3.430   3.186   1.00 34.16  ? 190 THR A CB  1 
ATOM   1201 O  OG1 . THR A 1 151 ? -2.545  2.472   3.736   1.00 31.23  ? 190 THR A OG1 1 
ATOM   1202 C  CG2 . THR A 1 151 ? -2.925  4.823   3.453   1.00 35.20  ? 190 THR A CG2 1 
ATOM   1203 N  N   . GLN A 1 152 ? -5.935  1.125   4.434   1.00 28.13  ? 191 GLN A N   1 
ATOM   1204 C  CA  . GLN A 1 152 ? -6.590  -0.186  4.256   1.00 28.22  ? 191 GLN A CA  1 
ATOM   1205 C  C   . GLN A 1 152 ? -7.572  -0.165  3.080   1.00 30.88  ? 191 GLN A C   1 
ATOM   1206 O  O   . GLN A 1 152 ? -8.286  0.840   2.900   1.00 34.79  ? 191 GLN A O   1 
ATOM   1207 C  CB  . GLN A 1 152 ? -7.378  -0.573  5.505   1.00 32.28  ? 191 GLN A CB  1 
ATOM   1208 C  CG  . GLN A 1 152 ? -6.467  -1.275  6.498   1.00 38.49  ? 191 GLN A CG  1 
ATOM   1209 C  CD  . GLN A 1 152 ? -7.189  -1.599  7.779   1.00 46.83  ? 191 GLN A CD  1 
ATOM   1210 O  OE1 . GLN A 1 152 ? -8.278  -1.063  8.037   1.00 50.73  ? 191 GLN A OE1 1 
ATOM   1211 N  NE2 . GLN A 1 152 ? -6.533  -2.405  8.614   1.00 52.05  ? 191 GLN A NE2 1 
ATOM   1212 N  N   . PHE A 1 153 ? -7.646  -1.286  2.377   1.00 32.66  ? 192 PHE A N   1 
ATOM   1213 C  CA  . PHE A 1 153 ? -8.602  -1.467  1.272   1.00 33.56  ? 192 PHE A CA  1 
ATOM   1214 C  C   . PHE A 1 153 ? -8.865  -2.950  1.051   1.00 33.11  ? 192 PHE A C   1 
ATOM   1215 O  O   . PHE A 1 153 ? -8.067  -3.808  1.412   1.00 33.01  ? 192 PHE A O   1 
ATOM   1216 C  CB  . PHE A 1 153 ? -8.023  -0.826  -0.005  1.00 31.28  ? 192 PHE A CB  1 
ATOM   1217 C  CG  . PHE A 1 153 ? -6.759  -1.467  -0.490  1.00 29.57  ? 192 PHE A CG  1 
ATOM   1218 C  CD1 . PHE A 1 153 ? -6.804  -2.618  -1.240  1.00 31.25  ? 192 PHE A CD1 1 
ATOM   1219 C  CD2 . PHE A 1 153 ? -5.521  -0.960  -0.133  1.00 30.14  ? 192 PHE A CD2 1 
ATOM   1220 C  CE1 . PHE A 1 153 ? -5.638  -3.235  -1.661  1.00 32.68  ? 192 PHE A CE1 1 
ATOM   1221 C  CE2 . PHE A 1 153 ? -4.359  -1.580  -0.559  1.00 27.76  ? 192 PHE A CE2 1 
ATOM   1222 C  CZ  . PHE A 1 153 ? -4.419  -2.702  -1.330  1.00 32.31  ? 192 PHE A CZ  1 
ATOM   1223 N  N   . ILE A 1 154 ? -9.973  -3.230  0.366   1.00 31.70  ? 193 ILE A N   1 
ATOM   1224 C  CA  . ILE A 1 154 ? -10.255 -4.576  -0.183  1.00 32.68  ? 193 ILE A CA  1 
ATOM   1225 C  C   . ILE A 1 154 ? -9.881  -4.540  -1.646  1.00 34.95  ? 193 ILE A C   1 
ATOM   1226 O  O   . ILE A 1 154 ? -10.270 -3.554  -2.290  1.00 37.11  ? 193 ILE A O   1 
ATOM   1227 C  CB  . ILE A 1 154 ? -11.741 -4.920  0.017   1.00 36.68  ? 193 ILE A CB  1 
ATOM   1228 C  CG1 . ILE A 1 154 ? -12.119 -4.789  1.494   1.00 41.15  ? 193 ILE A CG1 1 
ATOM   1229 C  CG2 . ILE A 1 154 ? -12.041 -6.293  -0.565  1.00 39.00  ? 193 ILE A CG2 1 
ATOM   1230 C  CD1 . ILE A 1 154 ? -13.603 -4.875  1.757   1.00 47.47  ? 193 ILE A CD1 1 
ATOM   1231 N  N   . ALA A 1 155 ? -9.144  -5.554  -2.090  1.00 34.47  ? 194 ALA A N   1 
ATOM   1232 C  CA  . ALA A 1 155 ? -8.766  -5.796  -3.492  1.00 35.27  ? 194 ALA A CA  1 
ATOM   1233 C  C   . ALA A 1 155 ? -10.010 -6.318  -4.228  1.00 40.07  ? 194 ALA A C   1 
ATOM   1234 O  O   . ALA A 1 155 ? -10.673 -7.234  -3.703  1.00 40.55  ? 194 ALA A O   1 
ATOM   1235 C  CB  . ALA A 1 155 ? -7.598  -6.747  -3.513  1.00 37.35  ? 194 ALA A CB  1 
ATOM   1236 N  N   . VAL A 1 156 ? -10.353 -5.703  -5.360  1.00 39.04  ? 195 VAL A N   1 
ATOM   1237 C  CA  . VAL A 1 156 ? -11.610 -5.982  -6.127  1.00 39.42  ? 195 VAL A CA  1 
ATOM   1238 C  C   . VAL A 1 156 ? -11.271 -5.971  -7.620  1.00 38.24  ? 195 VAL A C   1 
ATOM   1239 O  O   . VAL A 1 156 ? -10.324 -5.270  -8.009  1.00 35.94  ? 195 VAL A O   1 
ATOM   1240 C  CB  . VAL A 1 156 ? -12.751 -5.009  -5.774  1.00 36.67  ? 195 VAL A CB  1 
ATOM   1241 C  CG1 . VAL A 1 156 ? -13.094 -5.069  -4.281  1.00 38.39  ? 195 VAL A CG1 1 
ATOM   1242 C  CG2 . VAL A 1 156 ? -12.477 -3.577  -6.229  1.00 34.79  ? 195 VAL A CG2 1 
ATOM   1243 N  N   . THR A 1 157 ? -11.932 -6.817  -8.414  1.00 39.13  ? 196 THR A N   1 
ATOM   1244 C  CA  . THR A 1 157 ? -11.775 -6.812  -9.897  1.00 44.24  ? 196 THR A CA  1 
ATOM   1245 C  C   . THR A 1 157 ? -12.663 -5.730  -10.516 1.00 39.08  ? 196 THR A C   1 
ATOM   1246 O  O   . THR A 1 157 ? -12.352 -5.357  -11.648 1.00 37.17  ? 196 THR A O   1 
ATOM   1247 C  CB  . THR A 1 157 ? -12.086 -8.174  -10.524 1.00 44.06  ? 196 THR A CB  1 
ATOM   1248 O  OG1 . THR A 1 157 ? -13.424 -8.488  -10.156 1.00 46.49  ? 196 THR A OG1 1 
ATOM   1249 C  CG2 . THR A 1 157 ? -11.153 -9.261  -10.051 1.00 45.37  ? 196 THR A CG2 1 
ATOM   1250 N  N   . ALA A 1 158 ? -13.686 -5.240  -9.806  1.00 42.63  ? 197 ALA A N   1 
ATOM   1251 C  CA  . ALA A 1 158 ? -14.479 -4.029  -10.153 1.00 43.24  ? 197 ALA A CA  1 
ATOM   1252 C  C   . ALA A 1 158 ? -15.062 -3.410  -8.884  1.00 38.15  ? 197 ALA A C   1 
ATOM   1253 O  O   . ALA A 1 158 ? -15.312 -4.174  -7.952  1.00 41.35  ? 197 ALA A O   1 
ATOM   1254 C  CB  . ALA A 1 158 ? -15.578 -4.392  -11.133 1.00 45.57  ? 197 ALA A CB  1 
ATOM   1255 N  N   . TYR A 1 159 ? -15.315 -2.093  -8.847  1.00 35.95  ? 198 TYR A N   1 
ATOM   1256 C  CA  . TYR A 1 159 ? -15.846 -1.421  -7.640  1.00 35.74  ? 198 TYR A CA  1 
ATOM   1257 C  C   . TYR A 1 159 ? -17.255 -1.915  -7.289  1.00 44.06  ? 198 TYR A C   1 
ATOM   1258 O  O   . TYR A 1 159 ? -18.114 -2.076  -8.163  1.00 38.14  ? 198 TYR A O   1 
ATOM   1259 C  CB  . TYR A 1 159 ? -15.830 0.101   -7.749  1.00 38.42  ? 198 TYR A CB  1 
ATOM   1260 C  CG  . TYR A 1 159 ? -14.454 0.697   -7.886  1.00 38.75  ? 198 TYR A CG  1 
ATOM   1261 C  CD1 . TYR A 1 159 ? -13.447 0.407   -6.974  1.00 39.89  ? 198 TYR A CD1 1 
ATOM   1262 C  CD2 . TYR A 1 159 ? -14.145 1.523   -8.951  1.00 40.34  ? 198 TYR A CD2 1 
ATOM   1263 C  CE1 . TYR A 1 159 ? -12.171 0.928   -7.111  1.00 39.38  ? 198 TYR A CE1 1 
ATOM   1264 C  CE2 . TYR A 1 159 ? -12.878 2.064   -9.103  1.00 42.69  ? 198 TYR A CE2 1 
ATOM   1265 C  CZ  . TYR A 1 159 ? -11.894 1.770   -8.175  1.00 43.04  ? 198 TYR A CZ  1 
ATOM   1266 O  OH  . TYR A 1 159 ? -10.661 2.302   -8.311  1.00 41.38  ? 198 TYR A OH  1 
ATOM   1267 N  N   . GLN A 1 160 ? -17.506 -2.115  -5.993  1.00 38.19  ? 199 GLN A N   1 
ATOM   1268 C  CA  . GLN A 1 160 ? -18.806 -2.617  -5.488  1.00 36.07  ? 199 GLN A CA  1 
ATOM   1269 C  C   . GLN A 1 160 ? -19.601 -1.447  -4.943  1.00 40.57  ? 199 GLN A C   1 
ATOM   1270 O  O   . GLN A 1 160 ? -20.778 -1.332  -5.261  1.00 39.05  ? 199 GLN A O   1 
ATOM   1271 C  CB  . GLN A 1 160 ? -18.574 -3.681  -4.425  1.00 40.60  ? 199 GLN A CB  1 
ATOM   1272 C  CG  . GLN A 1 160 ? -17.800 -4.881  -4.940  1.00 45.18  ? 199 GLN A CG  1 
ATOM   1273 C  CD  . GLN A 1 160 ? -18.537 -5.542  -6.070  1.00 47.09  ? 199 GLN A CD  1 
ATOM   1274 O  OE1 . GLN A 1 160 ? -19.689 -5.942  -5.927  1.00 57.22  ? 199 GLN A OE1 1 
ATOM   1275 N  NE2 . GLN A 1 160 ? -17.873 -5.652  -7.206  1.00 47.45  ? 199 GLN A NE2 1 
ATOM   1276 N  N   . ASN A 1 161 ? -18.944 -0.588  -4.166  1.00 36.16  ? 200 ASN A N   1 
ATOM   1277 C  CA  . ASN A 1 161 ? -19.602 0.556   -3.509  1.00 38.61  ? 200 ASN A CA  1 
ATOM   1278 C  C   . ASN A 1 161 ? -19.451 1.754   -4.448  1.00 39.59  ? 200 ASN A C   1 
ATOM   1279 O  O   . ASN A 1 161 ? -18.324 2.178   -4.674  1.00 36.21  ? 200 ASN A O   1 
ATOM   1280 C  CB  . ASN A 1 161 ? -19.008 0.757   -2.126  1.00 39.63  ? 200 ASN A CB  1 
ATOM   1281 C  CG  . ASN A 1 161 ? -19.602 1.932   -1.401  1.00 38.65  ? 200 ASN A CG  1 
ATOM   1282 O  OD1 . ASN A 1 161 ? -20.515 2.580   -1.888  1.00 38.26  ? 200 ASN A OD1 1 
ATOM   1283 N  ND2 . ASN A 1 161 ? -19.067 2.226   -0.232  1.00 38.11  ? 200 ASN A ND2 1 
ATOM   1284 N  N   . GLU A 1 162 ? -20.549 2.265   -5.011  1.00 39.59  ? 201 GLU A N   1 
ATOM   1285 C  CA  . GLU A 1 162 ? -20.455 3.361   -6.012  1.00 38.78  ? 201 GLU A CA  1 
ATOM   1286 C  C   . GLU A 1 162 ? -19.981 4.636   -5.296  1.00 33.21  ? 201 GLU A C   1 
ATOM   1287 O  O   . GLU A 1 162 ? -19.432 5.495   -5.952  1.00 38.71  ? 201 GLU A O   1 
ATOM   1288 C  CB  . GLU A 1 162 ? -21.796 3.533   -6.741  1.00 43.70  ? 201 GLU A CB  1 
ATOM   1289 C  CG  . GLU A 1 162 ? -22.798 4.325   -5.941  1.00 49.92  ? 201 GLU A CG  1 
ATOM   1290 C  CD  . GLU A 1 162 ? -24.264 4.132   -6.307  1.00 65.72  ? 201 GLU A CD  1 
ATOM   1291 O  OE1 . GLU A 1 162 ? -24.963 5.156   -6.506  1.00 63.60  ? 201 GLU A OE1 1 
ATOM   1292 O  OE2 . GLU A 1 162 ? -24.721 2.964   -6.330  1.00 86.52  ? 201 GLU A OE2 1 
ATOM   1293 N  N   . GLU A 1 163 ? -20.177 4.769   -3.984  1.00 35.13  ? 202 GLU A N   1 
ATOM   1294 C  CA  . GLU A 1 163 ? -19.657 5.948   -3.244  1.00 40.96  ? 202 GLU A CA  1 
ATOM   1295 C  C   . GLU A 1 163 ? -18.133 6.020   -3.419  1.00 34.16  ? 202 GLU A C   1 
ATOM   1296 O  O   . GLU A 1 163 ? -17.595 7.136   -3.417  1.00 34.63  ? 202 GLU A O   1 
ATOM   1297 C  CB  . GLU A 1 163 ? -20.003 5.887   -1.756  1.00 41.88  ? 202 GLU A CB  1 
ATOM   1298 C  CG  . GLU A 1 163 ? -21.480 5.998   -1.440  1.00 47.35  ? 202 GLU A CG  1 
ATOM   1299 C  CD  . GLU A 1 163 ? -21.799 5.634   0.007   1.00 59.44  ? 202 GLU A CD  1 
ATOM   1300 O  OE1 . GLU A 1 163 ? -22.601 6.357   0.644   1.00 66.91  ? 202 GLU A OE1 1 
ATOM   1301 O  OE2 . GLU A 1 163 ? -21.204 4.649   0.512   1.00 63.76  ? 202 GLU A OE2 1 
ATOM   1302 N  N   . ILE A 1 164 ? -17.467 4.867   -3.525  1.00 36.42  ? 203 ILE A N   1 
ATOM   1303 C  CA  . ILE A 1 164 ? -15.997 4.763   -3.773  1.00 36.56  ? 203 ILE A CA  1 
ATOM   1304 C  C   . ILE A 1 164 ? -15.718 5.168   -5.229  1.00 36.46  ? 203 ILE A C   1 
ATOM   1305 O  O   . ILE A 1 164 ? -14.802 5.925   -5.485  1.00 35.39  ? 203 ILE A O   1 
ATOM   1306 C  CB  . ILE A 1 164 ? -15.511 3.336   -3.460  1.00 34.90  ? 203 ILE A CB  1 
ATOM   1307 C  CG1 . ILE A 1 164 ? -15.557 3.062   -1.954  1.00 35.12  ? 203 ILE A CG1 1 
ATOM   1308 C  CG2 . ILE A 1 164 ? -14.130 3.057   -4.039  1.00 39.10  ? 203 ILE A CG2 1 
ATOM   1309 C  CD1 . ILE A 1 164 ? -14.564 3.913   -1.148  1.00 38.14  ? 203 ILE A CD1 1 
ATOM   1310 N  N   . THR A 1 165 ? -16.439 4.588   -6.175  1.00 38.67  ? 204 THR A N   1 
ATOM   1311 C  CA  . THR A 1 165 ? -16.292 4.943   -7.603  1.00 36.74  ? 204 THR A CA  1 
ATOM   1312 C  C   . THR A 1 165 ? -16.333 6.467   -7.684  1.00 33.45  ? 204 THR A C   1 
ATOM   1313 O  O   . THR A 1 165 ? -15.413 7.037   -8.248  1.00 36.15  ? 204 THR A O   1 
ATOM   1314 C  CB  . THR A 1 165 ? -17.352 4.249   -8.451  1.00 36.92  ? 204 THR A CB  1 
ATOM   1315 O  OG1 . THR A 1 165 ? -17.416 2.896   -7.996  1.00 35.03  ? 204 THR A OG1 1 
ATOM   1316 C  CG2 . THR A 1 165 ? -17.046 4.356   -9.928  1.00 39.03  ? 204 THR A CG2 1 
ATOM   1317 N  N   . ALA A 1 166 ? -17.299 7.101   -7.027  1.00 37.34  ? 205 ALA A N   1 
ATOM   1318 C  CA  . ALA A 1 166 ? -17.507 8.563   -7.136  1.00 38.57  ? 205 ALA A CA  1 
ATOM   1319 C  C   . ALA A 1 166 ? -16.355 9.317   -6.465  1.00 40.50  ? 205 ALA A C   1 
ATOM   1320 O  O   . ALA A 1 166 ? -15.906 10.347  -7.017  1.00 34.81  ? 205 ALA A O   1 
ATOM   1321 C  CB  . ALA A 1 166 ? -18.844 8.953   -6.569  1.00 43.46  ? 205 ALA A CB  1 
ATOM   1322 N  N   . LEU A 1 167 ? -15.892 8.882   -5.283  1.00 39.72  ? 206 LEU A N   1 
ATOM   1323 C  CA  . LEU A 1 167 ? -14.766 9.591   -4.633  1.00 37.00  ? 206 LEU A CA  1 
ATOM   1324 C  C   . LEU A 1 167 ? -13.545 9.498   -5.535  1.00 30.62  ? 206 LEU A C   1 
ATOM   1325 O  O   . LEU A 1 167 ? -12.841 10.506  -5.630  1.00 34.72  ? 206 LEU A O   1 
ATOM   1326 C  CB  . LEU A 1 167 ? -14.434 8.978   -3.265  1.00 39.22  ? 206 LEU A CB  1 
ATOM   1327 C  CG  . LEU A 1 167 ? -14.889 9.715   -2.014  1.00 48.68  ? 206 LEU A CG  1 
ATOM   1328 C  CD1 . LEU A 1 167 ? -13.967 9.328   -0.850  1.00 44.42  ? 206 LEU A CD1 1 
ATOM   1329 C  CD2 . LEU A 1 167 ? -14.927 11.234  -2.185  1.00 50.40  ? 206 LEU A CD2 1 
ATOM   1330 N  N   . LYS A 1 168 ? -13.262 8.315   -6.087  1.00 29.99  ? 207 LYS A N   1 
ATOM   1331 C  CA  . LYS A 1 168 ? -12.078 8.066   -6.941  1.00 32.31  ? 207 LYS A CA  1 
ATOM   1332 C  C   . LYS A 1 168 ? -12.078 9.093   -8.082  1.00 40.84  ? 207 LYS A C   1 
ATOM   1333 O  O   . LYS A 1 168 ? -11.024 9.751   -8.346  1.00 38.70  ? 207 LYS A O   1 
ATOM   1334 C  CB  . LYS A 1 168 ? -12.055 6.641   -7.512  1.00 35.44  ? 207 LYS A CB  1 
ATOM   1335 C  CG  . LYS A 1 168 ? -12.000 5.513   -6.483  1.00 42.86  ? 207 LYS A CG  1 
ATOM   1336 C  CD  . LYS A 1 168 ? -10.629 4.944   -6.258  1.00 41.34  ? 207 LYS A CD  1 
ATOM   1337 C  CE  . LYS A 1 168 ? -10.565 4.013   -5.061  1.00 40.13  ? 207 LYS A CE  1 
ATOM   1338 N  NZ  . LYS A 1 168 ? -9.465  3.052   -5.197  1.00 41.85  ? 207 LYS A NZ  1 
ATOM   1339 N  N   . ILE A 1 169 ? -13.229 9.247   -8.736  1.00 38.19  ? 208 ILE A N   1 
ATOM   1340 C  CA  . ILE A 1 169 ? -13.315 10.128  -9.931  1.00 35.19  ? 208 ILE A CA  1 
ATOM   1341 C  C   . ILE A 1 169 ? -13.194 11.570  -9.427  1.00 37.31  ? 208 ILE A C   1 
ATOM   1342 O  O   . ILE A 1 169 ? -12.405 12.350  -10.002 1.00 38.60  ? 208 ILE A O   1 
ATOM   1343 C  CB  . ILE A 1 169 ? -14.612 9.825   -10.717 1.00 34.37  ? 208 ILE A CB  1 
ATOM   1344 C  CG1 . ILE A 1 169 ? -14.550 8.440   -11.364 1.00 33.04  ? 208 ILE A CG1 1 
ATOM   1345 C  CG2 . ILE A 1 169 ? -14.861 10.915  -11.757 1.00 36.85  ? 208 ILE A CG2 1 
ATOM   1346 C  CD1 . ILE A 1 169 ? -15.875 7.894   -11.732 1.00 38.42  ? 208 ILE A CD1 1 
ATOM   1347 N  N   . LYS A 1 170 ? -13.885 11.906  -8.342  1.00 36.34  ? 209 LYS A N   1 
ATOM   1348 C  CA  . LYS A 1 170 ? -13.940 13.315  -7.864  1.00 39.34  ? 209 LYS A CA  1 
ATOM   1349 C  C   . LYS A 1 170 ? -12.516 13.798  -7.588  1.00 38.34  ? 209 LYS A C   1 
ATOM   1350 O  O   . LYS A 1 170 ? -12.208 14.960  -7.936  1.00 38.72  ? 209 LYS A O   1 
ATOM   1351 C  CB  . LYS A 1 170 ? -14.836 13.458  -6.632  1.00 39.55  ? 209 LYS A CB  1 
ATOM   1352 C  CG  . LYS A 1 170 ? -15.150 14.881  -6.184  1.00 44.30  ? 209 LYS A CG  1 
ATOM   1353 C  CD  . LYS A 1 170 ? -16.236 14.925  -5.086  1.00 46.41  ? 209 LYS A CD  1 
ATOM   1354 C  CE  . LYS A 1 170 ? -16.808 16.301  -4.817  1.00 50.02  ? 209 LYS A CE  1 
ATOM   1355 N  NZ  . LYS A 1 170 ? -15.858 17.130  -4.035  1.00 54.06  ? 209 LYS A NZ  1 
ATOM   1356 N  N   . TYR A 1 171 ? -11.673 12.955  -6.992  1.00 38.88  ? 210 TYR A N   1 
ATOM   1357 C  CA  . TYR A 1 171 ? -10.336 13.378  -6.511  1.00 39.18  ? 210 TYR A CA  1 
ATOM   1358 C  C   . TYR A 1 171 ? -9.217  12.985  -7.468  1.00 40.85  ? 210 TYR A C   1 
ATOM   1359 O  O   . TYR A 1 171 ? -8.093  13.407  -7.200  1.00 40.70  ? 210 TYR A O   1 
ATOM   1360 C  CB  . TYR A 1 171 ? -10.157 12.942  -5.051  1.00 42.20  ? 210 TYR A CB  1 
ATOM   1361 C  CG  . TYR A 1 171 ? -11.033 13.810  -4.183  1.00 39.96  ? 210 TYR A CG  1 
ATOM   1362 C  CD1 . TYR A 1 171 ? -10.719 15.147  -4.022  1.00 46.25  ? 210 TYR A CD1 1 
ATOM   1363 C  CD2 . TYR A 1 171 ? -12.235 13.360  -3.663  1.00 37.64  ? 210 TYR A CD2 1 
ATOM   1364 C  CE1 . TYR A 1 171 ? -11.533 15.994  -3.286  1.00 46.50  ? 210 TYR A CE1 1 
ATOM   1365 C  CE2 . TYR A 1 171 ? -13.082 14.194  -2.948  1.00 43.67  ? 210 TYR A CE2 1 
ATOM   1366 C  CZ  . TYR A 1 171 ? -12.720 15.522  -2.763  1.00 46.16  ? 210 TYR A CZ  1 
ATOM   1367 O  OH  . TYR A 1 171 ? -13.502 16.401  -2.073  1.00 49.14  ? 210 TYR A OH  1 
ATOM   1368 N  N   . ASN A 1 172 ? -9.474  12.247  -8.546  1.00 42.57  ? 211 ASN A N   1 
ATOM   1369 C  CA  . ASN A 1 172 ? -8.386  11.911  -9.496  1.00 48.68  ? 211 ASN A CA  1 
ATOM   1370 C  C   . ASN A 1 172 ? -8.272  13.070  -10.502 1.00 65.15  ? 211 ASN A C   1 
ATOM   1371 O  O   . ASN A 1 172 ? -9.180  13.904  -10.593 1.00 64.03  ? 211 ASN A O   1 
ATOM   1372 C  CB  . ASN A 1 172 ? -8.557  10.510  -10.085 1.00 53.91  ? 211 ASN A CB  1 
ATOM   1373 C  CG  . ASN A 1 172 ? -9.604  10.394  -11.178 1.00 58.17  ? 211 ASN A CG  1 
ATOM   1374 O  OD1 . ASN A 1 172 ? -9.941  9.282   -11.595 1.00 57.85  ? 211 ASN A OD1 1 
ATOM   1375 N  ND2 . ASN A 1 172 ? -10.110 11.520  -11.657 1.00 52.22  ? 211 ASN A ND2 1 
HETATM 1376 CD CD  . CD  B 2 .   ? -0.049  -3.178  11.144  0.50 29.86  ? 301 CD  A CD  1 
HETATM 1377 CD CD  . CD  C 2 .   ? -3.592  -2.408  11.389  1.00 32.52  ? 302 CD  A CD  1 
HETATM 1378 CD CD  . CD  D 2 .   ? 6.188   -11.634 -6.797  1.00 72.12  ? 303 CD  A CD  1 
HETATM 1379 CD CD  . CD  E 2 .   ? -11.177 -14.759 11.804  1.00 43.77  ? 304 CD  A CD  1 
HETATM 1380 CD CD  . CD  F 2 .   ? 8.443   -12.416 -3.886  1.00 70.96  ? 305 CD  A CD  1 
HETATM 1381 N  N1  . GWA G 3 .   ? 17.235  -3.197  -4.112  0.64 49.78  ? 306 GWA A N1  1 
HETATM 1382 C  C4  . GWA G 3 .   ? 17.533  -2.806  -1.725  0.64 50.78  ? 306 GWA A C4  1 
HETATM 1383 C  C5  . GWA G 3 .   ? 17.312  -3.185  -0.414  0.64 48.98  ? 306 GWA A C5  1 
HETATM 1384 C  C6  . GWA G 3 .   ? 16.585  -4.322  -0.125  0.64 49.61  ? 306 GWA A C6  1 
HETATM 1385 C  C7  . GWA G 3 .   ? 16.058  -5.092  -1.159  0.64 50.93  ? 306 GWA A C7  1 
HETATM 1386 C  C8  . GWA G 3 .   ? 16.276  -4.717  -2.482  0.64 52.01  ? 306 GWA A C8  1 
HETATM 1387 C  C10 . GWA G 3 .   ? 13.447  -7.782  -0.775  0.64 56.41  ? 306 GWA A C10 1 
HETATM 1388 C  C1  . GWA G 3 .   ? 17.121  -1.853  -6.116  0.64 46.59  ? 306 GWA A C1  1 
HETATM 1389 C  C2  . GWA G 3 .   ? 17.265  -1.943  -4.623  0.64 48.94  ? 306 GWA A C2  1 
HETATM 1390 O  O1  . GWA G 3 .   ? 17.382  -0.943  -3.919  0.64 49.09  ? 306 GWA A O1  1 
HETATM 1391 C  C3  . GWA G 3 .   ? 17.015  -3.575  -2.765  0.64 50.46  ? 306 GWA A C3  1 
HETATM 1392 N  N2  . GWA G 3 .   ? 15.319  -6.258  -0.847  0.64 53.93  ? 306 GWA A N2  1 
HETATM 1393 C  C9  . GWA G 3 .   ? 14.288  -6.789  -1.529  0.64 53.74  ? 306 GWA A C9  1 
HETATM 1394 O  O2  . GWA G 3 .   ? 13.989  -6.517  -2.685  0.64 57.85  ? 306 GWA A O2  1 
HETATM 1395 O  O3  . GWA G 3 .   ? 13.850  -9.106  -1.026  0.64 60.09  ? 306 GWA A O3  1 
HETATM 1396 C  C11 . GWA G 3 .   ? 12.798  -10.013 -1.345  0.64 61.89  ? 306 GWA A C11 1 
HETATM 1397 O  O   . HOH H 4 .   ? -18.845 9.042   -2.750  1.00 43.96  ? 401 HOH A O   1 
HETATM 1398 O  O   . HOH H 4 .   ? 19.116  6.108   9.796   1.00 48.56  ? 402 HOH A O   1 
HETATM 1399 O  O   . HOH H 4 .   ? -7.407  -8.829  -15.587 1.00 59.47  ? 403 HOH A O   1 
HETATM 1400 O  O   . HOH H 4 .   ? 11.503  15.089  5.282   1.00 58.76  ? 404 HOH A O   1 
HETATM 1401 O  O   . HOH H 4 .   ? 8.100   0.835   -10.558 1.00 38.71  ? 405 HOH A O   1 
HETATM 1402 O  O   . HOH H 4 .   ? 19.359  5.097   -6.997  0.50 58.14  ? 406 HOH A O   1 
HETATM 1403 O  O   . HOH H 4 .   ? -0.725  9.633   0.653   1.00 40.34  ? 407 HOH A O   1 
HETATM 1404 O  O   . HOH H 4 .   ? 11.763  11.272  -6.828  1.00 49.25  ? 408 HOH A O   1 
HETATM 1405 O  O   . HOH H 4 .   ? -7.460  -13.066 -6.318  1.00 56.43  ? 409 HOH A O   1 
HETATM 1406 O  O   . HOH H 4 .   ? -8.979  -10.444 4.002   1.00 36.84  ? 410 HOH A O   1 
HETATM 1407 O  O   . HOH H 4 .   ? 18.338  13.093  -5.258  1.00 44.70  ? 411 HOH A O   1 
HETATM 1408 O  O   . HOH H 4 .   ? -1.884  10.531  -1.864  1.00 48.90  ? 412 HOH A O   1 
HETATM 1409 O  O   . HOH H 4 .   ? 10.273  8.792   -8.932  1.00 47.74  ? 413 HOH A O   1 
HETATM 1410 O  O   . HOH H 4 .   ? -9.744  -6.769  9.177   1.00 34.73  ? 414 HOH A O   1 
HETATM 1411 O  O   . HOH H 4 .   ? 2.516   -10.502 -4.183  1.00 49.73  ? 415 HOH A O   1 
HETATM 1412 O  O   . HOH H 4 .   ? -4.985  -0.625  -7.819  1.00 43.57  ? 416 HOH A O   1 
HETATM 1413 O  O   . HOH H 4 .   ? -16.808 0.005   -0.270  1.00 34.08  ? 417 HOH A O   1 
HETATM 1414 O  O   . HOH H 4 .   ? -8.297  3.567   2.866   1.00 32.02  ? 418 HOH A O   1 
HETATM 1415 O  O   . HOH H 4 .   ? 9.893   12.529  2.963   1.00 47.52  ? 419 HOH A O   1 
HETATM 1416 O  O   . HOH H 4 .   ? 6.629   0.552   13.511  1.00 48.30  ? 420 HOH A O   1 
HETATM 1417 O  O   . HOH H 4 .   ? 0.780   2.619   12.204  1.00 54.57  ? 421 HOH A O   1 
HETATM 1418 O  O   . HOH H 4 .   ? 12.181  -2.820  12.345  1.00 47.88  ? 422 HOH A O   1 
HETATM 1419 O  O   . HOH H 4 .   ? 0.380   3.031   -7.780  1.00 34.18  ? 423 HOH A O   1 
HETATM 1420 O  O   . HOH H 4 .   ? 10.309  -0.792  12.668  1.00 41.69  ? 424 HOH A O   1 
HETATM 1421 O  O   . HOH H 4 .   ? 20.429  11.682  -4.524  1.00 56.76  ? 425 HOH A O   1 
HETATM 1422 O  O   . HOH H 4 .   ? -10.866 0.859   3.965   1.00 38.07  ? 426 HOH A O   1 
HETATM 1423 O  O   . HOH H 4 .   ? 6.186   -9.042  2.620   1.00 44.83  ? 427 HOH A O   1 
HETATM 1424 O  O   . HOH H 4 .   ? 4.432   -2.959  -9.556  1.00 40.26  ? 428 HOH A O   1 
HETATM 1425 O  O   . HOH H 4 .   ? -15.057 -0.820  -11.344 1.00 42.86  ? 429 HOH A O   1 
HETATM 1426 O  O   . HOH H 4 .   ? 6.189   3.924   -7.329  1.00 32.75  ? 430 HOH A O   1 
HETATM 1427 O  O   . HOH H 4 .   ? 8.529   9.914   -4.699  1.00 37.93  ? 431 HOH A O   1 
HETATM 1428 O  O   . HOH H 4 .   ? -23.006 0.847   -4.747  1.00 48.10  ? 432 HOH A O   1 
HETATM 1429 O  O   . HOH H 4 .   ? -19.739 -1.898  3.967   1.00 46.61  ? 433 HOH A O   1 
HETATM 1430 O  O   . HOH H 4 .   ? 17.417  3.938   -8.721  1.00 49.15  ? 434 HOH A O   1 
HETATM 1431 O  O   . HOH H 4 .   ? -1.935  14.579  5.630   1.00 62.03  ? 435 HOH A O   1 
HETATM 1432 O  O   . HOH H 4 .   ? 0.506   3.713   -4.007  1.00 31.99  ? 436 HOH A O   1 
HETATM 1433 O  O   . HOH H 4 .   ? -13.319 17.617  -8.149  1.00 39.32  ? 437 HOH A O   1 
HETATM 1434 O  O   . HOH H 4 .   ? -2.748  1.245   -14.048 1.00 45.81  ? 438 HOH A O   1 
HETATM 1435 O  O   . HOH H 4 .   ? 11.493  11.851  -2.011  1.00 41.82  ? 439 HOH A O   1 
HETATM 1436 O  O   . HOH H 4 .   ? -13.107 -3.021  -13.277 1.00 50.66  ? 440 HOH A O   1 
HETATM 1437 O  O   . HOH H 4 .   ? 3.574   -5.331  10.482  1.00 28.98  ? 441 HOH A O   1 
HETATM 1438 O  O   . HOH H 4 .   ? 15.570  -6.116  2.124   1.00 30.55  ? 442 HOH A O   1 
HETATM 1439 O  O   . HOH H 4 .   ? 0.026   2.731   -17.717 1.00 53.10  ? 443 HOH A O   1 
HETATM 1440 O  O   . HOH H 4 .   ? 7.065   7.025   12.800  1.00 49.61  ? 444 HOH A O   1 
HETATM 1441 O  O   . HOH H 4 .   ? -4.332  15.696  5.496   1.00 48.69  ? 445 HOH A O   1 
HETATM 1442 O  O   . HOH H 4 .   ? -7.644  5.051   10.304  1.00 54.87  ? 446 HOH A O   1 
HETATM 1443 O  O   . HOH H 4 .   ? -14.033 -8.682  -7.164  1.00 50.56  ? 447 HOH A O   1 
HETATM 1444 O  O   . HOH H 4 .   ? 11.056  9.577   -3.666  1.00 46.41  ? 448 HOH A O   1 
HETATM 1445 O  O   . HOH H 4 .   ? 16.024  2.015   9.037   1.00 52.35  ? 449 HOH A O   1 
HETATM 1446 O  O   . HOH H 4 .   ? -8.605  -12.962 10.843  1.00 45.43  ? 450 HOH A O   1 
HETATM 1447 O  O   . HOH H 4 .   ? -13.710 -16.277 4.813   1.00 44.73  ? 451 HOH A O   1 
HETATM 1448 O  O   . HOH H 4 .   ? 4.949   4.441   -16.236 1.00 48.20  ? 452 HOH A O   1 
HETATM 1449 O  O   . HOH H 4 .   ? 9.331   -10.194 -2.975  1.00 42.17  ? 453 HOH A O   1 
HETATM 1450 O  O   . HOH H 4 .   ? 7.536   6.465   -8.059  1.00 42.13  ? 454 HOH A O   1 
HETATM 1451 O  O   . HOH H 4 .   ? -3.146  10.562  -4.620  1.00 38.95  ? 455 HOH A O   1 
HETATM 1452 O  O   . HOH H 4 .   ? 3.876   -10.877 -7.035  1.00 41.74  ? 456 HOH A O   1 
HETATM 1453 O  O   . HOH H 4 .   ? 3.539   0.407   12.473  1.00 26.30  ? 457 HOH A O   1 
HETATM 1454 O  O   . HOH H 4 .   ? 8.364   8.820   -7.222  1.00 43.23  ? 458 HOH A O   1 
HETATM 1455 O  O   . HOH H 4 .   ? -10.796 -12.674 12.208  1.00 29.97  ? 459 HOH A O   1 
HETATM 1456 O  O   . HOH H 4 .   ? 6.942   -8.768  -7.278  1.00 51.57  ? 460 HOH A O   1 
HETATM 1457 O  O   . HOH H 4 .   ? 0.775   -4.871  9.842   0.50 23.36  ? 461 HOH A O   1 
HETATM 1458 O  O   . HOH H 4 .   ? 19.159  -4.842  -0.491  1.00 100.29 ? 462 HOH A O   1 
HETATM 1459 O  O   . HOH H 4 .   ? -4.972  -4.357  11.277  1.00 26.72  ? 463 HOH A O   1 
HETATM 1460 O  O   . HOH H 4 .   ? -13.521 5.125   -10.728 1.00 66.79  ? 464 HOH A O   1 
HETATM 1461 O  O   . HOH H 4 .   ? 20.665  13.238  -2.289  1.00 52.27  ? 465 HOH A O   1 
HETATM 1462 O  O   . HOH H 4 .   ? -17.991 11.743  -4.039  1.00 45.64  ? 466 HOH A O   1 
HETATM 1463 O  O   . HOH H 4 .   ? -9.210  -15.982 11.969  1.00 37.46  ? 467 HOH A O   1 
HETATM 1464 O  O   . HOH H 4 .   ? -16.039 14.556  -10.438 1.00 39.46  ? 468 HOH A O   1 
HETATM 1465 O  O   . HOH H 4 .   ? -23.049 9.867   -1.341  1.00 42.21  ? 469 HOH A O   1 
HETATM 1466 O  O   . HOH H 4 .   ? 8.948   2.771   -12.337 1.00 43.81  ? 470 HOH A O   1 
HETATM 1467 O  O   . HOH H 4 .   ? 18.046  3.274   9.997   1.00 42.96  ? 471 HOH A O   1 
HETATM 1468 O  O   . HOH H 4 .   ? -20.326 2.889   -12.170 1.00 58.77  ? 472 HOH A O   1 
HETATM 1469 O  O   . HOH H 4 .   ? 7.668   -14.764 -4.586  1.00 59.52  ? 473 HOH A O   1 
HETATM 1470 O  O   . HOH H 4 .   ? 8.889   -12.239 -6.725  1.00 48.40  ? 474 HOH A O   1 
# 
